data_5XHV
#
_entry.id   5XHV
#
_cell.length_a   200.395
_cell.length_b   133.640
_cell.length_c   133.136
_cell.angle_alpha   90.00
_cell.angle_beta   110.47
_cell.angle_gamma   90.00
#
_symmetry.space_group_name_H-M   'C 1 2 1'
#
loop_
_entity.id
_entity.type
_entity.pdbx_description
1 polymer Hemagglutinin
2 polymer 'S40 heavy chain'
3 polymer 'S40 light chain'
#
loop_
_entity_poly.entity_id
_entity_poly.type
_entity_poly.pdbx_seq_one_letter_code
_entity_poly.pdbx_strand_id
1 'polypeptide(L)'
;DTLCIGYHANNSTDTVDTVLEKNVTVTHSVNLLEDKHNGKLCKLRGVAPLHLGKCNIAGWILGNPECESLSTASSWSYIV
ETPSSDNGTCYPGDFIDYEELREQLSSVSSFERFEIFPKTSSWPNHDSNKGVTAACPHAGAKSFYKNLIWLVKKGNSYPK
LSKSYINDKGKEVLVLWGIHHPSTSADQQSLYQNADAYVFVGSSRYSKKFKPEIAIRPKVRDQEGRMNYYWTLVEPGDKI
TFEATGNLVVPRYAFAMERNAGSGIIISDTPVHDCNTTCQTPKGAINTSLPFQNIHPITIGKCPKYVKSTKLRLATGLRN
IPSI
;
A,E
2 'polypeptide(L)'
;EVQLVESGGGLVQPGGSLRLSCAASGFTIGDFGIHWVRQAPGKGLEWVAGIWPFGGYTYYADSVKGRFTISADTSKNTAY
LQMNSLRAEDTAVYYCARFVNWDGDYMDYWGQGTLVTVSSASTKGPSVFPLAPSSKSTSGGTAALGCLVKDYFPEPVTVS
WNSGALTSGVHTFPAVLQSSGLYSLSSVVTVPSSSLGTQTYICNVNHKPSNTKVDKKAEPKSCHHHHHH
;
H,P
3 'polypeptide(L)'
;DIQMTQSPSSLSASVGDRVTITCRASQDVGFYVAWYQQKPGKAPKLLISWSSYLYSGVPSRFSGSGSGTDFTLTISSLQP
EDFATYYCQQYYNYPLTFGQGTKVEIKRTVAAPSVFIFPPSDEQLKSGTASVVCLLNNFYPREAKVQWKVDNALQSGNSQ
ESVTEQDSKDSTYSLSSTLTLSKADYEKHKVYACEVTHQGLSSPVTKSFNRGEC
;
L,Q
#
# COMPACT_ATOMS: atom_id res chain seq x y z
N ASN A 31 65.08 9.36 -8.60
CA ASN A 31 63.84 8.57 -8.31
C ASN A 31 62.69 9.05 -9.20
N LEU A 32 62.63 8.55 -10.43
CA LEU A 32 61.67 9.02 -11.45
C LEU A 32 61.08 7.86 -12.32
N LEU A 33 60.67 6.76 -11.68
CA LEU A 33 59.95 5.63 -12.35
C LEU A 33 59.28 4.71 -11.29
N GLU A 34 58.48 3.72 -11.72
CA GLU A 34 57.70 2.86 -10.79
C GLU A 34 57.57 1.36 -11.15
N ASP A 35 58.07 0.51 -10.26
CA ASP A 35 57.88 -0.95 -10.27
C ASP A 35 57.24 -1.49 -8.98
N LYS A 36 56.68 -0.59 -8.16
CA LYS A 36 56.16 -0.91 -6.83
C LYS A 36 54.66 -0.58 -6.68
N HIS A 37 54.01 -1.37 -5.82
CA HIS A 37 52.61 -1.19 -5.44
C HIS A 37 52.56 -1.16 -3.93
N ASN A 38 51.61 -0.40 -3.36
CA ASN A 38 51.49 -0.32 -1.89
C ASN A 38 50.87 -1.59 -1.24
N GLY A 39 50.37 -2.53 -2.04
CA GLY A 39 49.83 -3.81 -1.55
C GLY A 39 48.46 -3.70 -0.93
N LYS A 40 47.78 -2.58 -1.19
CA LYS A 40 46.51 -2.20 -0.58
C LYS A 40 45.51 -1.92 -1.68
N LEU A 41 44.28 -1.57 -1.31
CA LEU A 41 43.31 -0.97 -2.21
C LEU A 41 42.90 0.34 -1.58
N CYS A 42 43.47 1.44 -2.05
CA CYS A 42 43.13 2.78 -1.53
C CYS A 42 41.87 3.31 -2.23
N LYS A 43 41.50 4.56 -1.94
CA LYS A 43 40.38 5.26 -2.62
C LYS A 43 40.70 5.69 -4.09
N LEU A 44 39.93 6.63 -4.63
CA LEU A 44 40.32 7.40 -5.82
C LEU A 44 40.16 8.89 -5.51
N ARG A 45 39.05 9.52 -5.91
CA ARG A 45 38.77 10.93 -5.54
C ARG A 45 38.33 11.02 -4.06
N GLY A 46 39.19 10.55 -3.16
CA GLY A 46 38.81 10.31 -1.76
C GLY A 46 37.49 9.58 -1.56
N VAL A 47 37.12 8.73 -2.54
CA VAL A 47 35.84 8.01 -2.54
C VAL A 47 36.18 6.51 -2.58
N ALA A 48 35.82 5.80 -1.50
CA ALA A 48 36.25 4.42 -1.28
C ALA A 48 35.58 3.43 -2.22
N PRO A 49 36.17 2.23 -2.34
CA PRO A 49 35.47 1.21 -3.11
C PRO A 49 34.21 0.67 -2.42
N LEU A 50 33.29 0.17 -3.23
CA LEU A 50 32.24 -0.72 -2.78
C LEU A 50 32.86 -2.10 -2.66
N HIS A 51 32.89 -2.65 -1.46
CA HIS A 51 33.44 -3.99 -1.25
C HIS A 51 32.31 -4.97 -0.96
N LEU A 52 32.22 -6.00 -1.80
CA LEU A 52 31.12 -6.97 -1.78
C LEU A 52 31.36 -8.19 -0.87
N GLY A 53 32.54 -8.31 -0.30
CA GLY A 53 32.85 -9.41 0.61
C GLY A 53 32.78 -10.72 -0.17
N LYS A 54 32.21 -11.74 0.43
CA LYS A 54 32.01 -13.02 -0.24
C LYS A 54 30.96 -12.99 -1.37
N CYS A 55 30.25 -11.88 -1.55
CA CYS A 55 29.24 -11.76 -2.63
C CYS A 55 29.78 -11.24 -3.94
N ASN A 56 29.15 -11.64 -5.03
CA ASN A 56 29.37 -11.04 -6.34
C ASN A 56 28.25 -10.07 -6.65
N ILE A 57 28.43 -9.35 -7.74
CA ILE A 57 27.54 -8.27 -8.17
C ILE A 57 26.05 -8.65 -8.16
N ALA A 58 25.74 -9.77 -8.81
CA ALA A 58 24.38 -10.29 -8.92
C ALA A 58 23.77 -10.55 -7.56
N GLY A 59 24.49 -11.26 -6.72
CA GLY A 59 24.04 -11.46 -5.37
C GLY A 59 23.72 -10.11 -4.78
N TRP A 60 24.70 -9.22 -4.81
CA TRP A 60 24.56 -7.89 -4.24
C TRP A 60 23.34 -7.11 -4.77
N ILE A 61 23.06 -7.15 -6.06
CA ILE A 61 21.96 -6.32 -6.58
C ILE A 61 20.62 -7.02 -6.36
N LEU A 62 20.56 -8.32 -6.63
CA LEU A 62 19.32 -9.08 -6.47
C LEU A 62 18.89 -9.14 -5.03
N GLY A 63 19.83 -8.94 -4.11
CA GLY A 63 19.53 -8.98 -2.69
C GLY A 63 19.57 -10.40 -2.21
N ASN A 64 20.64 -11.10 -2.60
CA ASN A 64 21.00 -12.38 -2.04
C ASN A 64 21.02 -12.22 -0.50
N PRO A 65 20.43 -13.18 0.21
CA PRO A 65 20.43 -13.14 1.65
C PRO A 65 21.80 -13.11 2.30
N GLU A 66 22.76 -13.81 1.72
CA GLU A 66 24.12 -13.85 2.29
C GLU A 66 24.92 -12.55 2.08
N CYS A 67 24.31 -11.54 1.45
CA CYS A 67 24.87 -10.19 1.34
C CYS A 67 24.13 -9.13 2.15
N GLU A 68 23.16 -9.50 2.99
CA GLU A 68 22.28 -8.50 3.65
C GLU A 68 23.06 -7.34 4.29
N SER A 69 24.31 -7.61 4.70
CA SER A 69 25.24 -6.60 5.25
C SER A 69 25.79 -5.51 4.29
N LEU A 70 25.38 -5.51 3.02
CA LEU A 70 25.84 -4.51 2.05
C LEU A 70 24.73 -3.92 1.14
N SER A 71 23.46 -3.96 1.58
CA SER A 71 22.37 -3.23 0.88
C SER A 71 22.55 -1.71 1.06
N THR A 72 22.91 -1.30 2.28
CA THR A 72 23.31 0.09 2.56
C THR A 72 24.75 0.37 2.07
N ALA A 73 24.86 0.62 0.75
CA ALA A 73 26.08 1.09 0.10
C ALA A 73 25.70 2.34 -0.70
N SER A 74 26.32 3.47 -0.41
CA SER A 74 25.73 4.79 -0.66
C SER A 74 26.23 5.59 -1.89
N SER A 75 27.47 5.32 -2.29
CA SER A 75 28.17 5.86 -3.49
C SER A 75 29.63 5.37 -3.42
N TRP A 76 30.27 5.19 -4.57
CA TRP A 76 31.64 4.63 -4.58
C TRP A 76 32.39 4.82 -5.91
N SER A 77 33.69 4.53 -5.86
CA SER A 77 34.59 4.73 -6.98
C SER A 77 34.57 3.58 -7.98
N TYR A 78 34.98 2.41 -7.46
CA TYR A 78 35.14 1.15 -8.19
C TYR A 78 34.71 -0.03 -7.27
N ILE A 79 34.19 -1.13 -7.84
CA ILE A 79 33.72 -2.27 -7.05
C ILE A 79 34.78 -3.34 -6.98
N VAL A 80 34.81 -4.05 -5.85
CA VAL A 80 35.70 -5.19 -5.60
C VAL A 80 34.96 -6.53 -5.34
N GLU A 81 34.86 -7.38 -6.37
CA GLU A 81 34.60 -8.81 -6.17
C GLU A 81 35.87 -9.45 -5.61
N THR A 82 35.75 -10.65 -5.05
CA THR A 82 36.92 -11.54 -4.81
C THR A 82 36.89 -12.68 -5.81
N PRO A 83 38.02 -13.40 -5.97
CA PRO A 83 38.02 -14.53 -6.93
C PRO A 83 37.23 -15.77 -6.48
N SER A 84 36.78 -15.79 -5.23
CA SER A 84 35.98 -16.88 -4.70
C SER A 84 34.73 -16.30 -4.03
N SER A 85 33.99 -15.49 -4.79
CA SER A 85 32.75 -14.84 -4.31
C SER A 85 31.55 -15.60 -4.85
N ASP A 86 31.28 -16.76 -4.25
CA ASP A 86 30.34 -17.74 -4.81
C ASP A 86 28.84 -17.50 -4.48
N ASN A 87 28.52 -16.64 -3.48
CA ASN A 87 27.11 -16.31 -3.18
C ASN A 87 26.61 -15.24 -4.18
N GLY A 88 25.93 -15.71 -5.24
CA GLY A 88 25.33 -14.82 -6.23
C GLY A 88 23.87 -15.10 -6.51
N THR A 89 23.63 -15.83 -7.60
CA THR A 89 22.29 -16.16 -8.02
C THR A 89 21.98 -17.50 -7.39
N CYS A 90 21.49 -17.48 -6.17
CA CYS A 90 21.36 -18.69 -5.36
C CYS A 90 20.36 -19.70 -5.98
N TYR A 91 19.29 -19.18 -6.59
CA TYR A 91 18.44 -20.00 -7.46
C TYR A 91 19.06 -20.00 -8.87
N PRO A 92 19.15 -21.17 -9.49
CA PRO A 92 19.84 -21.31 -10.79
C PRO A 92 19.11 -20.75 -12.00
N GLY A 93 19.86 -20.57 -13.08
CA GLY A 93 19.43 -19.89 -14.33
C GLY A 93 20.31 -18.69 -14.69
N ASP A 94 19.99 -18.00 -15.78
CA ASP A 94 20.91 -17.03 -16.39
C ASP A 94 20.63 -15.59 -15.96
N PHE A 95 21.68 -14.80 -15.75
CA PHE A 95 21.53 -13.35 -15.63
C PHE A 95 21.72 -12.85 -17.05
N ILE A 96 20.81 -12.06 -17.56
CA ILE A 96 20.88 -11.68 -18.96
C ILE A 96 21.54 -10.31 -19.06
N ASP A 97 22.59 -10.25 -19.85
CA ASP A 97 23.44 -9.06 -19.92
C ASP A 97 24.01 -8.78 -18.53
N TYR A 98 24.77 -9.75 -18.01
CA TYR A 98 25.35 -9.60 -16.69
C TYR A 98 26.49 -8.61 -16.80
N GLU A 99 27.39 -8.84 -17.78
CA GLU A 99 28.59 -7.99 -17.92
C GLU A 99 28.26 -6.55 -18.31
N GLU A 100 27.12 -6.37 -18.97
CA GLU A 100 26.58 -5.05 -19.27
C GLU A 100 26.14 -4.35 -17.98
N LEU A 101 25.47 -5.10 -17.10
CA LEU A 101 25.07 -4.61 -15.77
C LEU A 101 26.25 -4.43 -14.85
N ARG A 102 27.26 -5.31 -14.95
CA ARG A 102 28.50 -5.13 -14.22
C ARG A 102 29.15 -3.77 -14.50
N GLU A 103 29.31 -3.48 -15.80
CA GLU A 103 29.92 -2.23 -16.25
C GLU A 103 29.10 -1.05 -15.74
N GLN A 104 27.81 -1.03 -16.07
CA GLN A 104 26.87 -0.02 -15.56
C GLN A 104 26.97 0.36 -14.07
N LEU A 105 27.35 -0.62 -13.26
CA LEU A 105 27.44 -0.41 -11.82
C LEU A 105 28.85 -0.06 -11.33
N SER A 106 29.89 -0.39 -12.11
CA SER A 106 31.29 -0.16 -11.68
C SER A 106 31.58 1.29 -11.21
N SER A 107 31.67 2.21 -12.17
CA SER A 107 31.87 3.63 -11.88
C SER A 107 30.52 4.21 -11.52
N VAL A 108 30.28 4.53 -10.26
CA VAL A 108 29.00 5.14 -9.88
C VAL A 108 29.15 6.17 -8.78
N SER A 109 28.60 7.36 -9.01
CA SER A 109 28.52 8.40 -7.98
C SER A 109 27.38 8.06 -7.01
N SER A 110 26.36 8.92 -6.91
CA SER A 110 25.34 8.81 -5.85
C SER A 110 24.13 7.96 -6.28
N PHE A 111 23.98 6.80 -5.63
CA PHE A 111 23.03 5.75 -6.01
C PHE A 111 22.22 5.29 -4.78
N GLU A 112 20.93 5.03 -4.97
CA GLU A 112 19.97 4.92 -3.86
C GLU A 112 18.82 3.93 -4.15
N ARG A 113 18.67 2.97 -3.23
CA ARG A 113 17.65 1.93 -3.30
C ARG A 113 16.30 2.48 -2.80
N PHE A 114 15.22 2.12 -3.47
CA PHE A 114 13.86 2.43 -3.00
C PHE A 114 12.89 1.31 -3.35
N GLU A 115 11.75 1.31 -2.66
CA GLU A 115 10.72 0.29 -2.83
C GLU A 115 9.87 0.63 -4.08
N ILE A 116 10.24 0.08 -5.21
CA ILE A 116 9.57 0.38 -6.48
C ILE A 116 8.10 -0.09 -6.53
N PHE A 117 7.83 -1.32 -6.14
CA PHE A 117 6.49 -1.90 -6.10
C PHE A 117 6.38 -2.49 -4.69
N PRO A 118 5.86 -1.69 -3.76
CA PRO A 118 5.76 -2.04 -2.35
C PRO A 118 5.03 -3.34 -2.12
N LYS A 119 5.49 -4.14 -1.16
CA LYS A 119 4.80 -5.38 -0.86
C LYS A 119 3.40 -5.10 -0.30
N THR A 120 3.29 -4.00 0.44
CA THR A 120 2.01 -3.47 0.94
C THR A 120 0.91 -3.32 -0.12
N SER A 121 1.26 -2.62 -1.22
CA SER A 121 0.32 -2.21 -2.26
C SER A 121 0.90 -2.32 -3.67
N SER A 122 0.68 -3.47 -4.28
CA SER A 122 1.14 -3.69 -5.67
C SER A 122 0.76 -5.07 -6.21
N TRP A 123 0.74 -6.07 -5.33
CA TRP A 123 0.27 -7.39 -5.69
C TRP A 123 -0.89 -7.73 -4.74
N PRO A 124 -2.09 -7.17 -5.02
CA PRO A 124 -3.26 -7.40 -4.18
C PRO A 124 -3.92 -8.75 -4.35
N ASN A 125 -3.90 -9.26 -5.57
CA ASN A 125 -4.64 -10.47 -5.93
C ASN A 125 -3.69 -11.57 -6.41
N HIS A 126 -2.43 -11.45 -6.00
CA HIS A 126 -1.46 -12.53 -6.06
C HIS A 126 -0.80 -12.64 -4.71
N ASP A 127 -0.19 -13.80 -4.46
CA ASP A 127 0.36 -14.14 -3.16
C ASP A 127 1.78 -13.64 -3.07
N SER A 128 2.08 -13.05 -1.92
CA SER A 128 3.22 -12.17 -1.77
C SER A 128 4.20 -12.66 -0.71
N ASN A 129 4.10 -13.94 -0.36
CA ASN A 129 4.91 -14.50 0.74
C ASN A 129 4.98 -16.01 0.74
N LYS A 130 4.05 -16.67 0.06
CA LYS A 130 4.11 -18.11 -0.14
C LYS A 130 5.44 -18.51 -0.78
N GLY A 131 5.94 -17.67 -1.70
CA GLY A 131 7.19 -17.93 -2.43
C GLY A 131 8.53 -17.70 -1.72
N VAL A 132 9.10 -18.77 -1.18
CA VAL A 132 10.54 -18.85 -0.87
C VAL A 132 11.10 -20.21 -1.26
N THR A 133 12.42 -20.38 -1.20
CA THR A 133 13.03 -21.62 -1.67
C THR A 133 14.19 -22.11 -0.83
N ALA A 134 14.39 -23.42 -0.89
CA ALA A 134 15.51 -24.07 -0.22
C ALA A 134 16.85 -23.69 -0.83
N ALA A 135 16.81 -23.28 -2.08
CA ALA A 135 17.95 -22.73 -2.81
C ALA A 135 18.51 -21.39 -2.28
N CYS A 136 17.72 -20.60 -1.55
CA CYS A 136 18.16 -19.22 -1.24
C CYS A 136 17.97 -18.97 0.23
N PRO A 137 18.70 -19.73 1.06
CA PRO A 137 18.37 -19.79 2.47
C PRO A 137 19.18 -18.86 3.34
N HIS A 138 18.52 -18.16 4.28
CA HIS A 138 19.24 -17.47 5.34
C HIS A 138 19.11 -18.18 6.68
N ALA A 139 20.07 -19.09 6.89
CA ALA A 139 20.22 -19.86 8.12
C ALA A 139 19.15 -20.91 8.18
N GLY A 140 19.43 -22.03 7.49
CA GLY A 140 18.60 -23.24 7.54
C GLY A 140 17.11 -23.08 7.28
N ALA A 141 16.70 -21.92 6.75
CA ALA A 141 15.31 -21.57 6.58
C ALA A 141 15.14 -21.23 5.13
N LYS A 142 14.10 -21.77 4.50
CA LYS A 142 13.74 -21.37 3.14
C LYS A 142 13.59 -19.86 3.17
N SER A 143 14.26 -19.19 2.22
CA SER A 143 14.18 -17.73 2.02
C SER A 143 14.29 -17.40 0.55
N PHE A 144 14.47 -16.11 0.25
CA PHE A 144 14.48 -15.61 -1.13
C PHE A 144 15.09 -14.19 -1.18
N TYR A 145 15.48 -13.77 -2.39
CA TYR A 145 16.08 -12.46 -2.62
C TYR A 145 15.29 -11.28 -2.03
N LYS A 146 16.00 -10.34 -1.39
CA LYS A 146 15.41 -9.11 -0.81
C LYS A 146 14.73 -8.22 -1.81
N ASN A 147 15.38 -7.97 -2.94
CA ASN A 147 15.00 -6.90 -3.87
C ASN A 147 13.95 -7.33 -4.84
N LEU A 148 13.70 -8.63 -4.88
CA LEU A 148 12.68 -9.21 -5.71
C LEU A 148 11.66 -9.87 -4.81
N ILE A 149 10.52 -10.23 -5.42
CA ILE A 149 9.46 -10.95 -4.73
C ILE A 149 8.70 -11.86 -5.67
N TRP A 150 8.60 -13.13 -5.27
CA TRP A 150 8.22 -14.23 -6.15
C TRP A 150 6.73 -14.40 -6.05
N LEU A 151 6.02 -13.92 -7.05
CA LEU A 151 4.58 -13.98 -7.01
C LEU A 151 4.06 -15.36 -7.36
N VAL A 152 3.35 -15.94 -6.38
CA VAL A 152 2.58 -17.17 -6.52
C VAL A 152 1.09 -16.84 -6.53
N LYS A 153 0.31 -17.78 -7.04
CA LYS A 153 -1.13 -17.69 -7.07
C LYS A 153 -1.78 -17.65 -5.68
N LYS A 154 -2.97 -17.05 -5.68
CA LYS A 154 -3.78 -16.79 -4.49
C LYS A 154 -5.06 -17.62 -4.65
N GLY A 155 -5.06 -18.80 -4.06
CA GLY A 155 -6.19 -19.72 -4.18
C GLY A 155 -6.19 -20.49 -5.49
N ASN A 156 -7.08 -20.13 -6.40
CA ASN A 156 -7.30 -20.89 -7.63
C ASN A 156 -6.89 -20.16 -8.89
N SER A 157 -6.55 -18.87 -8.82
CA SER A 157 -6.28 -18.11 -10.04
C SER A 157 -5.14 -17.11 -9.88
N TYR A 158 -4.37 -16.97 -10.97
CA TYR A 158 -3.35 -15.96 -11.15
C TYR A 158 -3.94 -15.06 -12.25
N PRO A 159 -4.79 -14.10 -11.85
CA PRO A 159 -5.34 -13.21 -12.87
C PRO A 159 -4.27 -12.23 -13.34
N LYS A 160 -4.44 -11.65 -14.53
CA LYS A 160 -3.38 -10.78 -15.10
C LYS A 160 -3.03 -9.71 -14.10
N LEU A 161 -1.75 -9.52 -13.82
CA LEU A 161 -1.34 -8.30 -13.17
C LEU A 161 -0.94 -7.39 -14.29
N SER A 162 -0.89 -6.09 -13.97
CA SER A 162 -0.38 -5.10 -14.90
C SER A 162 -0.04 -3.83 -14.14
N LYS A 163 0.95 -3.91 -13.26
CA LYS A 163 1.46 -2.73 -12.55
C LYS A 163 2.52 -2.03 -13.38
N SER A 164 2.64 -0.72 -13.15
CA SER A 164 3.58 0.14 -13.91
C SER A 164 4.21 1.16 -13.00
N TYR A 165 5.45 1.56 -13.30
CA TYR A 165 6.17 2.53 -12.48
C TYR A 165 6.64 3.70 -13.31
N ILE A 166 6.41 4.91 -12.79
CA ILE A 166 6.77 6.14 -13.47
C ILE A 166 8.06 6.65 -12.86
N ASN A 167 9.08 6.93 -13.67
CA ASN A 167 10.36 7.39 -13.13
C ASN A 167 10.29 8.85 -12.66
N ASP A 168 9.63 9.06 -11.53
CA ASP A 168 9.45 10.38 -10.92
C ASP A 168 10.65 10.70 -10.03
N LYS A 169 11.87 10.40 -10.50
CA LYS A 169 13.11 10.53 -9.70
C LYS A 169 14.18 11.37 -10.35
N GLY A 170 14.05 11.68 -11.65
CA GLY A 170 15.05 12.46 -12.35
C GLY A 170 16.40 11.78 -12.41
N LYS A 171 16.40 10.47 -12.64
CA LYS A 171 17.64 9.74 -12.92
C LYS A 171 17.38 8.26 -13.35
N GLU A 172 18.36 7.69 -14.05
CA GLU A 172 18.32 6.27 -14.38
C GLU A 172 17.83 5.48 -13.17
N VAL A 173 16.62 4.94 -13.26
CA VAL A 173 16.17 3.93 -12.30
C VAL A 173 16.55 2.56 -12.90
N LEU A 174 17.34 1.80 -12.13
CA LEU A 174 17.67 0.41 -12.49
C LEU A 174 16.57 -0.49 -11.91
N VAL A 175 15.98 -1.33 -12.75
CA VAL A 175 14.89 -2.18 -12.34
C VAL A 175 15.22 -3.58 -12.77
N LEU A 176 15.21 -4.52 -11.81
CA LEU A 176 15.43 -5.93 -12.13
C LEU A 176 14.24 -6.76 -11.70
N TRP A 177 14.11 -7.89 -12.39
CA TRP A 177 13.02 -8.84 -12.21
C TRP A 177 13.46 -10.24 -12.67
N GLY A 178 12.58 -11.21 -12.51
CA GLY A 178 12.90 -12.58 -12.90
C GLY A 178 11.74 -13.20 -13.62
N ILE A 179 12.07 -14.13 -14.52
CA ILE A 179 11.14 -15.09 -15.06
C ILE A 179 11.51 -16.45 -14.52
N HIS A 180 10.51 -17.19 -14.05
CA HIS A 180 10.72 -18.50 -13.48
C HIS A 180 10.30 -19.54 -14.48
N HIS A 181 11.08 -20.61 -14.53
CA HIS A 181 10.92 -21.67 -15.49
C HIS A 181 10.84 -23.01 -14.75
N PRO A 182 9.61 -23.43 -14.38
CA PRO A 182 9.48 -24.70 -13.67
C PRO A 182 9.82 -25.90 -14.57
N SER A 183 10.01 -27.06 -13.95
CA SER A 183 10.40 -28.29 -14.65
C SER A 183 9.20 -29.12 -15.16
N THR A 184 8.15 -29.24 -14.36
CA THR A 184 6.96 -30.00 -14.75
C THR A 184 5.85 -29.06 -15.18
N SER A 185 4.94 -29.57 -15.99
CA SER A 185 3.68 -28.89 -16.25
C SER A 185 2.77 -28.78 -15.02
N ALA A 186 2.88 -29.72 -14.08
CA ALA A 186 2.13 -29.72 -12.80
C ALA A 186 2.59 -28.61 -11.86
N ASP A 187 3.91 -28.52 -11.70
CA ASP A 187 4.59 -27.36 -11.09
C ASP A 187 3.90 -26.04 -11.46
N GLN A 188 3.63 -25.84 -12.74
CA GLN A 188 3.03 -24.61 -13.23
C GLN A 188 1.70 -24.37 -12.56
N GLN A 189 0.83 -25.38 -12.60
CA GLN A 189 -0.53 -25.25 -12.02
C GLN A 189 -0.44 -24.94 -10.55
N SER A 190 0.28 -25.80 -9.83
CA SER A 190 0.63 -25.57 -8.43
C SER A 190 0.97 -24.09 -8.06
N LEU A 191 1.78 -23.42 -8.91
CA LEU A 191 2.32 -22.07 -8.62
C LEU A 191 1.51 -21.01 -9.27
N TYR A 192 1.35 -21.11 -10.57
CA TYR A 192 0.77 -20.02 -11.34
C TYR A 192 -0.58 -20.37 -12.00
N GLN A 193 -1.12 -21.55 -11.69
CA GLN A 193 -2.38 -22.06 -12.28
C GLN A 193 -2.44 -22.25 -13.82
N ASN A 194 -2.08 -21.23 -14.60
CA ASN A 194 -2.43 -21.18 -16.04
C ASN A 194 -1.27 -21.65 -16.90
N ALA A 195 -1.50 -22.63 -17.76
CA ALA A 195 -0.43 -23.05 -18.67
C ALA A 195 -0.29 -22.02 -19.76
N ASP A 196 -1.39 -21.37 -20.16
CA ASP A 196 -1.33 -20.23 -21.10
C ASP A 196 -0.76 -19.02 -20.36
N ALA A 197 0.50 -19.15 -19.96
CA ALA A 197 1.17 -18.18 -19.10
C ALA A 197 2.14 -17.39 -19.94
N TYR A 198 2.18 -16.08 -19.74
CA TYR A 198 3.24 -15.26 -20.32
C TYR A 198 3.62 -14.22 -19.31
N VAL A 199 4.67 -13.50 -19.64
CA VAL A 199 5.01 -12.27 -18.98
C VAL A 199 5.36 -11.31 -20.08
N PHE A 200 5.11 -10.02 -19.85
CA PHE A 200 5.56 -8.97 -20.74
C PHE A 200 6.22 -7.89 -19.92
N VAL A 201 7.33 -7.36 -20.41
CA VAL A 201 7.88 -6.14 -19.84
C VAL A 201 8.02 -5.11 -20.95
N GLY A 202 7.71 -3.85 -20.59
CA GLY A 202 7.55 -2.77 -21.55
C GLY A 202 7.97 -1.44 -20.94
N SER A 203 8.53 -0.58 -21.79
CA SER A 203 8.92 0.80 -21.43
C SER A 203 9.16 1.61 -22.73
N SER A 204 9.59 2.86 -22.60
CA SER A 204 9.96 3.64 -23.79
C SER A 204 11.30 3.17 -24.41
N ARG A 205 11.98 2.19 -23.78
CA ARG A 205 13.24 1.62 -24.30
C ARG A 205 13.31 0.07 -24.32
N TYR A 206 12.36 -0.64 -23.70
CA TYR A 206 12.41 -2.11 -23.57
C TYR A 206 11.07 -2.72 -23.97
N SER A 207 11.10 -3.88 -24.63
CA SER A 207 9.87 -4.61 -24.98
C SER A 207 10.18 -6.08 -25.17
N LYS A 208 9.64 -6.94 -24.32
CA LYS A 208 9.81 -8.40 -24.46
C LYS A 208 8.66 -9.18 -23.86
N LYS A 209 8.20 -10.19 -24.60
CA LYS A 209 7.31 -11.20 -24.06
C LYS A 209 8.15 -12.38 -23.64
N PHE A 210 7.83 -12.96 -22.50
CA PHE A 210 8.50 -14.15 -22.01
C PHE A 210 7.54 -15.33 -21.96
N LYS A 211 7.96 -16.42 -22.60
CA LYS A 211 7.23 -17.68 -22.57
C LYS A 211 7.97 -18.58 -21.58
N PRO A 212 7.25 -19.16 -20.60
CA PRO A 212 7.90 -20.13 -19.72
C PRO A 212 8.20 -21.43 -20.46
N GLU A 213 9.50 -21.73 -20.61
CA GLU A 213 10.02 -22.99 -21.17
C GLU A 213 10.04 -24.11 -20.12
N ILE A 214 8.94 -24.86 -19.98
CA ILE A 214 8.78 -25.86 -18.88
C ILE A 214 9.25 -27.25 -19.30
N ALA A 215 10.26 -27.76 -18.60
CA ALA A 215 11.05 -28.89 -19.09
C ALA A 215 11.91 -29.52 -18.01
N ILE A 216 12.03 -30.85 -18.05
CA ILE A 216 12.73 -31.56 -16.99
C ILE A 216 14.22 -31.33 -17.09
N ARG A 217 14.87 -31.18 -15.94
CA ARG A 217 16.28 -30.84 -15.89
C ARG A 217 17.00 -31.52 -14.73
N PRO A 218 18.33 -31.70 -14.86
CA PRO A 218 19.15 -32.09 -13.74
C PRO A 218 19.05 -31.07 -12.62
N LYS A 219 18.87 -31.54 -11.39
CA LYS A 219 18.84 -30.70 -10.21
C LYS A 219 20.11 -29.87 -10.19
N VAL A 220 20.03 -28.65 -9.68
CA VAL A 220 21.21 -27.88 -9.44
C VAL A 220 21.35 -27.73 -7.96
N ARG A 221 20.49 -26.92 -7.35
CA ARG A 221 20.57 -26.78 -5.91
C ARG A 221 19.30 -27.32 -5.34
N ASP A 222 19.10 -28.59 -5.63
CA ASP A 222 17.84 -29.30 -5.47
C ASP A 222 16.72 -28.65 -6.33
N GLN A 223 17.11 -27.97 -7.40
CA GLN A 223 16.14 -27.30 -8.24
C GLN A 223 16.21 -27.83 -9.66
N GLU A 224 15.12 -28.45 -10.11
CA GLU A 224 14.97 -28.89 -11.50
C GLU A 224 14.55 -27.68 -12.30
N GLY A 225 13.71 -26.85 -11.70
CA GLY A 225 13.36 -25.57 -12.29
C GLY A 225 14.52 -24.61 -12.40
N ARG A 226 14.30 -23.51 -13.12
CA ARG A 226 15.28 -22.45 -13.29
C ARG A 226 14.57 -21.11 -13.29
N MET A 227 15.34 -20.03 -13.42
CA MET A 227 14.82 -18.71 -13.27
C MET A 227 15.88 -17.82 -13.85
N ASN A 228 15.50 -17.01 -14.83
CA ASN A 228 16.44 -16.07 -15.46
C ASN A 228 16.23 -14.65 -14.96
N TYR A 229 17.33 -13.92 -14.75
CA TYR A 229 17.28 -12.58 -14.18
C TYR A 229 17.63 -11.58 -15.27
N TYR A 230 16.76 -10.59 -15.43
CA TYR A 230 16.94 -9.54 -16.41
C TYR A 230 16.83 -8.20 -15.68
N TRP A 231 17.15 -7.13 -16.40
CA TRP A 231 17.35 -5.84 -15.77
C TRP A 231 17.34 -4.83 -16.87
N THR A 232 16.80 -3.65 -16.56
CA THR A 232 16.75 -2.57 -17.53
C THR A 232 16.82 -1.25 -16.82
N LEU A 233 17.27 -0.24 -17.55
CA LEU A 233 17.33 1.11 -17.05
C LEU A 233 16.18 1.88 -17.61
N VAL A 234 15.62 2.74 -16.78
CA VAL A 234 14.43 3.52 -17.14
C VAL A 234 14.80 5.01 -17.13
N GLU A 235 14.52 5.68 -18.26
CA GLU A 235 14.82 7.11 -18.43
C GLU A 235 14.02 7.85 -17.39
N PRO A 236 14.50 9.02 -16.96
CA PRO A 236 13.64 9.79 -16.05
C PRO A 236 12.42 10.32 -16.82
N GLY A 237 11.28 10.43 -16.12
CA GLY A 237 9.96 10.65 -16.73
C GLY A 237 9.27 9.38 -17.25
N ASP A 238 10.07 8.42 -17.74
CA ASP A 238 9.58 7.22 -18.46
C ASP A 238 8.77 6.27 -17.56
N LYS A 239 7.83 5.59 -18.21
CA LYS A 239 7.04 4.53 -17.62
C LYS A 239 7.68 3.18 -17.93
N ILE A 240 7.58 2.26 -16.98
CA ILE A 240 7.89 0.84 -17.22
C ILE A 240 6.72 0.06 -16.64
N THR A 241 6.30 -0.99 -17.33
CA THR A 241 5.07 -1.72 -17.01
C THR A 241 5.36 -3.22 -17.05
N PHE A 242 4.85 -3.96 -16.05
CA PHE A 242 4.92 -5.44 -16.04
C PHE A 242 3.55 -5.98 -16.28
N GLU A 243 3.40 -6.87 -17.25
CA GLU A 243 2.14 -7.58 -17.44
C GLU A 243 2.43 -9.06 -17.37
N ALA A 244 1.60 -9.82 -16.65
CA ALA A 244 1.80 -11.25 -16.54
C ALA A 244 0.57 -12.04 -16.15
N THR A 245 0.47 -13.22 -16.77
CA THR A 245 -0.45 -14.28 -16.40
C THR A 245 0.24 -15.38 -15.61
N GLY A 246 1.52 -15.18 -15.26
CA GLY A 246 2.31 -16.19 -14.53
C GLY A 246 3.83 -16.02 -14.62
N ASN A 247 4.55 -16.81 -13.81
CA ASN A 247 6.01 -16.92 -13.91
C ASN A 247 6.76 -15.65 -13.65
N LEU A 248 6.10 -14.56 -13.26
CA LEU A 248 6.82 -13.31 -13.03
C LEU A 248 7.35 -13.31 -11.61
N VAL A 249 8.61 -12.89 -11.49
CA VAL A 249 9.29 -12.56 -10.23
C VAL A 249 9.42 -11.05 -10.18
N VAL A 250 8.39 -10.39 -9.63
CA VAL A 250 8.27 -8.93 -9.75
C VAL A 250 9.30 -8.19 -8.96
N PRO A 251 9.62 -6.95 -9.40
CA PRO A 251 10.51 -6.15 -8.56
C PRO A 251 9.78 -5.74 -7.28
N ARG A 252 10.56 -5.53 -6.24
CA ARG A 252 10.06 -4.84 -5.06
C ARG A 252 10.90 -3.62 -4.80
N TYR A 253 12.23 -3.80 -4.79
CA TYR A 253 13.18 -2.72 -4.59
C TYR A 253 13.97 -2.44 -5.83
N ALA A 254 13.91 -1.19 -6.29
CA ALA A 254 14.72 -0.74 -7.41
C ALA A 254 15.71 0.33 -6.91
N PHE A 255 16.46 0.91 -7.85
CA PHE A 255 17.58 1.81 -7.55
C PHE A 255 17.57 3.04 -8.43
N ALA A 256 17.52 4.21 -7.79
CA ALA A 256 17.79 5.46 -8.50
C ALA A 256 19.30 5.70 -8.45
N MET A 257 19.93 5.81 -9.62
CA MET A 257 21.39 5.91 -9.72
C MET A 257 21.83 7.00 -10.70
N GLU A 258 23.00 7.57 -10.44
CA GLU A 258 23.68 8.47 -11.37
C GLU A 258 24.98 7.80 -11.79
N ARG A 259 25.09 7.54 -13.08
CA ARG A 259 26.29 6.97 -13.67
C ARG A 259 27.53 7.86 -13.39
N ASN A 260 28.68 7.21 -13.20
CA ASN A 260 29.99 7.87 -13.33
C ASN A 260 30.73 7.09 -14.40
N ALA A 261 31.96 7.49 -14.72
CA ALA A 261 32.76 6.81 -15.74
C ALA A 261 34.24 6.77 -15.38
N GLY A 262 34.99 6.03 -16.19
CA GLY A 262 36.41 5.82 -15.96
C GLY A 262 36.65 4.90 -14.77
N SER A 263 36.01 3.72 -14.81
CA SER A 263 36.25 2.66 -13.83
C SER A 263 35.71 1.30 -14.31
N GLY A 264 36.07 0.26 -13.56
CA GLY A 264 35.59 -1.10 -13.80
C GLY A 264 35.52 -1.87 -12.49
N ILE A 265 35.60 -3.20 -12.61
CA ILE A 265 35.55 -4.09 -11.47
C ILE A 265 36.90 -4.79 -11.38
N ILE A 266 37.49 -4.81 -10.20
CA ILE A 266 38.80 -5.40 -9.99
C ILE A 266 38.65 -6.62 -9.09
N ILE A 267 39.36 -7.70 -9.40
CA ILE A 267 39.22 -8.98 -8.68
C ILE A 267 40.48 -9.31 -7.85
N SER A 268 40.45 -8.91 -6.58
CA SER A 268 41.59 -8.97 -5.69
C SER A 268 41.29 -9.84 -4.48
N ASP A 269 42.34 -10.14 -3.71
CA ASP A 269 42.21 -10.65 -2.32
C ASP A 269 42.80 -9.70 -1.26
N THR A 270 43.55 -8.68 -1.68
CA THR A 270 44.22 -7.76 -0.76
C THR A 270 43.21 -6.78 -0.20
N PRO A 271 43.39 -6.37 1.08
CA PRO A 271 42.37 -5.59 1.77
C PRO A 271 42.20 -4.18 1.23
N VAL A 272 41.19 -3.49 1.76
CA VAL A 272 41.00 -2.05 1.55
C VAL A 272 41.73 -1.39 2.72
N HIS A 273 42.07 -0.11 2.60
CA HIS A 273 42.62 0.69 3.72
C HIS A 273 42.09 2.11 3.64
N ASP A 274 42.26 2.87 4.72
CA ASP A 274 41.81 4.27 4.73
C ASP A 274 42.96 5.13 4.21
N CYS A 275 43.05 5.22 2.89
CA CYS A 275 44.13 5.96 2.21
C CYS A 275 43.70 6.47 0.84
N ASN A 276 44.44 7.46 0.36
CA ASN A 276 44.20 8.13 -0.92
C ASN A 276 45.14 7.52 -1.99
N THR A 277 44.63 7.38 -3.22
CA THR A 277 45.50 7.12 -4.39
C THR A 277 44.81 7.61 -5.66
N THR A 278 45.57 7.69 -6.76
CA THR A 278 45.04 8.04 -8.08
C THR A 278 45.35 6.96 -9.13
N CYS A 279 45.67 5.76 -8.66
CA CYS A 279 45.69 4.58 -9.50
C CYS A 279 45.51 3.35 -8.63
N GLN A 280 44.82 2.33 -9.17
CA GLN A 280 44.54 1.08 -8.44
C GLN A 280 44.65 -0.14 -9.34
N THR A 281 45.20 -1.23 -8.78
CA THR A 281 45.32 -2.51 -9.47
C THR A 281 45.07 -3.66 -8.52
N PRO A 282 44.66 -4.83 -9.05
CA PRO A 282 44.40 -6.00 -8.18
C PRO A 282 45.53 -6.33 -7.21
N LYS A 283 46.79 -6.19 -7.64
CA LYS A 283 47.93 -6.37 -6.73
C LYS A 283 48.03 -5.25 -5.68
N GLY A 284 47.77 -4.01 -6.08
CA GLY A 284 47.89 -2.87 -5.17
C GLY A 284 47.73 -1.50 -5.82
N ALA A 285 48.07 -0.45 -5.08
CA ALA A 285 47.94 0.94 -5.58
C ALA A 285 49.26 1.47 -6.08
N ILE A 286 49.20 2.56 -6.85
CA ILE A 286 50.37 3.16 -7.47
C ILE A 286 50.39 4.67 -7.21
N ASN A 287 51.28 5.09 -6.31
CA ASN A 287 51.63 6.51 -6.14
C ASN A 287 52.48 6.89 -7.33
N THR A 288 51.84 7.41 -8.37
CA THR A 288 52.50 7.61 -9.67
C THR A 288 52.47 9.06 -10.16
N SER A 289 53.60 9.50 -10.71
CA SER A 289 53.68 10.72 -11.53
C SER A 289 54.26 10.39 -12.91
N LEU A 290 54.46 9.10 -13.18
CA LEU A 290 55.51 8.60 -14.08
C LEU A 290 54.87 7.66 -15.14
N PRO A 291 55.65 7.10 -16.09
CA PRO A 291 55.06 6.76 -17.41
C PRO A 291 54.46 5.36 -17.66
N PHE A 292 54.98 4.30 -17.01
CA PHE A 292 54.58 2.90 -17.30
C PHE A 292 54.72 1.97 -16.07
N GLN A 293 54.28 0.72 -16.21
CA GLN A 293 54.24 -0.25 -15.09
C GLN A 293 54.40 -1.71 -15.51
N ASN A 294 54.86 -2.53 -14.55
CA ASN A 294 55.09 -3.97 -14.75
C ASN A 294 54.13 -4.84 -13.92
N ILE A 295 53.11 -4.23 -13.31
CA ILE A 295 52.39 -4.85 -12.22
C ILE A 295 51.22 -5.69 -12.71
N HIS A 296 50.21 -5.02 -13.29
CA HIS A 296 48.99 -5.66 -13.80
C HIS A 296 48.36 -4.85 -14.96
N PRO A 297 47.83 -5.52 -16.00
CA PRO A 297 47.36 -4.76 -17.16
C PRO A 297 46.06 -4.00 -16.95
N ILE A 298 45.10 -4.64 -16.31
CA ILE A 298 43.86 -3.97 -15.95
C ILE A 298 44.14 -3.05 -14.73
N THR A 299 43.72 -1.80 -14.87
CA THR A 299 44.04 -0.71 -13.93
C THR A 299 42.84 0.27 -13.86
N ILE A 300 42.86 1.21 -12.91
CA ILE A 300 41.70 2.12 -12.67
C ILE A 300 42.05 3.62 -12.41
N GLY A 301 41.67 4.49 -13.36
CA GLY A 301 41.80 5.95 -13.21
C GLY A 301 42.94 6.57 -14.00
N LYS A 302 43.87 7.24 -13.31
CA LYS A 302 45.06 7.86 -13.94
C LYS A 302 46.26 6.91 -13.92
N CYS A 303 46.11 5.77 -14.60
CA CYS A 303 47.06 4.66 -14.48
C CYS A 303 47.95 4.56 -15.72
N PRO A 304 49.28 4.37 -15.51
CA PRO A 304 50.19 4.09 -16.61
C PRO A 304 49.77 2.88 -17.45
N LYS A 305 50.29 2.80 -18.67
CA LYS A 305 50.07 1.63 -19.52
C LYS A 305 50.92 0.45 -19.03
N TYR A 306 50.45 -0.76 -19.32
CA TYR A 306 51.12 -2.00 -18.92
C TYR A 306 52.16 -2.37 -19.94
N VAL A 307 53.33 -2.83 -19.48
CA VAL A 307 54.43 -3.20 -20.38
C VAL A 307 55.56 -3.87 -19.56
N LYS A 308 56.47 -3.04 -19.01
CA LYS A 308 57.48 -3.34 -17.96
C LYS A 308 58.35 -2.07 -17.71
N SER A 309 58.19 -1.39 -16.56
CA SER A 309 58.93 -0.12 -16.26
C SER A 309 59.51 -0.06 -14.84
N THR A 310 60.85 -0.22 -14.74
CA THR A 310 61.57 -0.31 -13.45
C THR A 310 62.65 0.78 -13.22
N LYS A 311 63.53 0.99 -14.21
CA LYS A 311 64.77 1.79 -14.04
C LYS A 311 64.90 2.95 -15.03
N LEU A 312 65.52 4.04 -14.58
CA LEU A 312 66.02 5.11 -15.46
C LEU A 312 67.27 5.76 -14.84
N ARG A 313 68.45 5.31 -15.30
CA ARG A 313 69.74 5.89 -14.90
C ARG A 313 69.95 7.26 -15.57
N ASN B 31 -13.20 65.31 -0.90
CA ASN B 31 -12.95 63.84 -0.89
C ASN B 31 -11.88 63.46 0.15
N LEU B 32 -12.30 63.36 1.41
CA LEU B 32 -11.42 62.94 2.53
C LEU B 32 -11.62 61.48 2.95
N LEU B 33 -12.40 60.71 2.18
CA LEU B 33 -12.78 59.33 2.55
C LEU B 33 -12.48 58.36 1.40
N GLU B 34 -12.58 57.06 1.66
CA GLU B 34 -12.64 56.04 0.62
C GLU B 34 -13.57 54.89 1.02
N ASP B 35 -14.60 54.65 0.20
CA ASP B 35 -15.41 53.42 0.22
C ASP B 35 -15.48 52.71 -1.17
N LYS B 36 -14.91 53.33 -2.21
CA LYS B 36 -15.26 53.02 -3.61
C LYS B 36 -14.69 51.72 -4.16
N HIS B 37 -15.35 51.20 -5.20
CA HIS B 37 -14.96 49.96 -5.88
C HIS B 37 -15.72 49.92 -7.24
N ASN B 38 -16.53 48.88 -7.52
CA ASN B 38 -17.69 49.00 -8.44
C ASN B 38 -18.77 47.91 -8.18
N GLY B 39 -19.15 47.79 -6.90
CA GLY B 39 -20.19 46.85 -6.42
C GLY B 39 -19.84 45.41 -6.06
N LYS B 40 -18.58 45.00 -6.22
CA LYS B 40 -18.15 43.58 -6.28
C LYS B 40 -17.61 42.90 -4.99
N LEU B 41 -17.27 41.61 -5.11
CA LEU B 41 -16.39 40.89 -4.15
C LEU B 41 -15.00 40.67 -4.78
N CYS B 42 -14.03 41.51 -4.43
CA CYS B 42 -12.68 41.51 -5.03
C CYS B 42 -11.64 40.70 -4.21
N LYS B 43 -10.36 40.85 -4.54
CA LYS B 43 -9.23 40.19 -3.85
C LYS B 43 -8.97 40.77 -2.45
N LEU B 44 -7.91 40.32 -1.78
CA LEU B 44 -7.29 41.02 -0.63
C LEU B 44 -5.77 40.83 -0.71
N ARG B 45 -5.00 41.91 -0.60
CA ARG B 45 -3.58 41.91 -1.01
C ARG B 45 -3.30 41.57 -2.51
N GLY B 46 -4.26 40.95 -3.23
CA GLY B 46 -4.01 40.37 -4.56
C GLY B 46 -4.31 38.89 -4.77
N VAL B 47 -5.04 38.26 -3.84
CA VAL B 47 -5.39 36.85 -3.95
C VAL B 47 -6.90 36.70 -3.72
N ALA B 48 -7.59 36.00 -4.61
CA ALA B 48 -9.05 35.90 -4.56
C ALA B 48 -9.57 35.01 -3.40
N PRO B 49 -10.91 34.92 -3.24
CA PRO B 49 -11.52 34.03 -2.25
C PRO B 49 -12.07 32.72 -2.79
N LEU B 50 -11.97 31.70 -1.96
CA LEU B 50 -12.50 30.37 -2.24
C LEU B 50 -14.01 30.44 -2.02
N HIS B 51 -14.79 30.42 -3.10
CA HIS B 51 -16.25 30.40 -2.97
C HIS B 51 -16.74 28.94 -2.91
N LEU B 52 -17.47 28.59 -1.84
CA LEU B 52 -17.86 27.21 -1.59
C LEU B 52 -19.13 26.76 -2.29
N GLY B 53 -19.90 27.68 -2.86
CA GLY B 53 -21.20 27.32 -3.46
C GLY B 53 -22.18 26.71 -2.46
N LYS B 54 -22.94 25.70 -2.90
CA LYS B 54 -23.98 25.05 -2.06
C LYS B 54 -23.45 24.25 -0.87
N CYS B 55 -22.15 23.99 -0.86
CA CYS B 55 -21.51 23.33 0.27
C CYS B 55 -21.02 24.35 1.29
N ASN B 56 -21.17 23.98 2.56
CA ASN B 56 -20.64 24.76 3.70
C ASN B 56 -19.15 24.42 3.88
N ILE B 57 -18.56 24.86 4.98
CA ILE B 57 -17.20 24.44 5.37
C ILE B 57 -17.11 22.91 5.58
N ALA B 58 -17.99 22.35 6.43
CA ALA B 58 -18.04 20.90 6.76
C ALA B 58 -18.39 19.95 5.59
N GLY B 59 -19.01 20.48 4.56
CA GLY B 59 -19.10 19.76 3.29
C GLY B 59 -17.77 19.75 2.55
N TRP B 60 -17.12 20.92 2.47
CA TRP B 60 -15.86 21.07 1.75
C TRP B 60 -14.77 20.15 2.23
N ILE B 61 -14.52 20.19 3.54
CA ILE B 61 -13.31 19.57 4.10
C ILE B 61 -13.52 18.10 4.42
N LEU B 62 -14.72 17.72 4.88
CA LEU B 62 -15.08 16.28 4.93
C LEU B 62 -15.14 15.59 3.55
N GLY B 63 -15.14 16.37 2.46
CA GLY B 63 -15.21 15.82 1.12
C GLY B 63 -16.60 15.26 0.91
N ASN B 64 -17.58 16.16 0.99
CA ASN B 64 -18.99 15.81 0.83
C ASN B 64 -19.24 15.54 -0.66
N PRO B 65 -20.02 14.48 -0.99
CA PRO B 65 -20.32 14.14 -2.37
C PRO B 65 -20.51 15.32 -3.33
N GLU B 66 -21.31 16.31 -2.92
CA GLU B 66 -21.75 17.37 -3.84
C GLU B 66 -20.82 18.59 -3.97
N CYS B 67 -19.57 18.49 -3.51
CA CYS B 67 -18.63 19.62 -3.54
C CYS B 67 -17.40 19.35 -4.40
N GLU B 68 -17.56 18.47 -5.40
CA GLU B 68 -16.44 17.90 -6.17
C GLU B 68 -15.47 18.95 -6.71
N SER B 69 -16.00 20.07 -7.21
CA SER B 69 -15.19 21.09 -7.89
C SER B 69 -14.22 21.91 -7.02
N LEU B 70 -14.26 21.71 -5.69
CA LEU B 70 -13.63 22.65 -4.74
C LEU B 70 -12.46 22.09 -3.90
N SER B 71 -12.20 20.78 -3.99
CA SER B 71 -11.07 20.15 -3.26
C SER B 71 -9.74 20.78 -3.64
N THR B 72 -9.49 20.82 -4.95
CA THR B 72 -8.33 21.50 -5.52
C THR B 72 -8.58 23.01 -5.50
N ALA B 73 -7.92 23.68 -4.56
CA ALA B 73 -7.90 25.13 -4.47
C ALA B 73 -6.73 25.47 -3.55
N SER B 74 -5.67 26.07 -4.11
CA SER B 74 -4.34 26.06 -3.48
C SER B 74 -4.09 27.15 -2.44
N SER B 75 -4.53 28.38 -2.72
CA SER B 75 -4.44 29.49 -1.76
C SER B 75 -5.70 30.34 -1.83
N TRP B 76 -6.01 31.05 -0.75
CA TRP B 76 -7.14 31.99 -0.73
C TRP B 76 -7.03 32.99 0.42
N SER B 77 -7.81 34.08 0.30
CA SER B 77 -7.71 35.28 1.17
C SER B 77 -8.78 35.35 2.26
N TYR B 78 -10.01 35.03 1.86
CA TYR B 78 -11.15 34.79 2.76
C TYR B 78 -12.03 33.70 2.14
N ILE B 79 -12.84 33.06 2.98
CA ILE B 79 -13.80 32.04 2.52
C ILE B 79 -15.16 32.71 2.36
N VAL B 80 -15.95 32.21 1.41
CA VAL B 80 -17.29 32.73 1.10
C VAL B 80 -18.26 31.54 1.04
N GLU B 81 -19.05 31.36 2.09
CA GLU B 81 -20.17 30.43 2.08
C GLU B 81 -21.38 31.18 1.54
N THR B 82 -22.49 30.48 1.35
CA THR B 82 -23.77 31.12 1.07
C THR B 82 -24.77 30.81 2.20
N PRO B 83 -25.78 31.68 2.39
CA PRO B 83 -26.80 31.39 3.42
C PRO B 83 -27.65 30.15 3.12
N SER B 84 -27.79 29.79 1.83
CA SER B 84 -28.51 28.59 1.43
C SER B 84 -27.55 27.41 1.22
N SER B 85 -26.69 27.16 2.20
CA SER B 85 -25.73 26.04 2.16
C SER B 85 -26.34 24.83 2.86
N ASP B 86 -27.07 24.01 2.10
CA ASP B 86 -27.85 22.89 2.66
C ASP B 86 -27.23 21.49 2.43
N ASN B 87 -26.02 21.45 1.84
CA ASN B 87 -25.19 20.22 1.77
C ASN B 87 -23.96 20.37 2.68
N GLY B 88 -23.87 19.54 3.72
CA GLY B 88 -22.75 19.59 4.67
C GLY B 88 -22.41 18.22 5.21
N THR B 89 -22.74 17.99 6.47
CA THR B 89 -22.45 16.69 7.10
C THR B 89 -23.65 15.80 6.82
N CYS B 90 -23.66 15.18 5.65
CA CYS B 90 -24.82 14.39 5.21
C CYS B 90 -25.15 13.15 6.10
N TYR B 91 -24.26 12.75 6.99
CA TYR B 91 -24.66 11.89 8.09
C TYR B 91 -24.92 12.81 9.28
N PRO B 92 -26.03 12.60 10.02
CA PRO B 92 -26.30 13.46 11.18
C PRO B 92 -25.30 13.26 12.32
N GLY B 93 -24.80 14.36 12.89
CA GLY B 93 -23.84 14.27 14.01
C GLY B 93 -23.05 15.54 14.30
N ASP B 94 -22.56 15.64 15.54
CA ASP B 94 -21.89 16.84 16.05
C ASP B 94 -20.50 16.98 15.43
N PHE B 95 -20.24 18.11 14.77
CA PHE B 95 -18.89 18.47 14.37
C PHE B 95 -18.22 19.17 15.56
N ILE B 96 -17.26 18.48 16.15
CA ILE B 96 -16.63 18.89 17.41
C ILE B 96 -15.56 19.94 17.12
N ASP B 97 -15.61 21.06 17.84
CA ASP B 97 -14.76 22.24 17.59
C ASP B 97 -15.06 22.86 16.21
N TYR B 98 -16.34 22.97 15.84
CA TYR B 98 -16.70 23.38 14.48
C TYR B 98 -16.37 24.86 14.19
N GLU B 99 -16.72 25.77 15.10
CA GLU B 99 -16.41 27.21 14.92
C GLU B 99 -14.90 27.48 14.89
N GLU B 100 -14.17 26.65 15.62
CA GLU B 100 -12.74 26.80 15.78
C GLU B 100 -12.10 26.58 14.41
N LEU B 101 -12.32 25.38 13.85
CA LEU B 101 -11.83 25.00 12.53
C LEU B 101 -12.17 26.06 11.50
N ARG B 102 -13.44 26.45 11.50
CA ARG B 102 -13.93 27.48 10.60
C ARG B 102 -13.06 28.74 10.67
N GLU B 103 -12.78 29.21 11.88
CA GLU B 103 -11.83 30.31 12.07
C GLU B 103 -10.49 29.89 11.46
N GLN B 104 -9.93 28.79 11.97
CA GLN B 104 -8.58 28.34 11.64
C GLN B 104 -8.21 28.42 10.16
N LEU B 105 -9.14 28.02 9.29
CA LEU B 105 -8.90 27.89 7.84
C LEU B 105 -8.89 29.20 7.04
N SER B 106 -9.74 30.15 7.45
CA SER B 106 -10.04 31.34 6.63
C SER B 106 -8.88 31.90 5.78
N SER B 107 -7.71 32.08 6.40
CA SER B 107 -6.55 32.73 5.76
C SER B 107 -5.39 31.75 5.55
N VAL B 108 -4.90 31.66 4.32
CA VAL B 108 -4.02 30.58 3.87
C VAL B 108 -3.06 31.06 2.76
N SER B 109 -1.79 30.63 2.82
CA SER B 109 -0.81 30.90 1.74
C SER B 109 -0.61 29.71 0.77
N SER B 110 -0.30 28.53 1.32
CA SER B 110 -0.26 27.25 0.56
C SER B 110 -1.11 26.18 1.27
N PHE B 111 -1.60 25.21 0.51
CA PHE B 111 -2.59 24.24 1.01
C PHE B 111 -2.65 23.09 0.00
N GLU B 112 -1.97 21.99 0.32
CA GLU B 112 -2.02 20.74 -0.48
C GLU B 112 -2.96 19.75 0.18
N ARG B 113 -3.79 19.11 -0.64
CA ARG B 113 -4.50 17.92 -0.22
C ARG B 113 -3.61 16.71 -0.57
N PHE B 114 -3.66 15.65 0.25
CA PHE B 114 -2.87 14.44 0.00
C PHE B 114 -3.43 13.20 0.69
N GLU B 115 -3.09 12.05 0.13
CA GLU B 115 -3.60 10.79 0.65
C GLU B 115 -2.79 10.33 1.89
N ILE B 116 -3.26 10.71 3.09
CA ILE B 116 -2.60 10.31 4.35
C ILE B 116 -2.55 8.79 4.57
N PHE B 117 -3.70 8.12 4.39
CA PHE B 117 -3.86 6.68 4.59
C PHE B 117 -4.54 6.09 3.37
N PRO B 118 -3.76 5.80 2.29
CA PRO B 118 -4.21 5.19 1.02
C PRO B 118 -5.13 3.97 1.17
N LYS B 119 -6.10 3.83 0.26
CA LYS B 119 -7.14 2.79 0.39
C LYS B 119 -6.55 1.37 0.35
N THR B 120 -5.53 1.25 -0.49
CA THR B 120 -4.83 0.02 -0.77
C THR B 120 -3.92 -0.42 0.40
N SER B 121 -2.90 0.39 0.71
CA SER B 121 -1.85 0.08 1.71
C SER B 121 -2.13 0.69 3.09
N SER B 122 -3.01 0.06 3.87
CA SER B 122 -3.55 0.82 5.00
C SER B 122 -4.43 -0.02 5.89
N TRP B 123 -5.48 -0.59 5.30
CA TRP B 123 -6.52 -1.28 6.05
C TRP B 123 -6.69 -2.67 5.41
N PRO B 124 -5.90 -3.67 5.84
CA PRO B 124 -5.86 -4.97 5.15
C PRO B 124 -6.90 -5.98 5.57
N ASN B 125 -7.35 -5.92 6.83
CA ASN B 125 -8.32 -6.88 7.36
C ASN B 125 -9.51 -6.15 7.96
N HIS B 126 -9.85 -5.06 7.29
CA HIS B 126 -11.11 -4.36 7.49
C HIS B 126 -11.62 -4.00 6.12
N ASP B 127 -12.94 -3.85 6.02
CA ASP B 127 -13.56 -3.62 4.72
C ASP B 127 -13.67 -2.13 4.39
N SER B 128 -13.02 -1.74 3.31
CA SER B 128 -12.75 -0.35 3.02
C SER B 128 -13.57 0.18 1.84
N ASN B 129 -14.72 -0.42 1.56
CA ASN B 129 -15.57 0.05 0.42
C ASN B 129 -17.07 -0.18 0.61
N LYS B 130 -17.42 -1.34 1.19
CA LYS B 130 -18.77 -1.68 1.70
C LYS B 130 -19.38 -0.63 2.67
N GLY B 131 -18.54 0.25 3.22
CA GLY B 131 -18.98 1.38 4.04
C GLY B 131 -19.39 2.58 3.23
N VAL B 132 -20.56 2.46 2.61
CA VAL B 132 -21.17 3.51 1.81
C VAL B 132 -22.66 3.51 2.16
N THR B 133 -23.23 4.70 2.34
CA THR B 133 -24.58 4.84 2.93
C THR B 133 -25.49 5.82 2.16
N ALA B 134 -26.79 5.48 2.10
CA ALA B 134 -27.80 6.29 1.43
C ALA B 134 -27.94 7.70 2.03
N ALA B 135 -27.50 7.87 3.28
CA ALA B 135 -27.48 9.19 3.95
C ALA B 135 -26.62 10.23 3.21
N CYS B 136 -25.54 9.80 2.57
CA CYS B 136 -24.74 10.70 1.73
C CYS B 136 -24.86 10.23 0.30
N PRO B 137 -25.95 10.60 -0.38
CA PRO B 137 -26.13 10.12 -1.75
C PRO B 137 -25.47 11.06 -2.76
N HIS B 138 -25.07 10.48 -3.90
CA HIS B 138 -24.62 11.26 -5.05
C HIS B 138 -25.53 10.98 -6.25
N ALA B 139 -26.53 11.86 -6.41
CA ALA B 139 -27.58 11.75 -7.43
C ALA B 139 -28.39 10.45 -7.30
N GLY B 140 -28.84 10.15 -6.07
CA GLY B 140 -29.71 9.00 -5.80
C GLY B 140 -29.04 7.71 -5.36
N ALA B 141 -27.79 7.48 -5.77
CA ALA B 141 -27.03 6.28 -5.37
C ALA B 141 -26.41 6.46 -3.99
N LYS B 142 -26.18 5.35 -3.30
CA LYS B 142 -25.50 5.36 -1.99
C LYS B 142 -24.08 5.88 -2.17
N SER B 143 -23.58 6.62 -1.19
CA SER B 143 -22.19 7.07 -1.22
C SER B 143 -21.66 7.37 0.21
N PHE B 144 -20.47 7.94 0.26
CA PHE B 144 -19.88 8.43 1.50
C PHE B 144 -18.88 9.54 1.14
N TYR B 145 -18.25 10.10 2.16
CA TYR B 145 -17.34 11.23 1.99
C TYR B 145 -16.12 10.88 1.13
N LYS B 146 -15.66 11.86 0.35
CA LYS B 146 -14.35 11.79 -0.32
C LYS B 146 -13.17 11.65 0.66
N ASN B 147 -12.96 12.64 1.53
CA ASN B 147 -11.73 12.74 2.35
C ASN B 147 -11.64 11.79 3.56
N LEU B 148 -12.68 11.00 3.79
CA LEU B 148 -12.72 9.95 4.81
C LEU B 148 -13.10 8.63 4.19
N ILE B 149 -13.19 7.60 5.01
CA ILE B 149 -13.54 6.28 4.53
C ILE B 149 -14.02 5.43 5.70
N TRP B 150 -15.29 5.10 5.68
CA TRP B 150 -15.92 4.34 6.74
C TRP B 150 -15.42 2.90 6.71
N LEU B 151 -14.68 2.47 7.73
CA LEU B 151 -14.27 1.06 7.83
C LEU B 151 -15.32 0.21 8.54
N VAL B 152 -15.56 -0.97 7.99
CA VAL B 152 -16.55 -1.92 8.46
C VAL B 152 -15.82 -3.25 8.62
N LYS B 153 -16.44 -4.22 9.30
CA LYS B 153 -15.83 -5.55 9.51
C LYS B 153 -15.67 -6.34 8.24
N LYS B 154 -14.79 -7.33 8.32
CA LYS B 154 -14.43 -8.17 7.20
C LYS B 154 -14.75 -9.61 7.58
N GLY B 155 -16.00 -9.99 7.32
CA GLY B 155 -16.49 -11.35 7.55
C GLY B 155 -17.01 -11.59 8.95
N ASN B 156 -16.10 -12.01 9.83
CA ASN B 156 -16.44 -12.36 11.20
C ASN B 156 -15.60 -11.61 12.25
N SER B 157 -14.74 -10.69 11.80
CA SER B 157 -13.87 -10.00 12.75
C SER B 157 -13.45 -8.59 12.29
N TYR B 158 -13.22 -7.77 13.32
CA TYR B 158 -12.68 -6.44 13.24
C TYR B 158 -11.49 -6.45 14.21
N PRO B 159 -10.29 -6.87 13.74
CA PRO B 159 -9.14 -6.86 14.64
C PRO B 159 -8.69 -5.43 15.00
N LYS B 160 -7.94 -5.27 16.10
CA LYS B 160 -7.36 -3.95 16.42
C LYS B 160 -6.72 -3.44 15.16
N LEU B 161 -7.00 -2.19 14.81
CA LEU B 161 -6.19 -1.50 13.81
C LEU B 161 -5.45 -0.42 14.54
N SER B 162 -4.21 -0.19 14.14
CA SER B 162 -3.40 0.82 14.78
C SER B 162 -2.43 1.30 13.75
N LYS B 163 -2.86 2.29 12.99
CA LYS B 163 -2.05 2.89 11.95
C LYS B 163 -1.69 4.29 12.41
N SER B 164 -0.52 4.75 12.00
CA SER B 164 -0.01 6.06 12.39
C SER B 164 0.52 6.83 11.17
N TYR B 165 0.40 8.14 11.21
CA TYR B 165 1.02 9.01 10.20
C TYR B 165 2.20 9.74 10.83
N ILE B 166 3.28 9.86 10.09
CA ILE B 166 4.39 10.72 10.49
C ILE B 166 4.43 11.83 9.43
N ASN B 167 4.55 13.07 9.90
CA ASN B 167 4.38 14.25 9.03
C ASN B 167 5.72 14.76 8.51
N ASP B 168 6.08 14.36 7.31
CA ASP B 168 7.21 14.94 6.63
C ASP B 168 6.60 15.70 5.50
N LYS B 169 5.94 16.80 5.85
CA LYS B 169 5.54 17.84 4.91
C LYS B 169 6.22 19.19 5.19
N GLY B 170 6.83 19.35 6.36
CA GLY B 170 7.39 20.64 6.77
C GLY B 170 6.36 21.68 7.18
N LYS B 171 5.11 21.27 7.38
CA LYS B 171 4.03 22.21 7.67
C LYS B 171 2.87 21.42 8.24
N GLU B 172 2.03 22.11 9.01
CA GLU B 172 0.98 21.44 9.77
C GLU B 172 0.09 20.64 8.84
N VAL B 173 -0.31 19.47 9.29
CA VAL B 173 -1.18 18.64 8.50
C VAL B 173 -2.48 18.61 9.21
N LEU B 174 -3.50 19.17 8.59
CA LEU B 174 -4.86 19.06 9.11
C LEU B 174 -5.40 17.66 8.81
N VAL B 175 -5.73 16.92 9.85
CA VAL B 175 -6.39 15.62 9.75
C VAL B 175 -7.79 15.78 10.30
N LEU B 176 -8.74 15.08 9.71
CA LEU B 176 -10.09 15.03 10.24
C LEU B 176 -10.53 13.60 10.15
N TRP B 177 -11.32 13.19 11.12
CA TRP B 177 -11.86 11.85 11.14
C TRP B 177 -13.24 11.88 11.71
N GLY B 178 -13.88 10.71 11.72
CA GLY B 178 -15.18 10.58 12.32
C GLY B 178 -15.33 9.35 13.16
N ILE B 179 -16.28 9.41 14.09
CA ILE B 179 -16.63 8.28 14.91
C ILE B 179 -18.12 8.00 14.70
N HIS B 180 -18.43 6.77 14.34
CA HIS B 180 -19.81 6.36 14.17
C HIS B 180 -20.35 5.96 15.53
N HIS B 181 -21.61 6.32 15.80
CA HIS B 181 -22.36 5.88 16.96
C HIS B 181 -23.68 5.25 16.42
N PRO B 182 -23.76 3.91 16.33
CA PRO B 182 -24.97 3.31 15.78
C PRO B 182 -26.16 3.34 16.73
N SER B 183 -27.31 2.95 16.19
CA SER B 183 -28.60 3.10 16.84
C SER B 183 -28.93 1.97 17.82
N THR B 184 -28.67 0.73 17.42
CA THR B 184 -29.00 -0.44 18.28
C THR B 184 -27.92 -1.52 18.19
N SER B 185 -27.93 -2.41 19.18
CA SER B 185 -27.09 -3.62 19.23
C SER B 185 -26.94 -4.38 17.90
N ALA B 186 -28.01 -4.40 17.10
CA ALA B 186 -27.97 -5.00 15.75
C ALA B 186 -26.88 -4.38 14.89
N ASP B 187 -26.93 -3.04 14.76
CA ASP B 187 -25.95 -2.26 13.98
C ASP B 187 -24.49 -2.37 14.46
N GLN B 188 -24.29 -2.59 15.76
CA GLN B 188 -22.94 -2.78 16.28
C GLN B 188 -22.43 -4.18 15.90
N GLN B 189 -23.20 -5.23 16.17
CA GLN B 189 -22.82 -6.61 15.79
C GLN B 189 -22.87 -6.90 14.29
N SER B 190 -23.62 -6.11 13.54
CA SER B 190 -23.60 -6.17 12.09
C SER B 190 -22.28 -5.59 11.57
N LEU B 191 -22.05 -4.31 11.87
CA LEU B 191 -20.94 -3.57 11.29
C LEU B 191 -19.59 -3.91 11.89
N TYR B 192 -19.52 -4.02 13.21
CA TYR B 192 -18.22 -4.06 13.90
C TYR B 192 -17.88 -5.28 14.77
N GLN B 193 -18.81 -6.23 14.88
CA GLN B 193 -18.60 -7.47 15.65
C GLN B 193 -18.46 -7.37 17.19
N ASN B 194 -17.87 -6.29 17.72
CA ASN B 194 -17.53 -6.20 19.15
C ASN B 194 -18.34 -5.10 19.83
N ALA B 195 -19.08 -5.48 20.86
CA ALA B 195 -19.78 -4.51 21.70
C ALA B 195 -18.77 -3.69 22.52
N ASP B 196 -17.69 -4.34 22.98
CA ASP B 196 -16.68 -3.66 23.80
C ASP B 196 -15.70 -2.86 22.92
N ALA B 197 -16.25 -2.06 22.02
CA ALA B 197 -15.47 -1.41 20.99
C ALA B 197 -15.00 -0.07 21.51
N TYR B 198 -13.94 0.44 20.91
CA TYR B 198 -13.42 1.75 21.25
C TYR B 198 -12.71 2.34 20.06
N VAL B 199 -12.25 3.56 20.25
CA VAL B 199 -11.35 4.23 19.31
C VAL B 199 -10.33 4.96 20.15
N PHE B 200 -9.21 5.31 19.55
CA PHE B 200 -8.31 6.27 20.14
C PHE B 200 -7.61 7.05 19.05
N VAL B 201 -7.40 8.34 19.29
CA VAL B 201 -6.48 9.13 18.48
C VAL B 201 -5.51 9.83 19.41
N GLY B 202 -4.22 9.71 19.11
CA GLY B 202 -3.17 10.37 19.90
C GLY B 202 -2.17 11.10 19.02
N SER B 203 -1.56 12.14 19.59
CA SER B 203 -0.40 12.77 19.00
C SER B 203 0.40 13.48 20.10
N SER B 204 1.32 14.37 19.71
CA SER B 204 2.01 15.27 20.65
C SER B 204 1.25 16.59 20.92
N ARG B 205 -0.03 16.65 20.53
CA ARG B 205 -0.95 17.72 21.01
C ARG B 205 -2.38 17.23 21.45
N TYR B 206 -2.84 16.08 20.93
CA TYR B 206 -4.21 15.58 21.15
C TYR B 206 -4.15 14.23 21.85
N SER B 207 -5.24 13.84 22.51
CA SER B 207 -5.39 12.49 23.09
C SER B 207 -6.84 12.26 23.54
N LYS B 208 -7.47 11.19 23.08
CA LYS B 208 -8.87 10.92 23.42
C LYS B 208 -9.31 9.51 23.02
N LYS B 209 -9.91 8.79 23.96
CA LYS B 209 -10.69 7.62 23.60
C LYS B 209 -12.13 8.08 23.30
N PHE B 210 -12.77 7.35 22.39
CA PHE B 210 -14.19 7.48 22.11
C PHE B 210 -14.79 6.08 22.19
N LYS B 211 -15.94 5.96 22.83
CA LYS B 211 -16.68 4.71 22.78
C LYS B 211 -17.97 4.92 21.98
N PRO B 212 -18.63 3.82 21.59
CA PRO B 212 -19.92 3.94 20.89
C PRO B 212 -21.05 4.33 21.85
N GLU B 213 -21.99 5.11 21.32
CA GLU B 213 -23.12 5.62 22.09
C GLU B 213 -24.30 5.02 21.39
N ILE B 214 -24.93 4.05 22.05
CA ILE B 214 -25.76 3.07 21.37
C ILE B 214 -27.24 3.24 21.76
N ALA B 215 -27.97 4.06 20.99
CA ALA B 215 -29.40 4.33 21.24
C ALA B 215 -30.13 4.97 20.04
N ILE B 216 -31.45 4.75 19.96
CA ILE B 216 -32.31 5.29 18.89
C ILE B 216 -32.64 6.77 19.13
N ARG B 217 -32.65 7.55 18.04
CA ARG B 217 -32.79 9.01 18.09
C ARG B 217 -33.77 9.54 17.00
N PRO B 218 -34.04 10.88 16.99
CA PRO B 218 -34.83 11.46 15.89
C PRO B 218 -34.04 11.54 14.57
N LYS B 219 -34.45 10.75 13.59
CA LYS B 219 -33.79 10.70 12.27
C LYS B 219 -33.68 12.10 11.67
N VAL B 220 -32.54 12.41 11.03
CA VAL B 220 -32.32 13.71 10.37
C VAL B 220 -32.19 13.55 8.84
N ARG B 221 -31.51 12.49 8.38
CA ARG B 221 -31.56 12.12 6.97
C ARG B 221 -31.77 10.60 6.82
N ASP B 222 -32.72 10.06 7.60
CA ASP B 222 -33.17 8.64 7.57
C ASP B 222 -32.26 7.68 8.31
N GLN B 223 -31.57 8.19 9.33
CA GLN B 223 -30.63 7.40 10.13
C GLN B 223 -30.87 7.63 11.63
N GLU B 224 -31.20 6.56 12.35
CA GLU B 224 -31.48 6.63 13.79
C GLU B 224 -30.22 6.89 14.65
N GLY B 225 -29.05 6.48 14.16
CA GLY B 225 -27.77 6.75 14.81
C GLY B 225 -27.12 8.05 14.37
N ARG B 226 -25.88 8.24 14.82
CA ARG B 226 -25.12 9.47 14.56
C ARG B 226 -23.65 9.18 14.32
N MET B 227 -22.91 10.22 13.93
CA MET B 227 -21.51 10.09 13.59
C MET B 227 -20.81 11.44 13.73
N ASN B 228 -19.92 11.56 14.70
CA ASN B 228 -19.28 12.84 15.02
C ASN B 228 -17.95 13.00 14.29
N TYR B 229 -17.56 14.25 14.11
CA TYR B 229 -16.56 14.63 13.12
C TYR B 229 -15.47 15.50 13.74
N TYR B 230 -14.37 14.88 14.14
CA TYR B 230 -13.34 15.58 14.91
C TYR B 230 -12.18 15.97 13.99
N TRP B 231 -11.17 16.62 14.56
CA TRP B 231 -10.01 17.03 13.80
C TRP B 231 -8.85 17.40 14.71
N THR B 232 -7.72 17.72 14.10
CA THR B 232 -6.52 18.16 14.82
C THR B 232 -5.51 18.74 13.83
N LEU B 233 -4.40 19.27 14.34
CA LEU B 233 -3.29 19.77 13.54
C LEU B 233 -2.03 19.03 13.95
N VAL B 234 -1.24 18.56 12.98
CA VAL B 234 -0.06 17.78 13.33
C VAL B 234 1.20 18.57 13.03
N GLU B 235 1.99 18.82 14.09
CA GLU B 235 3.25 19.56 14.00
C GLU B 235 4.18 18.85 13.07
N PRO B 236 4.87 19.58 12.17
CA PRO B 236 5.81 18.90 11.25
C PRO B 236 6.83 18.04 12.00
N GLY B 237 6.83 16.73 11.75
CA GLY B 237 7.72 15.77 12.44
C GLY B 237 7.06 14.87 13.48
N ASP B 238 5.86 15.26 13.93
CA ASP B 238 5.11 14.53 14.92
C ASP B 238 4.31 13.36 14.32
N LYS B 239 4.11 12.32 15.14
CA LYS B 239 3.23 11.20 14.80
C LYS B 239 1.80 11.51 15.25
N ILE B 240 0.85 10.96 14.51
CA ILE B 240 -0.54 10.91 14.92
C ILE B 240 -1.00 9.48 14.69
N THR B 241 -1.56 8.84 15.71
CA THR B 241 -1.97 7.43 15.58
C THR B 241 -3.46 7.28 15.76
N PHE B 242 -4.05 6.38 14.99
CA PHE B 242 -5.44 6.02 15.13
C PHE B 242 -5.47 4.58 15.52
N GLU B 243 -6.15 4.30 16.62
CA GLU B 243 -6.32 2.96 17.10
C GLU B 243 -7.80 2.72 17.16
N ALA B 244 -8.25 1.53 16.80
CA ALA B 244 -9.66 1.20 16.85
C ALA B 244 -9.91 -0.29 17.05
N THR B 245 -11.04 -0.62 17.70
CA THR B 245 -11.66 -1.96 17.63
C THR B 245 -13.04 -1.92 16.95
N GLY B 246 -13.37 -0.76 16.35
CA GLY B 246 -14.69 -0.50 15.75
C GLY B 246 -14.99 0.99 15.65
N ASN B 247 -16.07 1.32 14.94
CA ASN B 247 -16.70 2.65 14.99
C ASN B 247 -15.86 3.82 14.48
N LEU B 248 -14.67 3.55 13.93
CA LEU B 248 -13.81 4.61 13.43
C LEU B 248 -14.07 4.77 11.94
N VAL B 249 -14.34 6.03 11.56
CA VAL B 249 -14.22 6.49 10.19
C VAL B 249 -12.83 7.11 10.05
N VAL B 250 -11.90 6.31 9.57
CA VAL B 250 -10.52 6.77 9.37
C VAL B 250 -10.47 7.83 8.29
N PRO B 251 -9.46 8.72 8.34
CA PRO B 251 -9.24 9.61 7.22
C PRO B 251 -8.60 8.88 6.05
N ARG B 252 -8.75 9.46 4.88
CA ARG B 252 -8.06 8.98 3.70
C ARG B 252 -7.21 10.14 3.16
N TYR B 253 -7.85 11.27 2.88
CA TYR B 253 -7.15 12.47 2.48
C TYR B 253 -7.02 13.44 3.65
N ALA B 254 -5.94 14.22 3.60
CA ALA B 254 -5.58 15.17 4.65
C ALA B 254 -4.92 16.38 3.98
N PHE B 255 -4.64 17.42 4.75
CA PHE B 255 -4.29 18.73 4.19
C PHE B 255 -3.03 19.32 4.83
N ALA B 256 -1.98 19.49 4.01
CA ALA B 256 -0.78 20.19 4.43
C ALA B 256 -1.06 21.65 4.17
N MET B 257 -1.12 22.46 5.25
CA MET B 257 -1.48 23.89 5.16
C MET B 257 -0.51 24.83 5.92
N GLU B 258 0.09 25.75 5.16
CA GLU B 258 0.85 26.88 5.70
C GLU B 258 -0.15 27.93 6.21
N ARG B 259 0.28 28.72 7.18
CA ARG B 259 -0.61 29.61 7.90
C ARG B 259 -0.48 31.07 7.50
N ASN B 260 -1.63 31.72 7.35
CA ASN B 260 -1.72 33.17 7.15
C ASN B 260 -2.42 33.67 8.42
N ALA B 261 -2.82 34.94 8.44
CA ALA B 261 -3.49 35.52 9.64
C ALA B 261 -4.39 36.71 9.31
N GLY B 262 -5.54 36.78 10.00
CA GLY B 262 -6.39 38.00 10.03
C GLY B 262 -7.56 38.03 9.07
N SER B 263 -8.51 37.11 9.26
CA SER B 263 -9.69 36.99 8.38
C SER B 263 -10.85 36.25 9.07
N GLY B 264 -11.98 36.19 8.36
CA GLY B 264 -13.15 35.43 8.77
C GLY B 264 -13.95 34.84 7.62
N ILE B 265 -15.16 34.35 7.94
CA ILE B 265 -16.10 33.81 6.97
C ILE B 265 -17.27 34.77 6.75
N ILE B 266 -17.49 35.16 5.51
CA ILE B 266 -18.62 35.99 5.09
C ILE B 266 -19.70 35.08 4.52
N ILE B 267 -20.96 35.45 4.68
CA ILE B 267 -22.08 34.66 4.12
C ILE B 267 -22.83 35.51 3.08
N SER B 268 -22.45 35.38 1.81
CA SER B 268 -22.89 36.29 0.74
C SER B 268 -23.65 35.62 -0.41
N ASP B 269 -24.16 36.46 -1.33
CA ASP B 269 -24.75 36.01 -2.61
C ASP B 269 -24.23 36.75 -3.86
N THR B 270 -23.64 37.94 -3.69
CA THR B 270 -22.93 38.62 -4.80
C THR B 270 -21.74 37.77 -5.24
N PRO B 271 -21.64 37.47 -6.56
CA PRO B 271 -20.48 36.68 -7.00
C PRO B 271 -19.12 37.37 -6.84
N VAL B 272 -18.08 36.63 -7.19
CA VAL B 272 -16.72 37.17 -7.22
C VAL B 272 -16.60 37.87 -8.56
N HIS B 273 -15.72 38.87 -8.66
CA HIS B 273 -15.41 39.49 -9.95
C HIS B 273 -13.91 39.81 -10.08
N ASP B 274 -13.43 39.82 -11.33
CA ASP B 274 -11.99 39.90 -11.62
C ASP B 274 -11.48 41.34 -11.50
N CYS B 275 -10.80 41.64 -10.39
CA CYS B 275 -10.44 43.01 -10.02
C CYS B 275 -9.32 43.05 -8.99
N ASN B 276 -8.35 43.95 -9.20
CA ASN B 276 -7.33 44.25 -8.18
C ASN B 276 -7.91 45.28 -7.19
N THR B 277 -8.07 44.88 -5.93
CA THR B 277 -8.62 45.76 -4.87
C THR B 277 -7.93 45.47 -3.53
N THR B 278 -7.96 46.43 -2.61
CA THR B 278 -7.23 46.36 -1.33
C THR B 278 -8.13 46.55 -0.08
N CYS B 279 -9.35 46.00 -0.15
CA CYS B 279 -10.23 45.78 1.01
C CYS B 279 -11.55 45.13 0.56
N GLN B 280 -12.33 44.67 1.54
CA GLN B 280 -13.58 43.97 1.32
C GLN B 280 -14.45 43.97 2.57
N THR B 281 -15.76 43.81 2.36
CA THR B 281 -16.76 43.66 3.42
C THR B 281 -17.77 42.60 2.93
N PRO B 282 -18.90 42.38 3.66
CA PRO B 282 -19.88 41.38 3.19
C PRO B 282 -20.49 41.65 1.83
N LYS B 283 -20.72 42.91 1.51
CA LYS B 283 -21.38 43.29 0.26
C LYS B 283 -20.63 44.29 -0.64
N GLY B 284 -19.42 44.71 -0.26
CA GLY B 284 -18.68 45.66 -1.09
C GLY B 284 -17.30 46.09 -0.61
N ALA B 285 -16.36 46.14 -1.55
CA ALA B 285 -14.97 46.55 -1.29
C ALA B 285 -14.76 48.03 -0.96
N ILE B 286 -13.50 48.37 -0.69
CA ILE B 286 -13.02 49.74 -0.65
C ILE B 286 -11.64 49.81 -1.32
N ASN B 287 -11.56 50.46 -2.48
CA ASN B 287 -10.29 50.68 -3.20
C ASN B 287 -9.47 51.79 -2.51
N THR B 288 -8.86 51.45 -1.36
CA THR B 288 -8.26 52.43 -0.44
C THR B 288 -6.72 52.59 -0.47
N SER B 289 -6.30 53.81 -0.78
CA SER B 289 -5.00 54.36 -0.36
C SER B 289 -5.25 55.70 0.39
N LEU B 290 -6.43 55.82 1.02
CA LEU B 290 -6.90 57.03 1.72
C LEU B 290 -7.44 56.62 3.11
N PRO B 291 -7.54 57.58 4.07
CA PRO B 291 -7.46 57.22 5.48
C PRO B 291 -8.69 56.61 6.16
N PHE B 292 -9.90 56.78 5.63
CA PHE B 292 -11.14 56.35 6.36
C PHE B 292 -12.32 55.83 5.50
N GLN B 293 -13.30 55.20 6.18
CA GLN B 293 -14.46 54.48 5.57
C GLN B 293 -15.85 55.02 6.04
N ASN B 294 -16.89 54.23 5.75
CA ASN B 294 -18.26 54.52 6.14
C ASN B 294 -19.30 53.39 5.94
N ILE B 295 -18.96 52.11 6.16
CA ILE B 295 -19.98 51.08 5.86
C ILE B 295 -20.57 49.93 6.74
N HIS B 296 -19.80 49.15 7.49
CA HIS B 296 -20.42 48.01 8.19
C HIS B 296 -19.45 47.47 9.27
N PRO B 297 -19.98 46.80 10.33
CA PRO B 297 -19.13 46.15 11.35
C PRO B 297 -18.49 44.77 10.99
N ILE B 298 -18.32 44.46 9.70
CA ILE B 298 -17.57 43.28 9.25
C ILE B 298 -16.50 43.76 8.25
N THR B 299 -15.38 44.23 8.79
CA THR B 299 -14.24 44.70 7.99
C THR B 299 -13.14 43.62 8.01
N ILE B 300 -12.47 43.43 6.87
CA ILE B 300 -11.58 42.29 6.65
C ILE B 300 -10.15 42.76 6.29
N GLY B 301 -9.18 42.52 7.17
CA GLY B 301 -7.76 42.73 6.88
C GLY B 301 -7.25 44.14 7.12
N LYS B 302 -6.74 44.80 6.06
CA LYS B 302 -6.28 46.20 6.11
C LYS B 302 -7.39 47.19 5.70
N CYS B 303 -8.64 46.93 6.11
CA CYS B 303 -9.75 47.83 5.80
C CYS B 303 -9.75 48.96 6.82
N PRO B 304 -10.12 50.20 6.39
CA PRO B 304 -9.89 51.40 7.23
C PRO B 304 -10.49 51.30 8.63
N LYS B 305 -9.83 51.93 9.60
CA LYS B 305 -10.29 51.90 10.99
C LYS B 305 -11.70 52.49 11.08
N TYR B 306 -12.62 51.75 11.70
CA TYR B 306 -14.07 51.90 11.49
C TYR B 306 -14.63 53.28 11.83
N VAL B 307 -14.88 54.08 10.79
CA VAL B 307 -15.72 55.27 10.90
C VAL B 307 -16.86 55.19 9.92
N LYS B 308 -17.84 56.06 10.14
CA LYS B 308 -19.06 56.20 9.30
C LYS B 308 -19.25 57.64 8.71
N SER B 309 -18.26 58.53 8.91
CA SER B 309 -18.36 59.97 8.62
C SER B 309 -18.28 60.21 7.12
N THR B 310 -19.08 61.15 6.62
CA THR B 310 -18.93 61.67 5.26
C THR B 310 -18.10 62.96 5.33
N LYS B 311 -18.65 63.99 5.95
CA LYS B 311 -18.04 65.33 5.93
C LYS B 311 -17.32 65.66 7.24
N LEU B 312 -16.06 66.04 7.12
CA LEU B 312 -15.40 66.94 8.08
C LEU B 312 -14.13 67.52 7.44
N ARG B 313 -14.19 68.81 7.09
CA ARG B 313 -13.13 69.51 6.35
C ARG B 313 -12.71 70.79 7.10
N GLU C 1 -7.75 -18.14 24.32
CA GLU C 1 -6.63 -17.20 24.64
C GLU C 1 -5.54 -17.24 23.55
N VAL C 2 -4.57 -16.34 23.68
CA VAL C 2 -3.51 -16.16 22.70
C VAL C 2 -2.15 -16.49 23.34
N GLN C 3 -1.33 -17.26 22.64
CA GLN C 3 -0.07 -17.76 23.19
C GLN C 3 1.12 -17.56 22.28
N LEU C 4 2.31 -17.69 22.87
CA LEU C 4 3.57 -17.35 22.24
C LEU C 4 4.69 -18.10 22.91
N VAL C 5 5.18 -19.15 22.26
CA VAL C 5 6.14 -20.04 22.89
C VAL C 5 7.49 -19.86 22.25
N GLU C 6 8.44 -19.36 23.03
CA GLU C 6 9.82 -19.29 22.59
C GLU C 6 10.49 -20.62 22.79
N SER C 7 11.49 -20.87 21.97
CA SER C 7 12.36 -22.00 22.17
C SER C 7 13.59 -21.79 21.32
N GLY C 8 14.72 -22.33 21.78
CA GLY C 8 15.94 -22.27 21.00
C GLY C 8 17.18 -22.17 21.83
N GLY C 9 17.04 -21.55 23.00
CA GLY C 9 18.16 -21.17 23.85
C GLY C 9 19.11 -22.27 24.26
N GLY C 10 20.25 -21.86 24.80
CA GLY C 10 21.22 -22.76 25.42
C GLY C 10 22.64 -22.22 25.51
N LEU C 11 23.57 -23.14 25.76
CA LEU C 11 25.00 -22.85 25.84
C LEU C 11 25.50 -22.55 24.47
N VAL C 12 26.23 -21.44 24.33
CA VAL C 12 26.89 -21.12 23.06
C VAL C 12 28.33 -20.70 23.28
N GLN C 13 29.20 -21.21 22.41
CA GLN C 13 30.61 -20.86 22.48
C GLN C 13 30.76 -19.53 21.71
N PRO C 14 31.16 -18.41 22.40
CA PRO C 14 31.17 -17.06 21.79
C PRO C 14 31.83 -17.00 20.44
N GLY C 15 31.27 -16.18 19.57
CA GLY C 15 31.48 -16.29 18.14
C GLY C 15 30.65 -17.40 17.52
N GLY C 16 29.80 -18.05 18.32
CA GLY C 16 28.95 -19.13 17.85
C GLY C 16 27.59 -18.61 17.41
N SER C 17 26.71 -19.55 17.07
CA SER C 17 25.39 -19.22 16.54
C SER C 17 24.29 -19.99 17.22
N LEU C 18 23.08 -19.51 16.99
CA LEU C 18 21.92 -20.01 17.69
C LEU C 18 20.70 -19.41 17.09
N ARG C 19 19.59 -20.15 17.13
CA ARG C 19 18.37 -19.77 16.42
C ARG C 19 17.12 -19.96 17.28
N LEU C 20 16.68 -18.84 17.85
CA LEU C 20 15.48 -18.81 18.67
C LEU C 20 14.26 -18.86 17.78
N SER C 21 13.16 -19.31 18.34
CA SER C 21 11.93 -19.41 17.57
C SER C 21 10.77 -19.13 18.48
N CYS C 22 9.81 -18.37 17.94
CA CYS C 22 8.61 -17.98 18.63
C CYS C 22 7.44 -18.60 17.89
N ALA C 23 6.74 -19.51 18.55
CA ALA C 23 5.58 -20.18 17.97
C ALA C 23 4.35 -19.48 18.49
N ALA C 24 3.61 -18.84 17.59
CA ALA C 24 2.34 -18.23 17.96
C ALA C 24 1.26 -19.32 17.96
N SER C 25 0.14 -19.01 18.60
CA SER C 25 -1.03 -19.88 18.69
C SER C 25 -2.20 -19.10 19.29
N GLY C 26 -3.31 -19.06 18.56
CA GLY C 26 -4.42 -18.19 18.88
C GLY C 26 -4.43 -16.99 17.97
N PHE C 27 -3.39 -16.83 17.17
CA PHE C 27 -3.42 -15.89 16.04
C PHE C 27 -2.51 -16.34 14.91
N THR C 28 -2.81 -15.87 13.72
CA THR C 28 -1.93 -16.03 12.59
C THR C 28 -0.95 -14.87 12.68
N ILE C 29 0.34 -15.20 12.65
CA ILE C 29 1.43 -14.24 12.91
C ILE C 29 1.58 -13.16 11.83
N GLY C 30 0.95 -13.40 10.67
CA GLY C 30 1.05 -12.57 9.49
C GLY C 30 0.62 -11.12 9.61
N ASP C 31 -0.68 -10.87 9.79
CA ASP C 31 -1.18 -9.49 9.75
C ASP C 31 -0.86 -8.77 11.08
N PHE C 32 -0.46 -9.55 12.08
CA PHE C 32 0.28 -9.00 13.20
C PHE C 32 1.75 -8.92 12.84
N GLY C 33 2.58 -8.46 13.77
CA GLY C 33 4.03 -8.61 13.67
C GLY C 33 4.56 -9.06 15.02
N ILE C 34 5.87 -9.09 15.18
CA ILE C 34 6.42 -9.66 16.39
C ILE C 34 7.81 -9.11 16.70
N HIS C 35 8.01 -8.67 17.94
CA HIS C 35 9.28 -8.03 18.36
C HIS C 35 10.00 -9.02 19.22
N TRP C 36 11.33 -8.96 19.21
CA TRP C 36 12.13 -9.72 20.13
C TRP C 36 12.81 -8.73 21.11
N VAL C 37 12.53 -8.90 22.40
CA VAL C 37 12.98 -7.99 23.44
C VAL C 37 13.63 -8.88 24.44
N ARG C 38 14.95 -8.76 24.59
CA ARG C 38 15.65 -9.57 25.56
C ARG C 38 15.77 -8.81 26.86
N GLN C 39 16.36 -9.49 27.85
CA GLN C 39 16.55 -8.99 29.21
C GLN C 39 17.71 -9.73 29.85
N ALA C 40 18.81 -9.00 30.10
CA ALA C 40 20.01 -9.58 30.72
C ALA C 40 19.71 -10.11 32.12
N PRO C 41 20.65 -10.89 32.70
CA PRO C 41 20.42 -11.33 34.08
C PRO C 41 20.16 -10.15 35.07
N GLY C 42 18.89 -10.04 35.50
CA GLY C 42 18.40 -8.99 36.41
C GLY C 42 18.68 -7.55 36.02
N LYS C 43 18.48 -7.21 34.74
CA LYS C 43 19.06 -5.97 34.22
C LYS C 43 18.24 -5.27 33.13
N GLY C 44 16.93 -5.22 33.30
CA GLY C 44 16.06 -4.37 32.46
C GLY C 44 15.94 -4.74 30.99
N LEU C 45 14.90 -4.21 30.34
CA LEU C 45 14.50 -4.73 29.04
C LEU C 45 15.16 -3.98 27.89
N GLU C 46 15.61 -4.71 26.89
CA GLU C 46 16.22 -4.14 25.70
C GLU C 46 15.49 -4.66 24.48
N TRP C 47 15.13 -3.76 23.58
CA TRP C 47 14.58 -4.17 22.32
C TRP C 47 15.77 -4.48 21.46
N VAL C 48 15.74 -5.62 20.75
CA VAL C 48 16.79 -5.93 19.75
C VAL C 48 16.29 -6.04 18.34
N ALA C 49 15.05 -6.44 18.13
CA ALA C 49 14.56 -6.67 16.75
C ALA C 49 13.03 -6.63 16.61
N GLY C 50 12.56 -6.50 15.38
CA GLY C 50 11.14 -6.70 15.06
C GLY C 50 10.83 -6.91 13.59
N ILE C 51 9.71 -7.53 13.32
CA ILE C 51 9.30 -7.84 11.95
C ILE C 51 7.81 -7.61 11.76
N TRP C 52 7.46 -7.18 10.55
CA TRP C 52 6.07 -7.09 10.13
C TRP C 52 5.91 -7.86 8.80
N PRO C 53 5.48 -9.13 8.89
CA PRO C 53 5.38 -9.97 7.70
C PRO C 53 4.58 -9.36 6.54
N PHE C 54 3.26 -9.17 6.68
CA PHE C 54 2.46 -8.53 5.64
C PHE C 54 3.23 -7.36 5.02
N GLY C 55 3.60 -6.37 5.84
CA GLY C 55 4.28 -5.16 5.34
C GLY C 55 5.54 -5.48 4.54
N GLY C 56 6.23 -6.53 5.01
CA GLY C 56 7.44 -7.04 4.38
C GLY C 56 8.71 -6.40 4.95
N TYR C 57 8.76 -6.15 6.26
CA TYR C 57 9.86 -5.35 6.82
C TYR C 57 10.50 -5.95 8.06
N THR C 58 11.73 -5.51 8.34
CA THR C 58 12.51 -5.90 9.50
C THR C 58 13.30 -4.72 9.96
N TYR C 59 13.22 -4.44 11.25
CA TYR C 59 13.96 -3.37 11.90
C TYR C 59 14.85 -4.04 12.95
N TYR C 60 16.03 -3.49 13.22
CA TYR C 60 16.89 -4.01 14.31
C TYR C 60 17.40 -2.89 15.20
N ALA C 61 17.81 -3.26 16.40
CA ALA C 61 18.65 -2.39 17.22
C ALA C 61 20.11 -2.51 16.78
N ASP C 62 20.88 -1.51 17.17
CA ASP C 62 22.24 -1.38 16.67
C ASP C 62 23.15 -2.33 17.37
N SER C 63 22.83 -2.67 18.61
CA SER C 63 23.68 -3.61 19.35
C SER C 63 23.85 -4.90 18.59
N VAL C 64 22.78 -5.33 17.91
CA VAL C 64 22.74 -6.59 17.18
C VAL C 64 22.59 -6.47 15.66
N LYS C 65 22.64 -5.26 15.09
CA LYS C 65 22.45 -5.09 13.62
C LYS C 65 23.47 -5.89 12.81
N GLY C 66 22.99 -6.49 11.72
CA GLY C 66 23.83 -7.33 10.88
C GLY C 66 24.44 -8.54 11.58
N ARG C 67 24.14 -8.73 12.86
CA ARG C 67 24.49 -9.94 13.62
C ARG C 67 23.28 -10.83 13.76
N PHE C 68 22.17 -10.23 14.17
CA PHE C 68 20.94 -10.97 14.29
C PHE C 68 20.11 -10.74 13.05
N THR C 69 19.21 -11.69 12.78
CA THR C 69 18.38 -11.69 11.57
C THR C 69 17.00 -12.24 11.89
N ILE C 70 15.93 -11.54 11.48
CA ILE C 70 14.56 -11.95 11.84
C ILE C 70 13.77 -12.46 10.67
N SER C 71 13.18 -13.63 10.86
CA SER C 71 12.34 -14.24 9.86
C SER C 71 10.94 -14.37 10.40
N ALA C 72 10.08 -14.82 9.51
CA ALA C 72 8.81 -15.39 9.90
C ALA C 72 8.43 -16.37 8.79
N ASP C 73 7.99 -17.55 9.21
CA ASP C 73 7.43 -18.54 8.30
C ASP C 73 5.94 -18.42 8.52
N THR C 74 5.23 -17.89 7.53
CA THR C 74 3.80 -17.73 7.64
C THR C 74 3.11 -19.10 7.79
N SER C 75 3.66 -20.15 7.17
CA SER C 75 3.02 -21.49 7.16
C SER C 75 3.11 -22.21 8.51
N LYS C 76 4.33 -22.43 9.01
CA LYS C 76 4.51 -23.01 10.34
C LYS C 76 3.91 -22.10 11.43
N ASN C 77 3.77 -20.80 11.11
CA ASN C 77 3.27 -19.75 12.01
C ASN C 77 4.25 -19.55 13.16
N THR C 78 5.37 -18.97 12.80
CA THR C 78 6.51 -18.88 13.67
C THR C 78 7.33 -17.66 13.28
N ALA C 79 7.87 -17.00 14.31
CA ALA C 79 8.91 -16.02 14.09
C ALA C 79 10.20 -16.71 14.46
N TYR C 80 11.28 -16.37 13.75
CA TYR C 80 12.59 -16.83 14.12
C TYR C 80 13.52 -15.65 14.29
N LEU C 81 14.33 -15.65 15.35
CA LEU C 81 15.50 -14.81 15.45
C LEU C 81 16.75 -15.69 15.28
N GLN C 82 17.43 -15.54 14.15
CA GLN C 82 18.71 -16.21 13.89
C GLN C 82 19.76 -15.24 14.34
N MET C 83 20.55 -15.65 15.35
CA MET C 83 21.57 -14.81 15.98
C MET C 83 22.91 -15.51 15.93
N ASN C 84 23.86 -14.92 15.19
CA ASN C 84 25.23 -15.44 15.10
C ASN C 84 26.34 -14.39 15.39
N SER C 85 27.59 -14.88 15.43
CA SER C 85 28.72 -14.10 15.92
C SER C 85 28.39 -13.50 17.28
N LEU C 86 27.94 -14.37 18.18
CA LEU C 86 27.55 -13.99 19.51
C LEU C 86 28.76 -13.66 20.40
N ARG C 87 28.88 -12.42 20.80
CA ARG C 87 29.69 -12.14 21.99
C ARG C 87 28.86 -12.43 23.27
N ALA C 88 29.58 -12.55 24.38
CA ALA C 88 29.01 -12.96 25.66
C ALA C 88 28.10 -11.93 26.36
N GLU C 89 28.18 -10.67 25.93
CA GLU C 89 27.25 -9.62 26.39
C GLU C 89 25.81 -10.03 26.15
N ASP C 90 25.56 -10.64 24.99
CA ASP C 90 24.24 -11.13 24.54
C ASP C 90 23.51 -12.10 25.49
N THR C 91 24.26 -12.84 26.30
CA THR C 91 23.71 -13.70 27.32
C THR C 91 22.58 -13.05 28.12
N ALA C 92 21.39 -13.57 27.90
CA ALA C 92 20.20 -12.94 28.43
C ALA C 92 18.99 -13.85 28.18
N VAL C 93 17.83 -13.41 28.67
CA VAL C 93 16.56 -14.07 28.43
C VAL C 93 15.85 -13.40 27.22
N TYR C 94 15.59 -14.16 26.18
CA TYR C 94 14.95 -13.61 24.97
C TYR C 94 13.45 -13.87 24.93
N TYR C 95 12.69 -12.79 24.79
CA TYR C 95 11.25 -12.82 24.67
C TYR C 95 10.85 -12.41 23.27
N CYS C 96 9.96 -13.15 22.64
CA CYS C 96 9.18 -12.57 21.55
C CYS C 96 7.96 -11.90 22.15
N ALA C 97 7.35 -11.01 21.39
CA ALA C 97 6.15 -10.34 21.84
C ALA C 97 5.43 -9.82 20.62
N ARG C 98 4.10 -9.86 20.64
CA ARG C 98 3.26 -9.47 19.51
C ARG C 98 2.98 -7.99 19.54
N PHE C 99 2.89 -7.39 18.36
CA PHE C 99 2.56 -5.97 18.27
C PHE C 99 1.83 -5.74 16.93
N VAL C 100 1.32 -4.52 16.75
CA VAL C 100 0.38 -4.19 15.69
C VAL C 100 0.82 -3.04 14.78
N ASN C 101 1.17 -1.91 15.39
CA ASN C 101 1.55 -0.69 14.67
C ASN C 101 3.06 -0.67 14.49
N TRP C 102 3.51 -0.74 13.25
CA TRP C 102 4.93 -0.92 12.96
C TRP C 102 5.71 0.38 12.90
N ASP C 103 5.02 1.52 13.00
CA ASP C 103 5.72 2.77 13.29
C ASP C 103 5.99 2.95 14.76
N GLY C 104 5.36 2.15 15.63
CA GLY C 104 5.56 2.22 17.07
C GLY C 104 4.33 1.82 17.89
N ASP C 105 4.43 0.68 18.57
CA ASP C 105 3.37 0.19 19.45
C ASP C 105 3.97 -0.26 20.79
N TYR C 106 3.07 -0.58 21.69
CA TYR C 106 3.35 -1.35 22.90
C TYR C 106 3.15 -2.86 22.57
N MET C 107 3.19 -3.70 23.59
CA MET C 107 3.12 -5.15 23.46
C MET C 107 1.86 -5.71 24.14
N ASP C 108 0.95 -6.26 23.34
CA ASP C 108 -0.17 -7.08 23.85
C ASP C 108 0.38 -8.30 24.65
N TYR C 109 0.53 -9.47 24.03
CA TYR C 109 0.96 -10.67 24.73
C TYR C 109 2.46 -10.80 24.59
N TRP C 110 3.12 -11.30 25.62
CA TRP C 110 4.53 -11.64 25.56
C TRP C 110 4.62 -13.13 25.71
N GLY C 111 5.78 -13.68 25.35
CA GLY C 111 6.08 -15.08 25.61
C GLY C 111 6.77 -15.29 26.94
N GLN C 112 7.04 -16.56 27.25
CA GLN C 112 7.64 -16.96 28.51
C GLN C 112 9.14 -16.61 28.70
N GLY C 113 9.84 -16.31 27.60
CA GLY C 113 11.30 -16.19 27.58
C GLY C 113 12.00 -17.45 27.09
N THR C 114 13.27 -17.29 26.73
CA THR C 114 14.15 -18.45 26.52
C THR C 114 15.57 -18.05 26.91
N LEU C 115 16.30 -18.93 27.59
CA LEU C 115 17.66 -18.61 28.04
C LEU C 115 18.73 -18.92 27.02
N VAL C 116 19.35 -17.86 26.52
CA VAL C 116 20.56 -17.92 25.73
C VAL C 116 21.73 -17.60 26.65
N THR C 117 22.69 -18.52 26.68
CA THR C 117 23.89 -18.39 27.49
C THR C 117 25.15 -18.55 26.64
N VAL C 118 25.84 -17.43 26.50
CA VAL C 118 27.07 -17.34 25.76
C VAL C 118 28.15 -17.25 26.84
N SER C 119 29.19 -18.09 26.73
CA SER C 119 30.13 -18.30 27.85
C SER C 119 31.59 -18.52 27.53
N SER C 120 31.89 -19.51 26.67
CA SER C 120 33.25 -20.03 26.48
C SER C 120 33.77 -20.89 27.65
N ALA C 121 33.17 -20.78 28.82
CA ALA C 121 33.46 -21.70 29.93
C ALA C 121 33.02 -23.12 29.64
N SER C 122 33.65 -24.05 30.33
CA SER C 122 33.30 -25.46 30.25
C SER C 122 32.40 -25.79 31.44
N THR C 123 31.48 -26.73 31.22
CA THR C 123 30.59 -27.22 32.28
C THR C 123 31.42 -27.92 33.35
N LYS C 124 31.34 -27.44 34.60
CA LYS C 124 32.10 -28.01 35.73
C LYS C 124 31.20 -28.14 36.95
N GLY C 125 31.25 -29.29 37.61
CA GLY C 125 30.57 -29.47 38.89
C GLY C 125 31.16 -28.55 39.94
N PRO C 126 30.56 -28.50 41.15
CA PRO C 126 30.98 -27.47 42.12
C PRO C 126 31.96 -27.98 43.18
N SER C 127 32.98 -27.17 43.50
CA SER C 127 33.79 -27.36 44.71
C SER C 127 32.93 -26.85 45.86
N VAL C 128 32.61 -27.72 46.82
CA VAL C 128 31.80 -27.36 48.00
C VAL C 128 32.69 -27.35 49.24
N PHE C 129 32.86 -26.20 49.87
CA PHE C 129 33.59 -26.12 51.12
C PHE C 129 32.62 -25.88 52.28
N PRO C 130 32.92 -26.43 53.47
CA PRO C 130 32.12 -26.09 54.64
C PRO C 130 32.43 -24.66 55.14
N LEU C 131 31.45 -24.05 55.84
CA LEU C 131 31.61 -22.76 56.53
C LEU C 131 31.76 -22.99 58.03
N ALA C 132 32.70 -22.27 58.65
CA ALA C 132 33.24 -22.61 59.98
C ALA C 132 32.68 -21.81 61.20
N PRO C 133 31.80 -22.43 62.03
CA PRO C 133 31.38 -21.82 63.32
C PRO C 133 32.51 -21.40 64.29
N SER C 134 32.59 -20.11 64.63
CA SER C 134 33.54 -19.59 65.64
C SER C 134 32.93 -18.46 66.49
N SER C 135 32.22 -18.87 67.56
CA SER C 135 31.56 -17.94 68.51
C SER C 135 31.19 -18.70 69.80
N LYS C 136 29.92 -18.65 70.26
CA LYS C 136 29.46 -19.42 71.43
C LYS C 136 28.00 -19.94 71.30
N SER C 137 27.03 -19.25 71.92
CA SER C 137 25.65 -19.74 72.13
C SER C 137 24.62 -18.71 71.57
N THR C 138 23.33 -18.86 71.90
CA THR C 138 22.23 -18.07 71.30
C THR C 138 21.80 -16.88 72.19
N SER C 139 20.63 -16.30 71.89
CA SER C 139 20.15 -15.04 72.50
C SER C 139 21.21 -13.94 72.38
N GLY C 140 21.65 -13.73 71.14
CA GLY C 140 22.74 -12.80 70.78
C GLY C 140 23.59 -13.38 69.67
N GLY C 141 22.99 -13.54 68.48
CA GLY C 141 23.57 -14.32 67.38
C GLY C 141 23.58 -15.80 67.72
N THR C 142 22.58 -16.55 67.22
CA THR C 142 22.34 -17.97 67.58
C THR C 142 23.49 -18.89 67.08
N ALA C 143 23.38 -19.49 65.88
CA ALA C 143 24.48 -20.27 65.29
C ALA C 143 24.33 -20.40 63.77
N ALA C 144 25.18 -19.69 63.04
CA ALA C 144 25.19 -19.71 61.57
C ALA C 144 26.28 -20.66 61.08
N LEU C 145 25.91 -21.47 60.07
CA LEU C 145 26.76 -22.49 59.47
C LEU C 145 26.29 -22.69 58.03
N GLY C 146 27.15 -23.19 57.16
CA GLY C 146 26.79 -23.26 55.75
C GLY C 146 27.77 -23.96 54.85
N CYS C 147 27.52 -23.87 53.53
CA CYS C 147 28.37 -24.43 52.46
C CYS C 147 28.73 -23.35 51.44
N LEU C 148 30.00 -23.23 51.10
CA LEU C 148 30.47 -22.32 50.04
C LEU C 148 30.62 -23.04 48.69
N VAL C 149 29.54 -23.09 47.91
CA VAL C 149 29.54 -23.80 46.63
C VAL C 149 30.23 -22.94 45.56
N LYS C 150 31.50 -23.23 45.31
CA LYS C 150 32.33 -22.43 44.39
C LYS C 150 32.64 -23.17 43.08
N ASP C 151 33.03 -22.38 42.06
CA ASP C 151 33.53 -22.86 40.77
C ASP C 151 32.58 -23.82 40.05
N TYR C 152 31.31 -23.43 39.88
CA TYR C 152 30.41 -24.21 39.00
C TYR C 152 29.96 -23.44 37.77
N PHE C 153 29.67 -24.21 36.72
CA PHE C 153 29.08 -23.66 35.50
C PHE C 153 28.44 -24.77 34.68
N PRO C 154 27.28 -24.51 34.06
CA PRO C 154 26.44 -23.32 34.16
C PRO C 154 25.44 -23.50 35.30
N GLU C 155 24.58 -22.51 35.50
CA GLU C 155 23.59 -22.60 36.57
C GLU C 155 22.56 -23.66 36.23
N PRO C 156 21.80 -24.15 37.22
CA PRO C 156 21.94 -23.83 38.62
C PRO C 156 22.40 -25.02 39.41
N VAL C 157 22.87 -24.73 40.63
CA VAL C 157 22.98 -25.74 41.67
C VAL C 157 21.71 -25.67 42.53
N THR C 158 21.42 -26.78 43.20
CA THR C 158 20.34 -26.90 44.17
C THR C 158 21.08 -27.19 45.45
N VAL C 159 20.90 -26.34 46.46
CA VAL C 159 21.32 -26.68 47.82
C VAL C 159 20.08 -27.17 48.57
N SER C 160 20.27 -28.18 49.41
CA SER C 160 19.21 -28.74 50.27
C SER C 160 19.82 -29.33 51.54
N TRP C 161 19.34 -28.89 52.71
CA TRP C 161 20.00 -29.20 54.00
C TRP C 161 19.42 -30.42 54.74
N ASN C 162 20.30 -31.35 55.13
CA ASN C 162 19.92 -32.59 55.80
C ASN C 162 18.76 -33.30 55.08
N SER C 163 19.00 -33.64 53.80
CA SER C 163 18.00 -34.30 52.91
C SER C 163 16.67 -33.54 52.73
N GLY C 164 16.66 -32.23 53.03
CA GLY C 164 15.43 -31.43 53.01
C GLY C 164 14.69 -31.34 54.34
N ALA C 165 15.17 -32.04 55.36
CA ALA C 165 14.53 -32.09 56.68
C ALA C 165 15.00 -30.94 57.58
N LEU C 166 15.02 -29.73 57.03
CA LEU C 166 15.63 -28.56 57.67
C LEU C 166 15.45 -27.34 56.74
N THR C 167 14.42 -26.53 57.02
CA THR C 167 14.16 -25.29 56.28
C THR C 167 13.96 -24.04 57.17
N SER C 168 14.20 -24.15 58.48
CA SER C 168 14.08 -23.02 59.41
C SER C 168 15.36 -22.20 59.41
N GLY C 169 15.25 -20.98 58.91
CA GLY C 169 16.36 -20.04 58.85
C GLY C 169 17.42 -20.38 57.82
N VAL C 170 17.03 -21.15 56.79
CA VAL C 170 17.93 -21.48 55.67
C VAL C 170 17.93 -20.32 54.66
N HIS C 171 19.13 -19.97 54.17
CA HIS C 171 19.33 -18.86 53.24
C HIS C 171 20.32 -19.19 52.12
N THR C 172 19.85 -19.99 51.16
CA THR C 172 20.55 -20.25 49.88
C THR C 172 20.55 -18.95 49.07
N PHE C 173 21.71 -18.32 48.96
CA PHE C 173 21.85 -17.02 48.26
C PHE C 173 21.70 -17.16 46.72
N PRO C 174 21.62 -16.01 46.01
CA PRO C 174 21.78 -16.01 44.54
C PRO C 174 23.24 -16.22 44.08
N ALA C 175 23.39 -16.85 42.92
CA ALA C 175 24.70 -17.00 42.30
C ALA C 175 25.34 -15.66 41.88
N VAL C 176 26.63 -15.70 41.58
CA VAL C 176 27.37 -14.54 41.06
C VAL C 176 28.46 -14.98 40.07
N LEU C 177 28.36 -14.49 38.83
CA LEU C 177 29.31 -14.85 37.78
C LEU C 177 30.65 -14.28 38.18
N GLN C 178 31.51 -15.12 38.76
CA GLN C 178 32.85 -14.69 39.17
C GLN C 178 33.70 -14.43 37.93
N SER C 179 34.78 -13.68 38.13
CA SER C 179 35.66 -13.28 37.02
C SER C 179 36.16 -14.46 36.17
N SER C 180 36.29 -15.63 36.81
CA SER C 180 36.65 -16.88 36.12
C SER C 180 35.63 -17.42 35.10
N GLY C 181 34.46 -16.81 35.01
CA GLY C 181 33.38 -17.29 34.14
C GLY C 181 32.53 -18.36 34.82
N LEU C 182 32.83 -18.66 36.08
CA LEU C 182 32.14 -19.70 36.84
C LEU C 182 31.31 -19.06 37.95
N TYR C 183 30.05 -19.46 38.01
CA TYR C 183 29.15 -19.00 39.06
C TYR C 183 29.58 -19.59 40.39
N SER C 184 29.35 -18.84 41.47
CA SER C 184 29.45 -19.33 42.86
C SER C 184 28.33 -18.80 43.77
N LEU C 185 28.19 -19.42 44.93
CA LEU C 185 27.24 -18.98 45.94
C LEU C 185 27.63 -19.54 47.29
N SER C 186 26.91 -19.08 48.32
CA SER C 186 26.98 -19.62 49.68
C SER C 186 25.57 -20.10 50.04
N SER C 187 25.45 -20.94 51.07
CA SER C 187 24.13 -21.27 51.63
C SER C 187 24.19 -21.50 53.13
N VAL C 188 23.63 -20.56 53.88
CA VAL C 188 23.81 -20.46 55.32
C VAL C 188 22.51 -20.88 56.00
N VAL C 189 22.62 -21.51 57.17
CA VAL C 189 21.44 -21.84 58.01
C VAL C 189 21.75 -21.52 59.49
N THR C 190 20.76 -20.96 60.18
CA THR C 190 20.86 -20.70 61.61
C THR C 190 20.05 -21.77 62.37
N VAL C 191 20.60 -22.22 63.49
CA VAL C 191 19.94 -23.18 64.42
C VAL C 191 20.44 -22.98 65.86
N PRO C 192 19.66 -23.43 66.87
CA PRO C 192 20.12 -23.26 68.25
C PRO C 192 21.40 -24.04 68.56
N SER C 193 22.39 -23.38 69.17
CA SER C 193 23.62 -24.01 69.72
C SER C 193 23.39 -25.25 70.63
N SER C 194 22.18 -25.37 71.21
CA SER C 194 21.80 -26.54 72.01
C SER C 194 21.44 -27.82 71.23
N SER C 195 21.16 -27.71 69.92
CA SER C 195 20.91 -28.89 69.05
C SER C 195 22.13 -29.35 68.22
N LEU C 196 23.32 -28.75 68.43
CA LEU C 196 24.57 -29.15 67.74
C LEU C 196 25.02 -30.58 68.08
N GLY C 197 24.61 -31.07 69.25
CA GLY C 197 24.87 -32.44 69.68
C GLY C 197 24.12 -33.52 68.92
N THR C 198 22.79 -33.46 68.93
CA THR C 198 21.92 -34.49 68.30
C THR C 198 21.68 -34.23 66.81
N GLN C 199 22.51 -33.39 66.19
CA GLN C 199 22.31 -32.96 64.82
C GLN C 199 23.67 -32.66 64.17
N THR C 200 24.02 -33.44 63.14
CA THR C 200 25.08 -33.07 62.18
C THR C 200 24.40 -32.38 60.99
N TYR C 201 24.87 -31.19 60.64
CA TYR C 201 24.28 -30.43 59.55
C TYR C 201 25.06 -30.74 58.27
N ILE C 202 24.32 -31.13 57.23
CA ILE C 202 24.88 -31.55 55.94
C ILE C 202 24.06 -30.97 54.78
N CYS C 203 24.72 -30.14 53.96
CA CYS C 203 24.13 -29.57 52.74
C CYS C 203 24.27 -30.56 51.60
N ASN C 204 23.22 -30.69 50.77
CA ASN C 204 23.20 -31.64 49.63
C ASN C 204 23.15 -30.87 48.29
N VAL C 205 24.34 -30.51 47.79
CA VAL C 205 24.46 -29.75 46.55
C VAL C 205 24.27 -30.65 45.31
N ASN C 206 23.34 -30.27 44.42
CA ASN C 206 23.05 -31.01 43.20
C ASN C 206 23.17 -30.09 42.00
N HIS C 207 24.33 -30.14 41.34
CA HIS C 207 24.56 -29.45 40.06
C HIS C 207 24.12 -30.35 38.93
N LYS C 208 22.84 -30.28 38.57
CA LYS C 208 22.28 -31.20 37.58
C LYS C 208 22.95 -31.08 36.19
N PRO C 209 23.35 -29.85 35.76
CA PRO C 209 23.99 -29.69 34.43
C PRO C 209 25.20 -30.60 34.12
N SER C 210 26.07 -30.80 35.11
CA SER C 210 27.20 -31.73 35.01
C SER C 210 26.92 -33.10 35.69
N ASN C 211 25.64 -33.43 35.89
CA ASN C 211 25.19 -34.60 36.64
C ASN C 211 25.82 -34.84 38.04
N THR C 212 26.27 -33.75 38.68
CA THR C 212 27.13 -33.78 39.87
C THR C 212 26.32 -33.54 41.15
N LYS C 213 26.44 -34.46 42.12
CA LYS C 213 25.91 -34.30 43.48
C LYS C 213 27.06 -34.35 44.50
N VAL C 214 26.94 -33.54 45.55
CA VAL C 214 27.96 -33.43 46.59
C VAL C 214 27.23 -33.21 47.92
N ASP C 215 27.41 -34.13 48.86
CA ASP C 215 26.98 -33.96 50.26
C ASP C 215 28.21 -33.51 51.07
N LYS C 216 28.06 -32.49 51.90
CA LYS C 216 29.17 -32.03 52.77
C LYS C 216 28.65 -31.63 54.15
N LYS C 217 29.57 -31.40 55.09
CA LYS C 217 29.30 -31.44 56.53
C LYS C 217 29.77 -30.15 57.20
N ALA C 218 28.82 -29.30 57.55
CA ALA C 218 29.12 -28.09 58.30
C ALA C 218 29.07 -28.45 59.79
N GLU C 219 30.24 -28.79 60.35
CA GLU C 219 30.41 -29.12 61.77
C GLU C 219 31.92 -29.26 62.11
N PRO C 220 32.52 -28.29 62.82
CA PRO C 220 33.83 -28.54 63.44
C PRO C 220 33.69 -29.18 64.82
N LYS C 221 33.64 -30.52 64.85
CA LYS C 221 33.44 -31.29 66.09
C LYS C 221 34.16 -32.66 66.00
N SER C 222 33.58 -33.64 65.30
CA SER C 222 34.30 -34.86 64.85
C SER C 222 34.82 -34.63 63.43
N CYS C 223 33.95 -34.10 62.58
CA CYS C 223 34.29 -33.70 61.22
C CYS C 223 35.22 -32.48 61.26
N ASP D 1 17.33 8.42 19.98
CA ASP D 1 17.60 7.33 21.00
C ASP D 1 16.97 7.66 22.35
N ILE D 2 15.66 7.68 22.41
CA ILE D 2 14.92 8.31 23.51
C ILE D 2 15.14 7.51 24.81
N GLN D 3 15.84 8.12 25.78
CA GLN D 3 16.22 7.45 27.04
C GLN D 3 15.16 7.64 28.09
N MET D 4 14.54 6.55 28.50
CA MET D 4 13.62 6.58 29.62
C MET D 4 14.43 6.38 30.88
N THR D 5 14.20 7.28 31.83
CA THR D 5 14.86 7.27 33.14
C THR D 5 13.76 7.28 34.20
N GLN D 6 13.78 6.30 35.10
CA GLN D 6 12.78 6.18 36.16
C GLN D 6 13.28 6.66 37.55
N SER D 7 12.32 7.02 38.40
CA SER D 7 12.57 7.20 39.82
C SER D 7 11.45 6.63 40.68
N PRO D 8 11.78 6.10 41.86
CA PRO D 8 13.15 5.78 42.29
C PRO D 8 13.59 4.47 41.62
N SER D 9 14.84 4.06 41.85
CA SER D 9 15.30 2.71 41.42
C SER D 9 14.50 1.64 42.12
N SER D 10 14.18 1.88 43.38
CA SER D 10 13.19 1.09 44.10
C SER D 10 12.63 1.87 45.29
N LEU D 11 11.55 1.35 45.84
CA LEU D 11 10.97 1.90 47.04
C LEU D 11 10.24 0.78 47.75
N SER D 12 10.19 0.89 49.07
CA SER D 12 9.43 -0.03 49.91
C SER D 12 8.19 0.69 50.39
N ALA D 13 7.13 -0.07 50.63
CA ALA D 13 5.84 0.49 51.04
C ALA D 13 4.96 -0.62 51.56
N SER D 14 4.05 -0.28 52.47
CA SER D 14 3.17 -1.25 53.16
C SER D 14 1.89 -1.42 52.36
N VAL D 15 0.99 -2.27 52.86
CA VAL D 15 -0.27 -2.55 52.15
C VAL D 15 -1.24 -1.37 52.31
N GLY D 16 -2.08 -1.17 51.31
CA GLY D 16 -3.07 -0.08 51.29
C GLY D 16 -2.57 1.33 50.96
N ASP D 17 -1.33 1.43 50.46
CA ASP D 17 -0.63 2.72 50.28
C ASP D 17 -0.81 3.31 48.91
N ARG D 18 -0.44 4.60 48.81
CA ARG D 18 -0.44 5.33 47.54
C ARG D 18 1.01 5.41 47.04
N VAL D 19 1.32 4.49 46.11
CA VAL D 19 2.64 4.37 45.51
C VAL D 19 2.68 5.20 44.24
N THR D 20 3.85 5.80 43.96
CA THR D 20 4.01 6.75 42.86
C THR D 20 5.40 6.63 42.22
N ILE D 21 5.44 6.17 40.96
CA ILE D 21 6.66 6.02 40.18
C ILE D 21 6.62 7.06 39.07
N THR D 22 7.78 7.61 38.72
CA THR D 22 7.85 8.55 37.60
C THR D 22 8.70 7.98 36.47
N CYS D 23 8.55 8.58 35.29
CA CYS D 23 9.40 8.28 34.15
C CYS D 23 9.62 9.59 33.42
N ARG D 24 10.88 9.95 33.20
CA ARG D 24 11.24 11.12 32.42
C ARG D 24 11.97 10.68 31.16
N ALA D 25 11.58 11.29 30.05
CA ALA D 25 12.10 10.97 28.73
C ALA D 25 13.06 12.06 28.21
N SER D 26 14.00 11.64 27.36
CA SER D 26 14.90 12.58 26.65
C SER D 26 14.17 13.71 25.91
N GLN D 27 13.32 13.32 24.97
CA GLN D 27 12.61 14.27 24.13
C GLN D 27 11.10 14.07 24.24
N ASP D 28 10.32 14.99 23.65
CA ASP D 28 8.86 14.91 23.65
C ASP D 28 8.40 13.54 23.08
N VAL D 29 7.44 12.93 23.78
CA VAL D 29 6.88 11.64 23.35
C VAL D 29 5.35 11.61 23.46
N GLY D 30 4.71 12.77 23.53
CA GLY D 30 3.25 12.87 23.56
C GLY D 30 2.66 11.96 24.59
N PHE D 31 1.98 10.90 24.16
CA PHE D 31 1.47 9.87 25.08
C PHE D 31 1.96 8.50 24.66
N TYR D 32 3.00 8.46 23.82
CA TYR D 32 3.49 7.22 23.20
C TYR D 32 4.23 6.40 24.26
N VAL D 33 3.48 5.92 25.26
CA VAL D 33 4.07 5.40 26.50
C VAL D 33 3.15 4.39 27.21
N ALA D 34 3.79 3.47 27.91
CA ALA D 34 3.11 2.37 28.54
C ALA D 34 3.78 2.01 29.86
N TRP D 35 3.13 1.10 30.56
CA TRP D 35 3.66 0.60 31.79
C TRP D 35 3.48 -0.91 31.81
N TYR D 36 4.54 -1.59 32.20
CA TYR D 36 4.51 -3.03 32.40
C TYR D 36 4.87 -3.36 33.86
N GLN D 37 4.47 -4.56 34.27
CA GLN D 37 4.75 -5.10 35.58
C GLN D 37 5.45 -6.41 35.31
N GLN D 38 6.63 -6.57 35.87
CA GLN D 38 7.29 -7.86 35.82
C GLN D 38 7.24 -8.46 37.21
N LYS D 39 6.97 -9.76 37.30
CA LYS D 39 7.14 -10.49 38.54
C LYS D 39 8.38 -11.42 38.44
N PRO D 40 8.91 -11.89 39.59
CA PRO D 40 10.05 -12.80 39.62
C PRO D 40 10.00 -13.92 38.58
N GLY D 41 10.82 -13.77 37.54
CA GLY D 41 11.03 -14.80 36.51
C GLY D 41 10.03 -14.87 35.37
N LYS D 42 9.13 -13.88 35.26
CA LYS D 42 8.01 -13.97 34.32
C LYS D 42 8.12 -12.94 33.23
N ALA D 43 7.29 -13.11 32.22
CA ALA D 43 7.18 -12.14 31.14
C ALA D 43 6.55 -10.89 31.69
N PRO D 44 6.86 -9.71 31.13
CA PRO D 44 6.13 -8.49 31.50
C PRO D 44 4.66 -8.57 31.10
N LYS D 45 3.76 -8.15 31.99
CA LYS D 45 2.34 -8.00 31.66
C LYS D 45 2.11 -6.54 31.43
N LEU D 46 1.20 -6.21 30.53
CA LEU D 46 0.89 -4.82 30.24
C LEU D 46 -0.03 -4.32 31.33
N LEU D 47 0.07 -3.01 31.58
CA LEU D 47 -0.83 -2.29 32.49
C LEU D 47 -1.49 -1.10 31.77
N ILE D 48 -0.68 -0.18 31.28
CA ILE D 48 -1.15 1.08 30.74
C ILE D 48 -0.69 1.24 29.32
N SER D 49 -1.57 1.80 28.50
CA SER D 49 -1.28 2.20 27.15
C SER D 49 -1.51 3.68 27.03
N TRP D 50 -0.84 4.28 26.05
CA TRP D 50 -1.04 5.67 25.68
C TRP D 50 -1.01 6.61 26.88
N SER D 51 0.14 6.65 27.55
CA SER D 51 0.34 7.37 28.80
C SER D 51 -0.48 6.90 30.01
N SER D 52 -1.78 6.60 29.82
CA SER D 52 -2.77 6.65 30.90
C SER D 52 -4.02 5.73 30.81
N TYR D 53 -4.08 4.79 29.87
CA TYR D 53 -5.31 4.04 29.63
C TYR D 53 -5.13 2.62 30.12
N LEU D 54 -6.17 2.06 30.71
CA LEU D 54 -6.02 0.83 31.49
C LEU D 54 -5.96 -0.39 30.56
N TYR D 55 -6.40 -1.57 31.01
CA TYR D 55 -6.42 -2.76 30.13
C TYR D 55 -7.27 -3.84 30.78
N SER D 56 -8.04 -4.56 29.97
CA SER D 56 -8.99 -5.55 30.47
C SER D 56 -8.30 -6.56 31.40
N GLY D 57 -8.92 -6.80 32.56
CA GLY D 57 -8.35 -7.66 33.60
C GLY D 57 -7.58 -6.90 34.66
N VAL D 58 -6.90 -5.82 34.25
CA VAL D 58 -6.00 -5.04 35.13
C VAL D 58 -6.87 -4.23 36.12
N PRO D 59 -6.70 -4.47 37.45
CA PRO D 59 -7.59 -3.81 38.44
C PRO D 59 -7.42 -2.29 38.48
N SER D 60 -8.49 -1.56 38.81
CA SER D 60 -8.58 -0.11 38.54
C SER D 60 -7.66 0.80 39.36
N ARG D 61 -7.02 0.25 40.39
CA ARG D 61 -6.00 0.97 41.19
C ARG D 61 -4.87 1.63 40.36
N PHE D 62 -4.42 0.89 39.35
CA PHE D 62 -3.37 1.34 38.44
C PHE D 62 -3.87 2.48 37.53
N SER D 63 -3.00 3.46 37.27
CA SER D 63 -3.42 4.71 36.64
C SER D 63 -2.21 5.53 36.20
N GLY D 64 -1.97 5.54 34.89
CA GLY D 64 -0.89 6.32 34.28
C GLY D 64 -1.33 7.76 34.14
N SER D 65 -0.37 8.67 34.00
CA SER D 65 -0.65 10.11 33.87
C SER D 65 0.48 10.85 33.15
N GLY D 66 0.15 12.03 32.63
CA GLY D 66 1.12 12.92 32.01
C GLY D 66 1.17 12.87 30.49
N SER D 67 2.16 13.59 29.96
CA SER D 67 2.43 13.62 28.52
C SER D 67 3.87 14.13 28.32
N GLY D 68 4.14 14.82 27.20
CA GLY D 68 5.42 15.52 26.96
C GLY D 68 6.67 14.68 27.16
N THR D 69 7.34 14.92 28.29
CA THR D 69 8.45 14.08 28.76
C THR D 69 8.35 13.86 30.28
N ASP D 70 7.17 13.49 30.77
CA ASP D 70 6.99 13.23 32.21
C ASP D 70 5.71 12.42 32.49
N PHE D 71 5.87 11.23 33.07
CA PHE D 71 4.78 10.26 33.23
C PHE D 71 4.80 9.66 34.62
N THR D 72 3.64 9.19 35.07
CA THR D 72 3.45 8.71 36.42
C THR D 72 2.50 7.52 36.48
N LEU D 73 3.00 6.36 36.90
CA LEU D 73 2.13 5.24 37.24
C LEU D 73 1.83 5.40 38.73
N THR D 74 0.65 4.97 39.13
CA THR D 74 0.18 5.11 40.50
C THR D 74 -0.58 3.86 40.88
N ILE D 75 -0.53 3.53 42.17
CA ILE D 75 -1.32 2.44 42.73
C ILE D 75 -2.03 2.99 43.97
N SER D 76 -3.35 3.21 43.86
CA SER D 76 -4.10 3.94 44.89
C SER D 76 -4.17 3.20 46.22
N SER D 77 -4.62 1.94 46.15
CA SER D 77 -4.55 1.04 47.30
C SER D 77 -3.66 -0.13 46.92
N LEU D 78 -2.39 -0.05 47.30
CA LEU D 78 -1.43 -1.13 47.04
C LEU D 78 -1.94 -2.43 47.67
N GLN D 79 -1.54 -3.57 47.12
CA GLN D 79 -2.06 -4.86 47.54
C GLN D 79 -0.88 -5.81 47.68
N PRO D 80 -1.11 -7.06 48.13
CA PRO D 80 0.01 -8.00 48.34
C PRO D 80 0.67 -8.55 47.07
N GLU D 81 -0.11 -8.77 46.00
CA GLU D 81 0.47 -9.23 44.73
C GLU D 81 1.19 -8.11 43.96
N ASP D 82 0.74 -6.86 44.12
CA ASP D 82 1.33 -5.69 43.44
C ASP D 82 2.80 -5.38 43.74
N PHE D 83 3.47 -6.17 44.60
CA PHE D 83 4.91 -6.02 44.81
C PHE D 83 5.68 -6.66 43.65
N ALA D 84 6.48 -5.84 42.96
CA ALA D 84 7.05 -6.22 41.66
C ALA D 84 7.91 -5.09 41.08
N THR D 85 8.55 -5.34 39.94
CA THR D 85 9.29 -4.32 39.20
C THR D 85 8.39 -3.74 38.11
N TYR D 86 8.46 -2.44 37.92
CA TYR D 86 7.59 -1.72 37.01
C TYR D 86 8.41 -1.03 35.96
N TYR D 87 8.25 -1.46 34.70
CA TYR D 87 8.94 -0.86 33.56
C TYR D 87 8.08 0.11 32.75
N CYS D 88 8.78 1.10 32.24
CA CYS D 88 8.23 2.24 31.55
C CYS D 88 8.77 2.11 30.14
N GLN D 89 7.89 1.95 29.15
CA GLN D 89 8.30 1.83 27.76
C GLN D 89 7.70 2.99 27.00
N GLN D 90 8.50 3.64 26.14
CA GLN D 90 7.98 4.57 25.14
C GLN D 90 7.94 3.86 23.81
N TYR D 91 7.10 4.38 22.91
CA TYR D 91 7.05 3.87 21.55
C TYR D 91 6.88 4.99 20.54
N TYR D 92 7.63 6.07 20.72
CA TYR D 92 7.57 7.20 19.81
C TYR D 92 8.42 7.00 18.54
N ASN D 93 9.56 6.34 18.68
CA ASN D 93 10.29 5.86 17.52
C ASN D 93 11.26 4.74 17.90
N TYR D 94 11.85 4.12 16.87
CA TYR D 94 12.83 3.04 17.05
C TYR D 94 14.23 3.65 17.32
N PRO D 95 15.01 3.05 18.23
CA PRO D 95 14.73 1.83 18.95
C PRO D 95 13.65 2.04 20.02
N LEU D 96 12.82 1.02 20.21
CA LEU D 96 11.87 1.02 21.30
C LEU D 96 12.69 0.92 22.54
N THR D 97 12.43 1.81 23.49
CA THR D 97 13.24 1.87 24.69
C THR D 97 12.38 1.60 25.89
N PHE D 98 13.01 1.04 26.91
CA PHE D 98 12.35 0.84 28.19
C PHE D 98 13.16 1.60 29.23
N GLY D 99 12.58 1.75 30.43
CA GLY D 99 13.29 2.28 31.57
C GLY D 99 14.11 1.20 32.25
N GLN D 100 15.00 1.66 33.11
CA GLN D 100 15.75 0.81 34.05
C GLN D 100 14.92 -0.16 34.92
N GLY D 101 13.67 0.18 35.21
CA GLY D 101 12.83 -0.63 36.12
C GLY D 101 12.81 -0.10 37.55
N THR D 102 11.62 -0.07 38.15
CA THR D 102 11.40 0.43 39.52
C THR D 102 10.70 -0.62 40.40
N LYS D 103 11.42 -1.09 41.41
CA LYS D 103 10.98 -2.21 42.22
C LYS D 103 10.19 -1.73 43.43
N VAL D 104 9.08 -2.42 43.67
CA VAL D 104 8.17 -2.11 44.74
C VAL D 104 8.25 -3.29 45.67
N GLU D 105 8.72 -3.01 46.90
CA GLU D 105 9.01 -4.03 47.91
C GLU D 105 8.18 -3.78 49.17
N ILE D 106 8.05 -4.80 50.02
CA ILE D 106 7.31 -4.70 51.29
C ILE D 106 8.14 -3.92 52.31
N LYS D 107 7.47 -2.99 53.02
CA LYS D 107 8.06 -2.22 54.12
C LYS D 107 7.76 -2.88 55.49
N ARG D 108 8.79 -2.95 56.35
CA ARG D 108 8.69 -3.50 57.70
C ARG D 108 9.42 -2.57 58.69
N THR D 109 9.40 -2.91 59.97
CA THR D 109 10.13 -2.17 61.03
C THR D 109 11.59 -2.61 61.10
N VAL D 110 12.51 -1.64 61.23
CA VAL D 110 13.98 -1.91 61.14
C VAL D 110 14.36 -3.07 62.05
N ALA D 111 14.77 -4.19 61.45
CA ALA D 111 15.56 -5.21 62.17
C ALA D 111 17.02 -5.00 61.81
N ALA D 112 17.90 -5.52 62.66
CA ALA D 112 19.34 -5.32 62.48
C ALA D 112 20.01 -6.67 62.24
N PRO D 113 21.18 -6.65 61.57
CA PRO D 113 21.77 -7.90 61.12
C PRO D 113 22.37 -8.73 62.25
N SER D 114 22.07 -10.02 62.29
CA SER D 114 22.93 -10.98 62.97
C SER D 114 24.14 -11.15 62.05
N VAL D 115 25.31 -10.68 62.48
CA VAL D 115 26.55 -10.76 61.69
C VAL D 115 27.45 -11.90 62.19
N PHE D 116 27.83 -12.80 61.28
CA PHE D 116 28.77 -13.88 61.55
C PHE D 116 30.01 -13.68 60.68
N ILE D 117 31.01 -14.53 60.92
CA ILE D 117 32.29 -14.46 60.19
C ILE D 117 32.80 -15.89 60.06
N PHE D 118 33.13 -16.28 58.83
CA PHE D 118 33.43 -17.66 58.51
C PHE D 118 34.84 -17.76 57.95
N PRO D 119 35.77 -18.44 58.69
CA PRO D 119 37.11 -18.64 58.16
C PRO D 119 37.16 -19.69 57.01
N PRO D 120 38.14 -19.56 56.08
CA PRO D 120 38.29 -20.52 54.98
C PRO D 120 38.70 -21.90 55.47
N SER D 121 37.93 -22.92 55.06
CA SER D 121 38.28 -24.31 55.32
C SER D 121 39.55 -24.67 54.55
N ASP D 122 40.30 -25.62 55.09
CA ASP D 122 41.65 -25.92 54.60
C ASP D 122 41.69 -26.65 53.24
N GLU D 123 40.55 -27.20 52.80
CA GLU D 123 40.44 -27.82 51.47
C GLU D 123 40.59 -26.78 50.37
N GLN D 124 39.95 -25.63 50.58
CA GLN D 124 40.10 -24.44 49.74
C GLN D 124 41.52 -23.83 49.77
N LEU D 125 42.21 -23.96 50.90
CA LEU D 125 43.61 -23.50 51.02
C LEU D 125 44.60 -24.41 50.28
N LYS D 126 44.49 -25.72 50.48
CA LYS D 126 45.25 -26.70 49.67
C LYS D 126 44.79 -26.79 48.21
N SER D 127 43.79 -25.99 47.81
CA SER D 127 43.55 -25.63 46.40
C SER D 127 44.43 -24.46 45.91
N GLY D 128 44.96 -23.64 46.81
CA GLY D 128 45.69 -22.42 46.46
C GLY D 128 44.80 -21.18 46.31
N THR D 129 43.72 -21.11 47.08
CA THR D 129 42.82 -19.92 47.13
C THR D 129 42.20 -19.72 48.53
N ALA D 130 41.61 -18.55 48.75
CA ALA D 130 41.10 -18.19 50.08
C ALA D 130 39.97 -17.16 50.03
N SER D 131 38.76 -17.63 50.37
CA SER D 131 37.56 -16.80 50.45
C SER D 131 37.07 -16.80 51.89
N VAL D 132 36.77 -15.61 52.42
CA VAL D 132 36.21 -15.46 53.77
C VAL D 132 34.77 -14.92 53.65
N VAL D 133 33.84 -15.55 54.36
CA VAL D 133 32.40 -15.25 54.25
C VAL D 133 31.85 -14.48 55.46
N CYS D 134 31.52 -13.20 55.24
CA CYS D 134 30.83 -12.38 56.23
C CYS D 134 29.35 -12.44 55.90
N LEU D 135 28.53 -12.68 56.92
CA LEU D 135 27.08 -12.83 56.80
C LEU D 135 26.36 -11.72 57.56
N LEU D 136 25.22 -11.29 57.03
CA LEU D 136 24.26 -10.43 57.75
C LEU D 136 22.94 -11.18 57.61
N ASN D 137 22.20 -11.31 58.71
CA ASN D 137 20.97 -12.06 58.68
C ASN D 137 19.75 -11.18 58.88
N ASN D 138 18.61 -11.67 58.40
CA ASN D 138 17.27 -11.17 58.72
C ASN D 138 17.25 -9.71 59.20
N PHE D 139 17.59 -8.80 58.27
CA PHE D 139 17.58 -7.36 58.54
C PHE D 139 16.79 -6.60 57.47
N TYR D 140 16.21 -5.46 57.88
CA TYR D 140 15.56 -4.51 56.97
C TYR D 140 16.03 -3.08 57.36
N PRO D 141 16.26 -2.18 56.37
CA PRO D 141 16.24 -2.35 54.90
C PRO D 141 17.60 -2.81 54.33
N ARG D 142 17.63 -3.02 53.00
CA ARG D 142 18.80 -3.56 52.26
C ARG D 142 20.03 -2.67 52.40
N GLU D 143 19.80 -1.36 52.58
CA GLU D 143 20.87 -0.37 52.72
C GLU D 143 21.83 -0.73 53.85
N ALA D 144 22.95 -1.35 53.48
CA ALA D 144 24.00 -1.81 54.40
C ALA D 144 25.35 -1.84 53.67
N LYS D 145 26.39 -1.37 54.35
CA LYS D 145 27.72 -1.22 53.76
C LYS D 145 28.72 -2.05 54.57
N VAL D 146 29.16 -3.18 54.00
CA VAL D 146 30.15 -4.06 54.66
C VAL D 146 31.55 -3.72 54.11
N GLN D 147 32.46 -3.38 55.04
CA GLN D 147 33.87 -3.05 54.72
C GLN D 147 34.77 -4.04 55.45
N TRP D 148 35.76 -4.59 54.73
CA TRP D 148 36.56 -5.69 55.24
C TRP D 148 37.87 -5.18 55.85
N LYS D 149 38.36 -5.92 56.84
CA LYS D 149 39.56 -5.56 57.63
C LYS D 149 40.51 -6.75 57.80
N VAL D 150 41.57 -6.76 57.00
CA VAL D 150 42.68 -7.73 57.15
C VAL D 150 43.74 -7.15 58.09
N ASP D 151 43.74 -7.63 59.34
CA ASP D 151 44.59 -7.08 60.41
C ASP D 151 44.47 -5.54 60.47
N ASN D 152 43.24 -5.05 60.47
CA ASN D 152 42.94 -3.61 60.42
C ASN D 152 43.57 -2.91 59.18
N ALA D 153 42.93 -3.10 58.02
CA ALA D 153 43.35 -2.50 56.74
C ALA D 153 42.21 -2.62 55.71
N LEU D 154 41.67 -1.49 55.24
CA LEU D 154 40.48 -1.49 54.37
C LEU D 154 40.78 -2.04 52.98
N GLN D 155 39.86 -2.84 52.44
CA GLN D 155 40.06 -3.59 51.18
C GLN D 155 39.69 -2.79 49.94
N SER D 156 38.46 -2.27 49.90
CA SER D 156 37.97 -1.39 48.82
C SER D 156 38.29 -1.93 47.41
N GLY D 157 37.59 -2.99 47.01
CA GLY D 157 37.77 -3.62 45.71
C GLY D 157 37.21 -5.03 45.69
N ASN D 158 38.10 -6.01 45.54
CA ASN D 158 37.72 -7.43 45.36
C ASN D 158 36.87 -8.05 46.49
N SER D 159 35.57 -7.79 46.46
CA SER D 159 34.63 -8.45 47.36
C SER D 159 33.22 -8.40 46.77
N GLN D 160 32.57 -9.56 46.70
CA GLN D 160 31.27 -9.70 46.07
C GLN D 160 30.20 -9.70 47.16
N GLU D 161 29.44 -8.61 47.21
CA GLU D 161 28.20 -8.58 48.00
C GLU D 161 27.14 -9.34 47.18
N SER D 162 26.38 -10.23 47.84
CA SER D 162 25.29 -10.97 47.18
C SER D 162 24.05 -11.03 48.06
N VAL D 163 23.10 -10.15 47.78
CA VAL D 163 21.92 -9.98 48.64
C VAL D 163 20.79 -10.90 48.20
N THR D 164 20.20 -11.61 49.14
CA THR D 164 19.01 -12.41 48.87
C THR D 164 17.80 -11.52 48.60
N GLU D 165 16.77 -12.11 48.00
CA GLU D 165 15.49 -11.42 47.92
C GLU D 165 14.85 -11.49 49.30
N GLN D 166 14.06 -10.47 49.65
CA GLN D 166 13.47 -10.39 51.00
C GLN D 166 12.45 -11.50 51.28
N ASP D 167 12.43 -11.91 52.54
CA ASP D 167 11.87 -13.21 52.95
C ASP D 167 10.35 -13.27 52.85
N SER D 168 9.82 -14.46 52.62
CA SER D 168 8.37 -14.67 52.53
C SER D 168 7.66 -14.34 53.85
N LYS D 169 8.32 -14.66 54.96
CA LYS D 169 7.75 -14.44 56.31
C LYS D 169 8.04 -13.03 56.86
N ASP D 170 9.21 -12.82 57.47
CA ASP D 170 9.50 -11.57 58.19
C ASP D 170 9.83 -10.34 57.30
N SER D 171 10.01 -10.57 56.00
CA SER D 171 10.21 -9.51 54.99
C SER D 171 11.55 -8.78 55.15
N THR D 172 12.58 -9.59 55.37
CA THR D 172 13.93 -9.14 55.68
C THR D 172 14.98 -9.74 54.75
N TYR D 173 16.05 -8.96 54.58
CA TYR D 173 17.19 -9.30 53.75
C TYR D 173 18.29 -9.95 54.57
N SER D 174 18.89 -11.00 54.01
CA SER D 174 20.21 -11.48 54.42
C SER D 174 21.22 -11.11 53.32
N LEU D 175 22.50 -11.12 53.66
CA LEU D 175 23.54 -10.70 52.73
C LEU D 175 24.90 -11.31 53.05
N SER D 176 25.45 -12.05 52.10
CA SER D 176 26.81 -12.57 52.21
C SER D 176 27.74 -11.57 51.53
N SER D 177 28.76 -11.13 52.24
CA SER D 177 29.94 -10.59 51.60
C SER D 177 30.98 -11.73 51.60
N THR D 178 31.72 -11.87 50.50
CA THR D 178 32.81 -12.85 50.39
C THR D 178 34.09 -12.12 49.98
N LEU D 179 35.21 -12.43 50.63
CA LEU D 179 36.51 -11.80 50.31
C LEU D 179 37.48 -12.82 49.72
N THR D 180 37.65 -12.75 48.40
CA THR D 180 38.50 -13.68 47.66
C THR D 180 39.97 -13.20 47.67
N LEU D 181 40.89 -14.14 47.95
CA LEU D 181 42.34 -13.93 47.84
C LEU D 181 43.02 -15.22 47.41
N SER D 182 44.30 -15.12 47.08
CA SER D 182 45.15 -16.31 46.91
C SER D 182 45.49 -16.92 48.28
N LYS D 183 46.08 -18.12 48.28
CA LYS D 183 46.54 -18.76 49.53
C LYS D 183 47.66 -17.96 50.16
N ALA D 184 48.56 -17.45 49.30
CA ALA D 184 49.71 -16.62 49.71
C ALA D 184 49.36 -15.51 50.70
N ASP D 185 48.30 -14.76 50.40
CA ASP D 185 47.90 -13.58 51.18
C ASP D 185 47.00 -13.91 52.37
N TYR D 186 46.49 -15.14 52.46
CA TYR D 186 45.72 -15.59 53.63
C TYR D 186 46.65 -16.10 54.74
N GLU D 187 47.59 -16.97 54.34
CA GLU D 187 48.52 -17.59 55.31
C GLU D 187 49.53 -16.59 55.89
N LYS D 188 49.79 -15.48 55.19
CA LYS D 188 50.56 -14.36 55.77
C LYS D 188 49.85 -13.81 57.00
N HIS D 189 48.74 -13.10 56.78
CA HIS D 189 48.07 -12.35 57.83
C HIS D 189 47.36 -13.30 58.82
N LYS D 190 46.95 -12.78 59.97
CA LYS D 190 46.40 -13.64 61.05
C LYS D 190 44.96 -13.27 61.43
N VAL D 191 44.76 -12.05 61.95
CA VAL D 191 43.46 -11.62 62.47
C VAL D 191 42.60 -10.91 61.41
N TYR D 192 41.53 -11.57 60.97
CA TYR D 192 40.60 -11.01 59.98
C TYR D 192 39.33 -10.53 60.64
N ALA D 193 38.63 -9.62 59.96
CA ALA D 193 37.37 -9.06 60.46
C ALA D 193 36.54 -8.35 59.39
N CYS D 194 35.20 -8.43 59.53
CA CYS D 194 34.25 -7.72 58.65
C CYS D 194 33.43 -6.73 59.46
N GLU D 195 33.31 -5.50 58.97
CA GLU D 195 32.64 -4.40 59.67
C GLU D 195 31.35 -3.99 58.97
N VAL D 196 30.32 -3.74 59.76
CA VAL D 196 28.94 -3.54 59.30
C VAL D 196 28.48 -2.13 59.66
N THR D 197 28.00 -1.36 58.68
CA THR D 197 27.25 -0.12 58.95
C THR D 197 25.79 -0.37 58.54
N HIS D 198 24.88 -0.28 59.51
CA HIS D 198 23.46 -0.44 59.25
C HIS D 198 22.68 0.56 60.11
N GLN D 199 21.46 0.88 59.69
CA GLN D 199 20.51 1.63 60.55
C GLN D 199 20.30 0.96 61.92
N GLY D 200 19.77 -0.27 61.91
CA GLY D 200 19.41 -1.05 63.12
C GLY D 200 20.43 -1.19 64.24
N LEU D 201 21.71 -1.04 63.89
CA LEU D 201 22.81 -0.97 64.85
C LEU D 201 23.03 0.50 65.16
N SER D 202 22.92 0.89 66.43
CA SER D 202 23.17 2.29 66.81
C SER D 202 24.65 2.69 66.54
N SER D 203 25.59 1.88 67.03
CA SER D 203 27.01 2.03 66.72
C SER D 203 27.51 0.78 65.97
N PRO D 204 28.29 0.95 64.88
CA PRO D 204 28.83 -0.18 64.10
C PRO D 204 29.35 -1.38 64.91
N VAL D 205 28.96 -2.61 64.53
CA VAL D 205 29.54 -3.88 65.04
C VAL D 205 30.58 -4.46 64.08
N THR D 206 31.58 -5.16 64.63
CA THR D 206 32.58 -5.93 63.87
C THR D 206 32.65 -7.35 64.46
N LYS D 207 32.96 -8.35 63.62
CA LYS D 207 33.26 -9.71 64.10
C LYS D 207 34.64 -10.08 63.58
N SER D 208 35.40 -10.84 64.38
CA SER D 208 36.79 -11.17 64.03
C SER D 208 37.14 -12.65 64.26
N PHE D 209 38.20 -13.09 63.57
CA PHE D 209 38.85 -14.36 63.83
C PHE D 209 40.36 -14.24 63.55
N ASN D 210 41.15 -14.99 64.32
CA ASN D 210 42.61 -15.07 64.17
C ASN D 210 42.95 -16.43 63.59
N ARG D 211 43.44 -16.42 62.35
CA ARG D 211 43.96 -17.61 61.63
C ARG D 211 44.47 -18.74 62.55
N GLY D 212 43.58 -19.67 62.89
CA GLY D 212 43.89 -20.79 63.79
C GLY D 212 43.08 -20.80 65.07
N GLU D 213 43.14 -19.71 65.84
CA GLU D 213 42.48 -19.60 67.15
C GLU D 213 40.97 -19.43 67.00
N CYS D 214 40.19 -20.33 67.61
CA CYS D 214 38.77 -20.50 67.28
C CYS D 214 37.82 -19.78 68.22
N GLU E 1 -18.30 -16.61 -19.44
CA GLU E 1 -18.63 -15.57 -20.46
C GLU E 1 -18.42 -14.17 -19.88
N VAL E 2 -17.51 -13.42 -20.51
CA VAL E 2 -17.22 -12.04 -20.08
C VAL E 2 -18.30 -11.10 -20.64
N GLN E 3 -18.77 -10.15 -19.83
CA GLN E 3 -19.93 -9.34 -20.21
C GLN E 3 -19.91 -7.91 -19.63
N LEU E 4 -20.26 -6.92 -20.46
CA LEU E 4 -20.39 -5.53 -20.03
C LEU E 4 -21.68 -4.86 -20.56
N VAL E 5 -22.80 -5.57 -20.41
CA VAL E 5 -24.12 -5.07 -20.83
C VAL E 5 -24.53 -3.73 -20.16
N GLU E 6 -24.67 -2.69 -20.99
CA GLU E 6 -24.89 -1.31 -20.54
C GLU E 6 -26.36 -0.89 -20.79
N SER E 7 -27.00 -0.28 -19.79
CA SER E 7 -28.46 0.01 -19.83
C SER E 7 -28.86 1.38 -19.27
N GLY E 8 -30.00 1.91 -19.75
CA GLY E 8 -30.64 3.11 -19.19
C GLY E 8 -30.42 4.44 -19.89
N GLY E 9 -30.11 4.41 -21.19
CA GLY E 9 -29.86 5.63 -21.98
C GLY E 9 -31.08 6.04 -22.79
N GLY E 10 -31.06 7.26 -23.30
CA GLY E 10 -32.17 7.72 -24.15
C GLY E 10 -32.19 9.21 -24.43
N LEU E 11 -33.40 9.74 -24.61
CA LEU E 11 -33.64 11.17 -24.85
C LEU E 11 -33.68 11.93 -23.53
N VAL E 12 -33.18 13.18 -23.51
CA VAL E 12 -33.28 14.06 -22.33
C VAL E 12 -33.14 15.55 -22.66
N GLN E 13 -33.80 16.39 -21.85
CA GLN E 13 -33.75 17.85 -21.96
C GLN E 13 -32.35 18.41 -21.63
N PRO E 14 -31.76 19.25 -22.52
CA PRO E 14 -30.49 19.96 -22.27
C PRO E 14 -30.38 20.67 -20.92
N GLY E 15 -29.15 20.75 -20.41
CA GLY E 15 -28.86 21.10 -19.02
C GLY E 15 -29.35 20.04 -18.04
N GLY E 16 -29.53 18.80 -18.51
CA GLY E 16 -30.20 17.73 -17.76
C GLY E 16 -29.29 16.66 -17.16
N SER E 17 -29.91 15.54 -16.82
CA SER E 17 -29.30 14.55 -15.94
C SER E 17 -29.82 13.12 -16.18
N LEU E 18 -28.91 12.21 -16.55
CA LEU E 18 -29.22 10.78 -16.69
C LEU E 18 -28.08 9.91 -16.14
N ARG E 19 -28.44 8.92 -15.31
CA ARG E 19 -27.48 7.91 -14.87
C ARG E 19 -27.48 6.79 -15.88
N LEU E 20 -26.30 6.22 -16.07
CA LEU E 20 -26.07 5.22 -17.10
C LEU E 20 -25.20 4.11 -16.49
N SER E 21 -25.80 2.93 -16.30
CA SER E 21 -25.12 1.79 -15.65
C SER E 21 -24.34 0.87 -16.64
N CYS E 22 -23.25 0.29 -16.16
CA CYS E 22 -22.48 -0.74 -16.86
C CYS E 22 -22.34 -1.94 -15.93
N ALA E 23 -23.12 -2.99 -16.16
CA ALA E 23 -23.12 -4.16 -15.28
C ALA E 23 -22.31 -5.28 -15.89
N ALA E 24 -21.95 -6.26 -15.06
CA ALA E 24 -21.01 -7.31 -15.46
C ALA E 24 -21.44 -8.74 -15.06
N SER E 25 -21.84 -9.52 -16.07
CA SER E 25 -21.94 -10.96 -15.96
C SER E 25 -20.54 -11.58 -16.03
N GLY E 26 -20.38 -12.72 -15.36
CA GLY E 26 -19.16 -13.53 -15.43
C GLY E 26 -18.14 -13.20 -14.36
N PHE E 27 -17.55 -12.01 -14.49
CA PHE E 27 -16.41 -11.60 -13.66
C PHE E 27 -16.82 -10.61 -12.57
N THR E 28 -15.88 -10.29 -11.68
CA THR E 28 -16.15 -9.41 -10.52
C THR E 28 -16.20 -7.90 -10.87
N ILE E 29 -15.46 -7.03 -10.17
CA ILE E 29 -15.35 -5.60 -10.54
C ILE E 29 -14.11 -4.85 -10.00
N GLY E 30 -13.79 -5.00 -8.72
CA GLY E 30 -12.82 -4.14 -8.02
C GLY E 30 -11.36 -4.22 -8.46
N ASP E 31 -10.88 -5.45 -8.63
CA ASP E 31 -9.52 -5.71 -9.18
C ASP E 31 -9.33 -5.21 -10.63
N PHE E 32 -10.40 -5.22 -11.42
CA PHE E 32 -10.44 -4.52 -12.69
C PHE E 32 -10.86 -3.10 -12.44
N GLY E 33 -10.96 -2.33 -13.51
CA GLY E 33 -11.47 -0.96 -13.47
C GLY E 33 -12.14 -0.69 -14.79
N ILE E 34 -13.02 0.30 -14.85
CA ILE E 34 -13.84 0.48 -16.05
C ILE E 34 -13.65 1.86 -16.61
N HIS E 35 -13.66 1.95 -17.93
CA HIS E 35 -13.52 3.21 -18.64
C HIS E 35 -14.78 3.49 -19.48
N TRP E 36 -15.23 4.74 -19.46
CA TRP E 36 -16.31 5.17 -20.32
C TRP E 36 -15.69 5.88 -21.51
N VAL E 37 -15.86 5.28 -22.68
CA VAL E 37 -15.48 5.89 -23.94
C VAL E 37 -16.77 6.06 -24.69
N ARG E 38 -16.97 7.25 -25.24
CA ARG E 38 -18.16 7.53 -26.02
C ARG E 38 -17.74 7.77 -27.46
N GLN E 39 -18.74 7.94 -28.31
CA GLN E 39 -18.53 8.07 -29.75
C GLN E 39 -19.64 8.90 -30.41
N ALA E 40 -19.40 10.20 -30.54
CA ALA E 40 -20.28 11.08 -31.33
C ALA E 40 -20.10 10.67 -32.79
N PRO E 41 -21.21 10.31 -33.48
CA PRO E 41 -21.10 9.59 -34.77
C PRO E 41 -20.19 10.31 -35.78
N GLY E 42 -19.31 9.56 -36.44
CA GLY E 42 -18.41 10.10 -37.48
C GLY E 42 -17.05 10.64 -37.09
N LYS E 43 -16.85 10.95 -35.80
CA LYS E 43 -15.55 11.48 -35.30
C LYS E 43 -14.52 10.36 -35.15
N GLY E 44 -14.90 9.33 -34.36
CA GLY E 44 -13.96 8.31 -33.86
C GLY E 44 -13.90 8.40 -32.34
N LEU E 45 -13.37 7.35 -31.70
CA LEU E 45 -13.56 7.19 -30.25
C LEU E 45 -12.83 8.23 -29.40
N GLU E 46 -13.44 8.58 -28.25
CA GLU E 46 -12.94 9.58 -27.31
C GLU E 46 -13.16 9.09 -25.88
N TRP E 47 -12.08 9.02 -25.08
CA TRP E 47 -12.19 8.60 -23.69
C TRP E 47 -12.63 9.77 -22.78
N VAL E 48 -13.63 9.49 -21.93
CA VAL E 48 -14.25 10.50 -21.02
C VAL E 48 -14.13 10.26 -19.50
N ALA E 49 -14.10 9.01 -19.08
CA ALA E 49 -14.18 8.70 -17.65
C ALA E 49 -13.46 7.39 -17.30
N GLY E 50 -12.88 7.35 -16.09
CA GLY E 50 -12.23 6.13 -15.60
C GLY E 50 -12.25 5.98 -14.08
N ILE E 51 -12.39 4.72 -13.63
CA ILE E 51 -12.49 4.35 -12.22
C ILE E 51 -11.63 3.12 -11.91
N TRP E 52 -10.88 3.19 -10.82
CA TRP E 52 -10.27 2.03 -10.17
C TRP E 52 -10.93 1.87 -8.78
N PRO E 53 -11.81 0.86 -8.62
CA PRO E 53 -12.47 0.59 -7.35
C PRO E 53 -11.59 0.14 -6.19
N PHE E 54 -10.92 -1.02 -6.28
CA PHE E 54 -9.98 -1.47 -5.23
C PHE E 54 -9.09 -0.30 -4.76
N GLY E 55 -8.58 0.49 -5.71
CA GLY E 55 -7.79 1.68 -5.41
C GLY E 55 -8.62 2.75 -4.73
N GLY E 56 -9.83 2.93 -5.27
CA GLY E 56 -10.78 3.92 -4.81
C GLY E 56 -10.76 5.16 -5.67
N TYR E 57 -9.84 5.21 -6.63
CA TYR E 57 -9.52 6.44 -7.37
C TYR E 57 -10.42 6.56 -8.60
N THR E 58 -10.55 7.80 -9.09
CA THR E 58 -11.15 8.10 -10.40
C THR E 58 -10.40 9.26 -11.08
N TYR E 59 -10.36 9.25 -12.40
CA TYR E 59 -9.80 10.35 -13.17
C TYR E 59 -10.70 10.64 -14.39
N TYR E 60 -10.71 11.92 -14.82
CA TYR E 60 -11.61 12.43 -15.89
C TYR E 60 -10.89 13.16 -17.04
N ALA E 61 -11.53 13.18 -18.21
CA ALA E 61 -11.02 13.87 -19.39
C ALA E 61 -11.28 15.35 -19.23
N ASP E 62 -10.45 16.19 -19.85
CA ASP E 62 -10.66 17.65 -19.83
C ASP E 62 -12.14 17.97 -20.09
N SER E 63 -12.68 17.40 -21.18
CA SER E 63 -13.99 17.76 -21.75
C SER E 63 -15.29 17.37 -20.98
N VAL E 64 -15.18 16.63 -19.87
CA VAL E 64 -16.36 16.30 -19.03
C VAL E 64 -16.09 16.47 -17.51
N LYS E 65 -15.24 17.44 -17.18
CA LYS E 65 -14.81 17.71 -15.82
C LYS E 65 -15.95 18.35 -15.04
N GLY E 66 -16.24 17.82 -13.86
CA GLY E 66 -17.24 18.42 -12.97
C GLY E 66 -18.70 18.09 -13.28
N ARG E 67 -18.97 17.51 -14.44
CA ARG E 67 -20.32 17.13 -14.80
C ARG E 67 -20.53 15.65 -14.52
N PHE E 68 -19.71 14.79 -15.13
CA PHE E 68 -19.94 13.36 -14.98
C PHE E 68 -19.15 12.76 -13.78
N THR E 69 -19.74 11.79 -13.10
CA THR E 69 -19.12 11.16 -11.94
C THR E 69 -19.30 9.65 -12.00
N ILE E 70 -18.21 8.90 -11.79
CA ILE E 70 -18.27 7.44 -11.83
C ILE E 70 -18.36 6.87 -10.43
N SER E 71 -19.40 6.04 -10.21
CA SER E 71 -19.56 5.25 -9.00
C SER E 71 -19.58 3.76 -9.37
N ALA E 72 -19.63 2.88 -8.37
CA ALA E 72 -19.66 1.44 -8.60
C ALA E 72 -20.08 0.65 -7.37
N ASP E 73 -21.16 -0.11 -7.51
CA ASP E 73 -21.63 -0.99 -6.44
C ASP E 73 -20.89 -2.33 -6.50
N THR E 74 -20.00 -2.52 -5.53
CA THR E 74 -19.42 -3.82 -5.21
C THR E 74 -20.46 -4.92 -4.99
N SER E 75 -21.58 -4.57 -4.34
CA SER E 75 -22.65 -5.53 -4.04
C SER E 75 -23.36 -6.06 -5.29
N LYS E 76 -23.38 -5.27 -6.36
CA LYS E 76 -24.19 -5.54 -7.56
C LYS E 76 -23.40 -5.78 -8.87
N ASN E 77 -22.08 -5.92 -8.79
CA ASN E 77 -21.18 -6.03 -9.98
C ASN E 77 -21.12 -4.81 -10.90
N THR E 78 -21.83 -3.73 -10.58
CA THR E 78 -22.15 -2.70 -11.55
C THR E 78 -21.37 -1.43 -11.27
N ALA E 79 -21.15 -0.65 -12.33
CA ALA E 79 -20.60 0.69 -12.26
C ALA E 79 -21.56 1.64 -12.95
N TYR E 80 -21.49 2.91 -12.58
CA TYR E 80 -22.50 3.90 -12.97
C TYR E 80 -21.84 5.21 -13.42
N LEU E 81 -22.21 5.73 -14.60
CA LEU E 81 -21.84 7.08 -15.05
C LEU E 81 -23.03 8.06 -14.89
N GLN E 82 -22.98 8.87 -13.84
CA GLN E 82 -23.94 9.95 -13.61
C GLN E 82 -23.55 11.15 -14.50
N MET E 83 -24.41 11.48 -15.48
CA MET E 83 -24.15 12.55 -16.46
C MET E 83 -24.99 13.81 -16.21
N ASN E 84 -24.38 14.82 -15.58
CA ASN E 84 -25.05 16.11 -15.29
C ASN E 84 -24.80 17.15 -16.36
N SER E 85 -25.75 18.08 -16.49
CA SER E 85 -25.63 19.25 -17.35
C SER E 85 -25.30 18.89 -18.82
N LEU E 86 -25.97 17.85 -19.32
CA LEU E 86 -25.74 17.32 -20.67
C LEU E 86 -25.79 18.40 -21.78
N ARG E 87 -25.22 18.08 -22.95
CA ARG E 87 -25.11 19.02 -24.10
C ARG E 87 -25.36 18.27 -25.43
N ALA E 88 -25.22 18.94 -26.57
CA ALA E 88 -25.35 18.27 -27.88
C ALA E 88 -24.06 17.50 -28.25
N GLU E 89 -22.93 17.89 -27.67
CA GLU E 89 -21.64 17.20 -27.88
C GLU E 89 -21.58 15.86 -27.13
N ASP E 90 -22.38 15.75 -26.07
CA ASP E 90 -22.55 14.54 -25.25
C ASP E 90 -23.61 13.55 -25.82
N THR E 91 -24.40 14.00 -26.80
CA THR E 91 -25.29 13.12 -27.53
C THR E 91 -24.35 12.18 -28.24
N ALA E 92 -24.42 10.89 -27.90
CA ALA E 92 -23.44 9.90 -28.36
C ALA E 92 -23.75 8.43 -27.97
N VAL E 93 -22.89 7.55 -28.46
CA VAL E 93 -22.88 6.14 -28.11
C VAL E 93 -21.84 5.98 -27.01
N TYR E 94 -22.27 5.73 -25.78
CA TYR E 94 -21.34 5.58 -24.64
C TYR E 94 -20.97 4.12 -24.38
N TYR E 95 -19.67 3.83 -24.33
CA TYR E 95 -19.18 2.48 -24.07
C TYR E 95 -18.37 2.42 -22.80
N CYS E 96 -18.71 1.46 -21.95
CA CYS E 96 -17.88 1.07 -20.83
C CYS E 96 -16.99 -0.09 -21.30
N ALA E 97 -15.73 -0.09 -20.85
CA ALA E 97 -14.74 -1.08 -21.26
C ALA E 97 -13.81 -1.50 -20.11
N ARG E 98 -13.43 -2.77 -20.10
CA ARG E 98 -12.74 -3.43 -18.98
C ARG E 98 -11.21 -3.24 -19.07
N PHE E 99 -10.59 -3.02 -17.92
CA PHE E 99 -9.32 -2.32 -17.84
C PHE E 99 -8.64 -2.67 -16.51
N VAL E 100 -7.30 -2.68 -16.47
CA VAL E 100 -6.58 -3.21 -15.29
C VAL E 100 -5.50 -2.33 -14.74
N ASN E 101 -4.57 -1.93 -15.59
CA ASN E 101 -3.53 -0.96 -15.19
C ASN E 101 -4.10 0.48 -15.11
N TRP E 102 -4.43 0.95 -13.89
CA TRP E 102 -4.80 2.36 -13.65
C TRP E 102 -3.77 3.38 -14.13
N ASP E 103 -2.54 2.96 -14.39
CA ASP E 103 -1.56 3.84 -15.01
C ASP E 103 -1.75 3.96 -16.50
N GLY E 104 -2.54 3.06 -17.10
CA GLY E 104 -2.88 3.12 -18.52
C GLY E 104 -2.82 1.72 -19.10
N ASP E 105 -3.98 1.22 -19.50
CA ASP E 105 -4.10 -0.14 -20.04
C ASP E 105 -4.82 -0.03 -21.39
N TYR E 106 -5.25 -1.17 -21.92
CA TYR E 106 -6.09 -1.22 -23.12
C TYR E 106 -7.47 -1.77 -22.69
N MET E 107 -8.28 -2.15 -23.67
CA MET E 107 -9.65 -2.57 -23.41
C MET E 107 -9.87 -4.04 -23.81
N ASP E 108 -9.90 -4.91 -22.79
CA ASP E 108 -10.10 -6.34 -22.97
C ASP E 108 -11.44 -6.55 -23.65
N TYR E 109 -12.51 -6.10 -23.00
CA TYR E 109 -13.91 -6.28 -23.44
C TYR E 109 -14.66 -4.95 -23.35
N TRP E 110 -15.59 -4.72 -24.29
CA TRP E 110 -16.54 -3.60 -24.18
C TRP E 110 -17.91 -4.27 -24.10
N GLY E 111 -18.93 -3.47 -23.79
CA GLY E 111 -20.27 -4.00 -23.56
C GLY E 111 -21.03 -4.23 -24.84
N GLN E 112 -21.45 -3.13 -25.43
CA GLN E 112 -22.19 -3.08 -26.72
C GLN E 112 -22.57 -1.63 -27.05
N GLY E 113 -22.75 -0.80 -26.02
CA GLY E 113 -23.01 0.63 -26.15
C GLY E 113 -24.38 1.02 -25.60
N THR E 114 -24.54 2.28 -25.23
CA THR E 114 -25.86 2.86 -24.92
C THR E 114 -25.97 4.13 -25.71
N LEU E 115 -27.19 4.46 -26.15
CA LEU E 115 -27.41 5.67 -26.93
C LEU E 115 -28.02 6.76 -26.06
N VAL E 116 -27.34 7.89 -26.02
CA VAL E 116 -27.75 9.05 -25.29
C VAL E 116 -27.96 10.16 -26.31
N THR E 117 -29.14 10.78 -26.23
CA THR E 117 -29.53 11.82 -27.14
C THR E 117 -30.07 13.00 -26.31
N VAL E 118 -29.53 14.19 -26.55
CA VAL E 118 -29.87 15.36 -25.75
C VAL E 118 -29.84 16.67 -26.58
N SER E 119 -31.02 17.05 -27.08
CA SER E 119 -31.30 18.35 -27.72
C SER E 119 -32.83 18.61 -27.81
N SER E 120 -33.21 19.90 -27.79
CA SER E 120 -34.62 20.38 -27.79
C SER E 120 -35.58 19.50 -26.97
N ALA E 121 -36.43 18.72 -27.64
CA ALA E 121 -37.39 17.81 -26.98
C ALA E 121 -38.26 17.15 -28.05
N SER E 122 -38.69 15.93 -27.74
CA SER E 122 -39.61 15.14 -28.57
C SER E 122 -39.68 13.76 -27.94
N THR E 123 -40.85 13.15 -27.92
CA THR E 123 -41.00 11.82 -27.34
C THR E 123 -42.00 11.04 -28.21
N LYS E 124 -41.70 11.05 -29.51
CA LYS E 124 -42.66 10.70 -30.57
C LYS E 124 -42.41 9.32 -31.19
N GLY E 125 -43.50 8.63 -31.56
CA GLY E 125 -43.44 7.35 -32.28
C GLY E 125 -43.25 7.50 -33.78
N PRO E 126 -43.19 6.36 -34.52
CA PRO E 126 -43.14 6.36 -35.97
C PRO E 126 -44.45 5.88 -36.64
N SER E 127 -44.79 6.52 -37.76
CA SER E 127 -45.82 6.01 -38.67
C SER E 127 -45.17 5.02 -39.63
N VAL E 128 -45.87 3.94 -39.95
CA VAL E 128 -45.35 2.89 -40.84
C VAL E 128 -46.31 2.63 -42.01
N PHE E 129 -45.80 2.82 -43.24
CA PHE E 129 -46.55 2.60 -44.49
C PHE E 129 -45.78 1.56 -45.33
N PRO E 130 -46.40 1.05 -46.43
CA PRO E 130 -45.70 0.09 -47.27
C PRO E 130 -45.04 0.76 -48.48
N LEU E 131 -44.01 0.10 -49.00
CA LEU E 131 -43.35 0.48 -50.25
C LEU E 131 -43.67 -0.58 -51.30
N ALA E 132 -44.77 -0.35 -52.03
CA ALA E 132 -45.44 -1.38 -52.83
C ALA E 132 -44.61 -1.90 -54.03
N PRO E 133 -44.41 -3.25 -54.13
CA PRO E 133 -43.68 -3.82 -55.27
C PRO E 133 -44.44 -3.68 -56.61
N SER E 134 -43.89 -4.23 -57.71
CA SER E 134 -44.51 -4.08 -59.04
C SER E 134 -44.18 -5.18 -60.07
N SER E 135 -44.94 -5.18 -61.15
CA SER E 135 -44.77 -6.07 -62.31
C SER E 135 -45.04 -7.56 -61.99
N LYS E 136 -44.02 -8.42 -61.95
CA LYS E 136 -44.24 -9.90 -61.94
C LYS E 136 -43.33 -10.75 -60.99
N SER E 137 -42.16 -11.16 -61.47
CA SER E 137 -41.27 -12.12 -60.75
C SER E 137 -39.78 -11.88 -61.08
N THR E 138 -38.87 -12.66 -60.47
CA THR E 138 -37.40 -12.40 -60.52
C THR E 138 -36.76 -12.32 -61.94
N SER E 139 -35.91 -11.31 -62.13
CA SER E 139 -35.30 -10.95 -63.43
C SER E 139 -36.34 -10.59 -64.53
N GLY E 140 -36.88 -9.37 -64.43
CA GLY E 140 -37.96 -8.86 -65.28
C GLY E 140 -39.19 -8.44 -64.49
N GLY E 141 -39.00 -7.53 -63.52
CA GLY E 141 -40.07 -7.07 -62.62
C GLY E 141 -40.11 -7.83 -61.29
N THR E 142 -38.95 -7.92 -60.62
CA THR E 142 -38.77 -8.70 -59.37
C THR E 142 -39.62 -8.19 -58.20
N ALA E 143 -39.90 -9.07 -57.23
CA ALA E 143 -40.57 -8.68 -55.99
C ALA E 143 -39.58 -8.22 -54.91
N ALA E 144 -39.39 -6.91 -54.82
CA ALA E 144 -38.68 -6.29 -53.70
C ALA E 144 -39.67 -5.42 -52.94
N LEU E 145 -40.02 -5.83 -51.72
CA LEU E 145 -41.07 -5.16 -50.92
C LEU E 145 -40.52 -4.67 -49.58
N GLY E 146 -41.25 -3.76 -48.92
CA GLY E 146 -40.76 -3.09 -47.71
C GLY E 146 -41.72 -2.22 -46.91
N CYS E 147 -41.18 -1.64 -45.82
CA CYS E 147 -41.88 -0.70 -44.93
C CYS E 147 -41.09 0.60 -44.78
N LEU E 148 -41.72 1.74 -45.04
CA LEU E 148 -41.12 3.06 -44.77
C LEU E 148 -41.50 3.49 -43.36
N VAL E 149 -40.49 3.65 -42.49
CA VAL E 149 -40.67 4.08 -41.11
C VAL E 149 -40.33 5.58 -41.02
N LYS E 150 -41.29 6.38 -41.50
CA LYS E 150 -41.16 7.83 -41.62
C LYS E 150 -41.56 8.54 -40.33
N ASP E 151 -40.87 9.64 -40.04
CA ASP E 151 -41.21 10.58 -38.95
C ASP E 151 -41.28 9.98 -37.53
N TYR E 152 -40.17 10.09 -36.79
CA TYR E 152 -40.13 9.78 -35.37
C TYR E 152 -38.99 10.57 -34.71
N PHE E 153 -38.80 10.37 -33.40
CA PHE E 153 -37.63 10.93 -32.69
C PHE E 153 -37.42 10.29 -31.32
N PRO E 154 -36.16 10.00 -30.92
CA PRO E 154 -34.86 9.93 -31.62
C PRO E 154 -34.58 8.50 -32.12
N GLU E 155 -33.32 8.17 -32.46
CA GLU E 155 -32.97 6.77 -32.74
C GLU E 155 -33.01 5.92 -31.46
N PRO E 156 -33.09 4.58 -31.58
CA PRO E 156 -33.17 3.78 -32.79
C PRO E 156 -34.52 3.11 -32.94
N VAL E 157 -34.69 2.45 -34.08
CA VAL E 157 -35.84 1.57 -34.32
C VAL E 157 -35.32 0.17 -34.65
N THR E 158 -35.76 -0.83 -33.88
CA THR E 158 -35.45 -2.25 -34.14
C THR E 158 -36.42 -2.84 -35.16
N VAL E 159 -36.17 -2.55 -36.44
CA VAL E 159 -37.04 -2.98 -37.56
C VAL E 159 -36.75 -4.45 -37.92
N SER E 160 -37.33 -5.35 -37.12
CA SER E 160 -37.13 -6.80 -37.26
C SER E 160 -38.28 -7.43 -38.07
N TRP E 161 -37.94 -8.09 -39.16
CA TRP E 161 -38.93 -8.66 -40.08
C TRP E 161 -39.42 -10.02 -39.59
N ASN E 162 -40.67 -10.09 -39.16
CA ASN E 162 -41.32 -11.34 -38.75
C ASN E 162 -40.56 -12.06 -37.64
N SER E 163 -40.20 -11.30 -36.60
CA SER E 163 -39.32 -11.75 -35.51
C SER E 163 -37.92 -12.07 -36.02
N GLY E 164 -37.45 -11.32 -37.03
CA GLY E 164 -36.22 -11.62 -37.75
C GLY E 164 -36.17 -13.02 -38.36
N ALA E 165 -37.29 -13.46 -38.95
CA ALA E 165 -37.40 -14.82 -39.55
C ALA E 165 -36.61 -14.94 -40.85
N LEU E 166 -36.77 -13.96 -41.74
CA LEU E 166 -35.92 -13.80 -42.93
C LEU E 166 -35.08 -12.53 -42.78
N THR E 167 -33.98 -12.67 -42.03
CA THR E 167 -32.97 -11.63 -41.89
C THR E 167 -31.84 -11.76 -42.95
N SER E 168 -32.09 -12.49 -44.05
CA SER E 168 -31.21 -12.51 -45.24
C SER E 168 -31.85 -11.69 -46.37
N GLY E 169 -31.06 -10.81 -46.99
CA GLY E 169 -31.51 -9.88 -48.04
C GLY E 169 -31.98 -8.51 -47.55
N VAL E 170 -32.18 -8.41 -46.24
CA VAL E 170 -32.78 -7.24 -45.61
C VAL E 170 -31.81 -6.08 -45.67
N HIS E 171 -32.35 -4.86 -45.77
CA HIS E 171 -31.55 -3.64 -45.66
C HIS E 171 -32.33 -2.55 -44.92
N THR E 172 -32.27 -2.62 -43.59
CA THR E 172 -32.74 -1.59 -42.69
C THR E 172 -31.76 -0.41 -42.79
N PHE E 173 -32.12 0.62 -43.55
CA PHE E 173 -31.16 1.67 -43.96
C PHE E 173 -30.71 2.62 -42.84
N PRO E 174 -29.57 3.35 -43.06
CA PRO E 174 -29.20 4.49 -42.21
C PRO E 174 -30.22 5.60 -42.28
N ALA E 175 -30.75 6.00 -41.13
CA ALA E 175 -31.75 7.04 -41.04
C ALA E 175 -31.24 8.37 -41.60
N VAL E 176 -32.19 9.24 -41.95
CA VAL E 176 -31.87 10.57 -42.44
C VAL E 176 -32.92 11.56 -41.89
N LEU E 177 -32.54 12.84 -41.77
CA LEU E 177 -33.38 13.88 -41.17
C LEU E 177 -33.97 14.82 -42.23
N GLN E 178 -35.27 15.09 -42.09
CA GLN E 178 -36.03 15.94 -43.03
C GLN E 178 -36.08 17.37 -42.44
N SER E 179 -36.83 18.27 -43.08
CA SER E 179 -37.01 19.65 -42.57
C SER E 179 -37.50 19.73 -41.11
N SER E 180 -38.39 18.81 -40.74
CA SER E 180 -38.97 18.76 -39.39
C SER E 180 -38.00 18.38 -38.27
N GLY E 181 -36.89 17.74 -38.61
CA GLY E 181 -35.95 17.21 -37.62
C GLY E 181 -36.53 15.96 -37.00
N LEU E 182 -37.01 15.05 -37.86
CA LEU E 182 -37.53 13.74 -37.46
C LEU E 182 -36.85 12.65 -38.33
N TYR E 183 -36.29 11.63 -37.68
CA TYR E 183 -35.51 10.59 -38.35
C TYR E 183 -36.46 9.76 -39.21
N SER E 184 -36.06 9.49 -40.45
CA SER E 184 -36.80 8.60 -41.34
C SER E 184 -35.84 7.64 -42.02
N LEU E 185 -36.19 6.36 -41.97
CA LEU E 185 -35.46 5.34 -42.70
C LEU E 185 -36.45 4.46 -43.42
N SER E 186 -35.99 3.84 -44.50
CA SER E 186 -36.75 2.85 -45.23
C SER E 186 -36.34 1.46 -44.71
N SER E 187 -37.20 0.45 -44.86
CA SER E 187 -36.77 -0.96 -44.71
C SER E 187 -37.16 -1.72 -45.97
N VAL E 188 -36.31 -2.68 -46.38
CA VAL E 188 -36.57 -3.51 -47.58
C VAL E 188 -36.09 -4.94 -47.36
N VAL E 189 -36.69 -5.88 -48.09
CA VAL E 189 -36.26 -7.29 -48.11
C VAL E 189 -36.62 -7.91 -49.45
N THR E 190 -35.63 -8.54 -50.09
CA THR E 190 -35.80 -9.10 -51.45
C THR E 190 -36.27 -10.56 -51.39
N VAL E 191 -37.21 -10.92 -52.27
CA VAL E 191 -37.76 -12.29 -52.36
C VAL E 191 -38.40 -12.54 -53.75
N PRO E 192 -38.24 -13.75 -54.35
CA PRO E 192 -38.90 -14.02 -55.64
C PRO E 192 -40.44 -14.19 -55.57
N SER E 193 -41.06 -14.81 -56.59
CA SER E 193 -42.53 -15.01 -56.64
C SER E 193 -43.09 -16.23 -55.87
N SER E 194 -42.25 -17.22 -55.58
CA SER E 194 -42.66 -18.38 -54.76
C SER E 194 -42.84 -18.02 -53.27
N SER E 195 -42.35 -16.85 -52.88
CA SER E 195 -42.68 -16.22 -51.60
C SER E 195 -43.20 -14.78 -51.85
N LEU E 196 -44.33 -14.67 -52.57
CA LEU E 196 -44.98 -13.38 -52.90
C LEU E 196 -46.28 -13.24 -52.05
N GLY E 197 -47.47 -13.36 -52.64
CA GLY E 197 -48.71 -13.59 -51.88
C GLY E 197 -48.72 -14.95 -51.18
N THR E 198 -47.91 -15.87 -51.70
CA THR E 198 -47.57 -17.16 -51.08
C THR E 198 -46.94 -17.07 -49.67
N GLN E 199 -46.39 -15.90 -49.33
CA GLN E 199 -45.80 -15.64 -48.02
C GLN E 199 -46.49 -14.47 -47.32
N THR E 200 -46.36 -14.44 -45.99
CA THR E 200 -46.83 -13.32 -45.16
C THR E 200 -45.63 -12.51 -44.67
N TYR E 201 -45.79 -11.18 -44.59
CA TYR E 201 -44.70 -10.27 -44.23
C TYR E 201 -45.17 -9.12 -43.32
N ILE E 202 -44.74 -9.15 -42.06
CA ILE E 202 -44.85 -8.00 -41.14
C ILE E 202 -43.45 -7.47 -40.81
N CYS E 203 -43.38 -6.16 -40.55
CA CYS E 203 -42.19 -5.50 -40.04
C CYS E 203 -42.47 -5.06 -38.60
N ASN E 204 -41.81 -5.71 -37.62
CA ASN E 204 -42.02 -5.39 -36.20
C ASN E 204 -41.26 -4.13 -35.80
N VAL E 205 -41.73 -2.99 -36.32
CA VAL E 205 -41.04 -1.71 -36.19
C VAL E 205 -41.06 -1.33 -34.71
N ASN E 206 -39.87 -1.24 -34.11
CA ASN E 206 -39.73 -1.09 -32.67
C ASN E 206 -38.89 0.15 -32.35
N HIS E 207 -39.56 1.30 -32.37
CA HIS E 207 -39.06 2.53 -31.76
C HIS E 207 -39.36 2.43 -30.27
N LYS E 208 -38.31 2.42 -29.45
CA LYS E 208 -38.46 2.29 -28.00
C LYS E 208 -38.38 3.59 -27.15
N PRO E 209 -37.69 4.66 -27.62
CA PRO E 209 -37.72 5.96 -26.89
C PRO E 209 -39.10 6.61 -26.59
N SER E 210 -40.14 6.12 -27.24
CA SER E 210 -41.52 6.23 -26.76
C SER E 210 -42.27 4.99 -27.26
N ASN E 211 -42.06 3.88 -26.54
CA ASN E 211 -42.32 2.50 -27.05
C ASN E 211 -43.57 2.28 -27.93
N THR E 212 -43.46 2.76 -29.17
CA THR E 212 -44.47 2.56 -30.22
C THR E 212 -44.13 1.24 -30.93
N LYS E 213 -45.14 0.41 -31.17
CA LYS E 213 -44.96 -0.97 -31.60
C LYS E 213 -45.90 -1.31 -32.76
N VAL E 214 -45.50 -0.89 -33.96
CA VAL E 214 -46.32 -1.03 -35.18
C VAL E 214 -45.95 -2.32 -35.92
N ASP E 215 -46.93 -3.21 -36.10
CA ASP E 215 -46.77 -4.47 -36.88
C ASP E 215 -47.51 -4.36 -38.21
N LYS E 216 -47.14 -3.36 -39.01
CA LYS E 216 -47.80 -3.07 -40.28
C LYS E 216 -47.46 -4.13 -41.34
N LYS E 217 -48.42 -4.43 -42.23
CA LYS E 217 -48.34 -5.55 -43.18
C LYS E 217 -48.24 -5.07 -44.65
N ALA E 218 -47.14 -5.42 -45.33
CA ALA E 218 -46.92 -5.08 -46.75
C ALA E 218 -47.14 -6.31 -47.65
N GLU E 219 -48.36 -6.43 -48.17
CA GLU E 219 -48.86 -7.64 -48.85
C GLU E 219 -49.00 -7.38 -50.38
N PRO E 220 -49.61 -8.32 -51.15
CA PRO E 220 -49.95 -8.02 -52.56
C PRO E 220 -50.97 -6.87 -52.79
N LYS E 221 -51.24 -6.55 -54.07
CA LYS E 221 -52.12 -5.42 -54.44
C LYS E 221 -53.58 -5.66 -54.02
N SER E 222 -54.23 -4.59 -53.56
CA SER E 222 -55.57 -4.65 -52.97
C SER E 222 -56.66 -4.18 -53.93
N CYS E 223 -57.06 -5.07 -54.85
CA CYS E 223 -58.14 -4.79 -55.81
C CYS E 223 -58.66 -6.07 -56.45
N ASP F 1 -0.95 17.12 -23.37
CA ASP F 1 -1.27 15.67 -23.56
C ASP F 1 -1.13 15.22 -25.05
N ILE F 2 -1.68 14.06 -25.41
CA ILE F 2 -1.28 13.32 -26.63
C ILE F 2 -2.45 13.18 -27.63
N GLN F 3 -2.11 13.05 -28.91
CA GLN F 3 -3.08 12.87 -29.98
C GLN F 3 -2.51 11.92 -31.03
N MET F 4 -3.38 11.12 -31.66
CA MET F 4 -2.99 9.98 -32.50
C MET F 4 -3.43 10.09 -33.96
N THR F 5 -2.63 10.81 -34.75
CA THR F 5 -2.90 11.07 -36.18
C THR F 5 -2.82 9.81 -37.04
N GLN F 6 -3.91 9.47 -37.73
CA GLN F 6 -3.93 8.33 -38.68
C GLN F 6 -3.73 8.67 -40.17
N SER F 7 -3.42 7.67 -40.98
CA SER F 7 -3.13 7.84 -42.41
C SER F 7 -3.21 6.51 -43.18
N PRO F 8 -4.08 6.43 -44.21
CA PRO F 8 -5.04 7.43 -44.68
C PRO F 8 -6.26 7.50 -43.76
N SER F 9 -7.18 8.42 -44.03
CA SER F 9 -8.47 8.46 -43.30
C SER F 9 -9.47 7.40 -43.79
N SER F 10 -9.30 6.95 -45.04
CA SER F 10 -9.95 5.74 -45.54
C SER F 10 -9.18 5.18 -46.75
N LEU F 11 -9.44 3.92 -47.07
CA LEU F 11 -8.57 3.14 -47.96
C LEU F 11 -9.40 2.19 -48.81
N SER F 12 -9.16 2.15 -50.11
CA SER F 12 -9.75 1.13 -51.00
C SER F 12 -8.66 0.12 -51.41
N ALA F 13 -9.00 -1.17 -51.38
CA ALA F 13 -8.06 -2.23 -51.78
C ALA F 13 -8.79 -3.57 -51.97
N SER F 14 -8.41 -4.31 -53.02
CA SER F 14 -9.07 -5.57 -53.39
C SER F 14 -8.66 -6.69 -52.44
N VAL F 15 -9.43 -7.78 -52.42
CA VAL F 15 -9.12 -8.97 -51.58
C VAL F 15 -7.75 -9.59 -51.91
N GLY F 16 -7.08 -10.13 -50.88
CA GLY F 16 -5.72 -10.69 -50.99
C GLY F 16 -4.59 -9.70 -50.70
N ASP F 17 -4.91 -8.40 -50.74
CA ASP F 17 -3.93 -7.32 -50.83
C ASP F 17 -3.42 -6.87 -49.42
N ARG F 18 -2.23 -6.27 -49.43
CA ARG F 18 -1.60 -5.71 -48.23
C ARG F 18 -2.10 -4.31 -47.97
N VAL F 19 -3.07 -4.23 -47.06
CA VAL F 19 -3.50 -2.97 -46.47
C VAL F 19 -2.49 -2.60 -45.38
N THR F 20 -2.15 -1.31 -45.35
CA THR F 20 -1.26 -0.74 -44.35
C THR F 20 -1.88 0.55 -43.80
N ILE F 21 -1.91 0.66 -42.48
CA ILE F 21 -2.50 1.80 -41.78
C ILE F 21 -1.45 2.30 -40.78
N THR F 22 -0.96 3.52 -40.98
CA THR F 22 0.07 4.09 -40.12
C THR F 22 -0.54 5.10 -39.15
N CYS F 23 0.11 5.29 -38.00
CA CYS F 23 -0.39 6.12 -36.92
C CYS F 23 0.77 6.82 -36.27
N ARG F 24 0.72 8.16 -36.26
CA ARG F 24 1.76 9.00 -35.71
C ARG F 24 1.28 9.58 -34.40
N ALA F 25 1.92 9.17 -33.31
CA ALA F 25 1.67 9.76 -31.99
C ALA F 25 2.24 11.19 -31.94
N SER F 26 1.63 12.06 -31.13
CA SER F 26 2.14 13.42 -30.93
C SER F 26 3.30 13.52 -29.93
N GLN F 27 3.35 12.66 -28.90
CA GLN F 27 4.51 12.55 -27.98
C GLN F 27 5.18 11.20 -28.21
N ASP F 28 6.48 11.12 -27.98
CA ASP F 28 7.17 9.81 -27.99
C ASP F 28 6.58 8.93 -26.86
N VAL F 29 5.60 8.11 -27.23
CA VAL F 29 4.95 7.18 -26.29
C VAL F 29 5.89 6.01 -25.93
N GLY F 30 6.35 5.25 -26.92
CA GLY F 30 6.96 3.92 -26.71
C GLY F 30 5.94 2.87 -27.09
N PHE F 31 6.09 1.64 -26.61
CA PHE F 31 5.26 0.53 -27.10
C PHE F 31 3.83 0.50 -26.52
N TYR F 32 3.36 1.65 -26.00
CA TYR F 32 2.11 1.72 -25.25
C TYR F 32 0.99 2.06 -26.20
N VAL F 33 0.72 1.13 -27.12
CA VAL F 33 -0.20 1.32 -28.25
C VAL F 33 -1.02 0.06 -28.48
N ALA F 34 -2.31 0.25 -28.81
CA ALA F 34 -3.24 -0.83 -29.13
C ALA F 34 -3.99 -0.50 -30.43
N TRP F 35 -4.49 -1.53 -31.09
CA TRP F 35 -5.23 -1.37 -32.34
C TRP F 35 -6.60 -1.98 -32.17
N TYR F 36 -7.60 -1.22 -32.63
CA TYR F 36 -8.99 -1.63 -32.50
C TYR F 36 -9.68 -1.71 -33.85
N GLN F 37 -10.38 -2.82 -34.08
CA GLN F 37 -11.27 -2.98 -35.23
C GLN F 37 -12.68 -2.87 -34.71
N GLN F 38 -13.48 -2.01 -35.34
CA GLN F 38 -14.87 -1.83 -34.94
C GLN F 38 -15.79 -1.86 -36.16
N LYS F 39 -16.55 -2.95 -36.29
CA LYS F 39 -17.55 -3.13 -37.36
C LYS F 39 -18.74 -2.23 -37.03
N PRO F 40 -19.07 -1.26 -37.93
CA PRO F 40 -19.96 -0.15 -37.56
C PRO F 40 -21.22 -0.53 -36.80
N GLY F 41 -21.58 0.33 -35.85
CA GLY F 41 -22.64 0.08 -34.89
C GLY F 41 -22.06 -0.57 -33.66
N LYS F 42 -21.70 -1.84 -33.80
CA LYS F 42 -21.26 -2.68 -32.67
C LYS F 42 -20.00 -2.18 -31.94
N ALA F 43 -19.75 -2.76 -30.77
CA ALA F 43 -18.67 -2.31 -29.88
C ALA F 43 -17.27 -2.77 -30.34
N PRO F 44 -16.24 -1.87 -30.29
CA PRO F 44 -14.88 -2.15 -30.82
C PRO F 44 -14.19 -3.36 -30.20
N LYS F 45 -13.19 -3.86 -30.91
CA LYS F 45 -12.48 -5.05 -30.51
C LYS F 45 -10.98 -4.91 -30.73
N LEU F 46 -10.24 -5.50 -29.78
CA LEU F 46 -8.83 -5.30 -29.62
C LEU F 46 -8.10 -6.25 -30.54
N LEU F 47 -7.19 -5.70 -31.36
CA LEU F 47 -6.38 -6.47 -32.32
C LEU F 47 -4.98 -6.77 -31.82
N ILE F 48 -4.29 -5.71 -31.44
CA ILE F 48 -2.92 -5.77 -31.01
C ILE F 48 -2.81 -5.12 -29.64
N SER F 49 -2.18 -5.81 -28.71
CA SER F 49 -1.75 -5.21 -27.44
C SER F 49 -0.34 -4.78 -27.70
N TRP F 50 0.15 -3.95 -26.79
CA TRP F 50 1.56 -3.62 -26.74
C TRP F 50 2.26 -3.55 -28.12
N SER F 51 1.72 -2.71 -29.01
CA SER F 51 2.37 -2.32 -30.28
C SER F 51 2.45 -3.41 -31.38
N SER F 52 2.82 -4.65 -31.00
CA SER F 52 3.01 -5.75 -31.95
C SER F 52 2.18 -7.01 -31.67
N TYR F 53 1.81 -7.27 -30.42
CA TYR F 53 1.45 -8.64 -30.01
C TYR F 53 0.01 -8.99 -30.32
N LEU F 54 -0.20 -9.86 -31.31
CA LEU F 54 -1.55 -10.21 -31.77
C LEU F 54 -2.37 -10.62 -30.57
N TYR F 55 -3.55 -10.03 -30.41
CA TYR F 55 -4.44 -10.45 -29.34
C TYR F 55 -5.02 -11.84 -29.71
N SER F 56 -5.40 -12.62 -28.70
CA SER F 56 -5.78 -14.03 -28.83
C SER F 56 -7.24 -14.21 -29.31
N GLY F 57 -7.47 -13.87 -30.59
CA GLY F 57 -8.79 -13.98 -31.26
C GLY F 57 -8.68 -15.06 -32.34
N VAL F 58 -8.96 -14.71 -33.59
CA VAL F 58 -8.48 -15.47 -34.79
C VAL F 58 -8.00 -14.45 -35.85
N PRO F 59 -6.99 -13.63 -35.51
CA PRO F 59 -6.69 -12.49 -36.36
C PRO F 59 -5.44 -12.68 -37.24
N SER F 60 -5.09 -13.92 -37.57
CA SER F 60 -3.74 -14.27 -38.07
C SER F 60 -3.05 -13.29 -39.07
N ARG F 61 -3.78 -12.75 -40.03
CA ARG F 61 -3.23 -11.75 -41.01
C ARG F 61 -2.89 -10.35 -40.41
N PHE F 62 -3.63 -9.94 -39.38
CA PHE F 62 -3.39 -8.65 -38.71
C PHE F 62 -2.11 -8.78 -37.92
N SER F 63 -1.27 -7.76 -37.98
CA SER F 63 0.02 -7.85 -37.31
C SER F 63 0.59 -6.45 -37.08
N GLY F 64 0.92 -6.16 -35.83
CA GLY F 64 1.45 -4.88 -35.46
C GLY F 64 2.95 -4.75 -35.65
N SER F 65 3.40 -3.49 -35.65
CA SER F 65 4.81 -3.15 -35.59
C SER F 65 4.91 -1.69 -35.18
N GLY F 66 6.13 -1.16 -35.24
CA GLY F 66 6.46 0.23 -34.92
C GLY F 66 7.06 0.41 -33.53
N SER F 67 7.39 1.65 -33.24
CA SER F 67 7.92 2.04 -31.94
C SER F 67 8.00 3.56 -31.89
N GLY F 68 8.33 4.08 -30.71
CA GLY F 68 8.63 5.51 -30.54
C GLY F 68 7.48 6.46 -30.83
N THR F 69 7.48 7.02 -32.04
CA THR F 69 6.48 8.02 -32.48
C THR F 69 5.48 7.51 -33.53
N ASP F 70 5.82 6.42 -34.23
CA ASP F 70 5.02 5.93 -35.36
C ASP F 70 4.82 4.41 -35.32
N PHE F 71 3.55 4.01 -35.47
CA PHE F 71 3.14 2.60 -35.40
C PHE F 71 2.31 2.24 -36.61
N THR F 72 2.38 0.98 -37.01
CA THR F 72 1.80 0.53 -38.27
C THR F 72 1.04 -0.77 -38.05
N LEU F 73 -0.22 -0.80 -38.49
CA LEU F 73 -1.01 -2.03 -38.54
C LEU F 73 -1.14 -2.53 -39.99
N THR F 74 -0.56 -3.71 -40.28
CA THR F 74 -0.68 -4.37 -41.60
C THR F 74 -1.77 -5.45 -41.63
N ILE F 75 -2.34 -5.66 -42.81
CA ILE F 75 -3.29 -6.74 -43.07
C ILE F 75 -2.84 -7.42 -44.36
N SER F 76 -2.28 -8.63 -44.26
CA SER F 76 -1.54 -9.25 -45.39
C SER F 76 -2.40 -9.86 -46.52
N SER F 77 -3.57 -10.38 -46.16
CA SER F 77 -4.48 -11.02 -47.12
C SER F 77 -5.91 -10.63 -46.79
N LEU F 78 -6.31 -9.44 -47.23
CA LEU F 78 -7.60 -8.81 -46.87
C LEU F 78 -8.86 -9.66 -47.17
N GLN F 79 -9.95 -9.36 -46.48
CA GLN F 79 -11.15 -10.19 -46.48
C GLN F 79 -12.39 -9.34 -46.67
N PRO F 80 -13.53 -9.99 -47.00
CA PRO F 80 -14.82 -9.29 -46.98
C PRO F 80 -15.26 -8.80 -45.58
N GLU F 81 -14.64 -9.33 -44.51
CA GLU F 81 -14.94 -8.95 -43.12
C GLU F 81 -14.05 -7.84 -42.54
N ASP F 82 -13.02 -7.42 -43.26
CA ASP F 82 -12.12 -6.35 -42.80
C ASP F 82 -12.54 -4.95 -43.27
N PHE F 83 -13.72 -4.85 -43.89
CA PHE F 83 -14.42 -3.58 -44.22
C PHE F 83 -14.49 -2.49 -43.14
N ALA F 84 -14.31 -2.89 -41.89
CA ALA F 84 -14.60 -2.06 -40.70
C ALA F 84 -13.71 -0.82 -40.53
N THR F 85 -13.78 -0.19 -39.36
CA THR F 85 -12.91 0.95 -39.04
C THR F 85 -11.92 0.65 -37.91
N TYR F 86 -10.74 1.23 -38.07
CA TYR F 86 -9.54 0.86 -37.35
C TYR F 86 -8.99 2.07 -36.63
N TYR F 87 -8.76 1.95 -35.32
CA TYR F 87 -8.15 3.04 -34.53
C TYR F 87 -6.89 2.56 -33.75
N CYS F 88 -5.85 3.39 -33.73
CA CYS F 88 -4.77 3.25 -32.75
C CYS F 88 -5.14 3.96 -31.43
N GLN F 89 -5.03 3.25 -30.30
CA GLN F 89 -5.13 3.84 -28.95
C GLN F 89 -3.74 3.97 -28.34
N GLN F 90 -3.56 4.91 -27.44
CA GLN F 90 -2.39 4.93 -26.57
C GLN F 90 -2.86 4.62 -25.15
N TYR F 91 -1.92 4.14 -24.33
CA TYR F 91 -2.10 4.16 -22.87
C TYR F 91 -0.81 4.56 -22.17
N TYR F 92 0.00 5.39 -22.85
CA TYR F 92 1.22 5.91 -22.25
C TYR F 92 0.86 6.81 -21.06
N ASN F 93 0.01 7.82 -21.29
CA ASN F 93 -0.68 8.58 -20.21
C ASN F 93 -2.14 8.88 -20.55
N TYR F 94 -2.83 9.52 -19.60
CA TYR F 94 -4.18 10.06 -19.83
C TYR F 94 -4.10 11.55 -20.26
N PRO F 95 -5.19 12.10 -20.84
CA PRO F 95 -6.43 11.43 -21.22
C PRO F 95 -6.10 10.43 -22.28
N LEU F 96 -6.71 9.25 -22.21
CA LEU F 96 -6.44 8.21 -23.19
C LEU F 96 -6.97 8.64 -24.56
N THR F 97 -6.06 8.67 -25.54
CA THR F 97 -6.36 9.18 -26.87
C THR F 97 -6.33 8.10 -27.97
N PHE F 98 -7.33 8.16 -28.82
CA PHE F 98 -7.43 7.34 -30.00
C PHE F 98 -7.20 8.25 -31.20
N GLY F 99 -7.03 7.65 -32.36
CA GLY F 99 -7.08 8.38 -33.59
C GLY F 99 -8.52 8.54 -34.01
N GLN F 100 -8.69 9.21 -35.15
CA GLN F 100 -10.00 9.39 -35.76
C GLN F 100 -10.54 8.08 -36.40
N GLY F 101 -9.65 7.18 -36.79
CA GLY F 101 -10.02 5.97 -37.49
C GLY F 101 -9.51 5.94 -38.93
N THR F 102 -9.45 4.73 -39.47
CA THR F 102 -9.23 4.50 -40.90
C THR F 102 -10.29 3.49 -41.40
N LYS F 103 -11.06 3.91 -42.40
CA LYS F 103 -12.17 3.14 -42.98
C LYS F 103 -11.71 2.34 -44.20
N VAL F 104 -11.37 1.07 -44.00
CA VAL F 104 -10.82 0.26 -45.10
C VAL F 104 -11.97 -0.32 -45.92
N GLU F 105 -12.08 0.13 -47.18
CA GLU F 105 -13.10 -0.33 -48.11
C GLU F 105 -12.57 -1.45 -49.03
N ILE F 106 -13.39 -2.48 -49.20
CA ILE F 106 -13.07 -3.60 -50.08
C ILE F 106 -13.49 -3.25 -51.49
N LYS F 107 -12.62 -3.51 -52.45
CA LYS F 107 -12.99 -3.49 -53.87
C LYS F 107 -13.40 -4.87 -54.32
N ARG F 108 -14.27 -4.91 -55.32
CA ARG F 108 -14.73 -6.17 -55.88
C ARG F 108 -15.29 -5.97 -57.30
N THR F 109 -15.66 -7.09 -57.92
CA THR F 109 -16.12 -7.09 -59.31
C THR F 109 -17.46 -6.38 -59.42
N VAL F 110 -17.60 -5.51 -60.43
CA VAL F 110 -18.76 -4.63 -60.55
C VAL F 110 -20.05 -5.43 -60.78
N ALA F 111 -21.09 -5.07 -60.04
CA ALA F 111 -22.41 -5.66 -60.23
C ALA F 111 -23.44 -4.56 -60.29
N ALA F 112 -24.47 -4.76 -61.11
CA ALA F 112 -25.53 -3.78 -61.32
C ALA F 112 -26.64 -3.90 -60.25
N PRO F 113 -27.43 -2.82 -60.05
CA PRO F 113 -28.55 -2.90 -59.11
C PRO F 113 -29.78 -3.67 -59.62
N SER F 114 -30.50 -4.28 -58.69
CA SER F 114 -31.91 -4.61 -58.89
C SER F 114 -32.69 -3.32 -58.53
N VAL F 115 -33.00 -2.50 -59.53
CA VAL F 115 -33.68 -1.19 -59.29
C VAL F 115 -35.17 -1.42 -59.05
N PHE F 116 -35.73 -0.65 -58.13
CA PHE F 116 -37.18 -0.62 -57.92
C PHE F 116 -37.65 0.81 -57.64
N ILE F 117 -38.95 1.01 -57.78
CA ILE F 117 -39.61 2.27 -57.52
C ILE F 117 -40.91 1.92 -56.79
N PHE F 118 -41.27 2.73 -55.79
CA PHE F 118 -42.33 2.36 -54.85
C PHE F 118 -43.31 3.51 -54.56
N PRO F 119 -44.62 3.29 -54.77
CA PRO F 119 -45.60 4.28 -54.30
C PRO F 119 -45.88 4.18 -52.80
N PRO F 120 -46.53 5.21 -52.23
CA PRO F 120 -47.15 5.11 -50.89
C PRO F 120 -48.37 4.17 -50.91
N SER F 121 -49.24 4.23 -49.91
CA SER F 121 -50.54 3.51 -49.97
C SER F 121 -51.58 4.05 -48.98
N ASP F 122 -51.40 3.70 -47.71
CA ASP F 122 -52.45 3.78 -46.70
C ASP F 122 -52.51 5.20 -46.06
N GLU F 123 -51.89 5.39 -44.91
CA GLU F 123 -52.03 6.63 -44.14
C GLU F 123 -51.16 7.78 -44.70
N GLN F 124 -50.25 7.50 -45.64
CA GLN F 124 -49.31 8.50 -46.16
C GLN F 124 -49.96 9.58 -47.03
N LEU F 125 -50.99 9.19 -47.79
CA LEU F 125 -51.83 10.14 -48.53
C LEU F 125 -52.96 10.73 -47.65
N LYS F 126 -53.13 10.17 -46.45
CA LYS F 126 -54.00 10.71 -45.39
C LYS F 126 -53.33 11.84 -44.58
N SER F 127 -52.13 12.29 -44.97
CA SER F 127 -51.32 13.23 -44.17
C SER F 127 -51.02 14.56 -44.86
N GLY F 128 -51.50 14.75 -46.08
CA GLY F 128 -51.06 15.88 -46.91
C GLY F 128 -49.59 15.74 -47.28
N THR F 129 -49.17 14.49 -47.51
CA THR F 129 -47.78 14.16 -47.82
C THR F 129 -47.77 13.02 -48.84
N ALA F 130 -46.62 12.77 -49.44
CA ALA F 130 -46.44 11.62 -50.34
C ALA F 130 -44.95 11.31 -50.50
N SER F 131 -44.56 10.05 -50.29
CA SER F 131 -43.15 9.64 -50.42
C SER F 131 -42.93 8.38 -51.28
N VAL F 132 -42.21 8.58 -52.39
CA VAL F 132 -41.92 7.55 -53.38
C VAL F 132 -40.48 7.12 -53.19
N VAL F 133 -40.22 5.82 -53.10
CA VAL F 133 -38.88 5.29 -52.79
C VAL F 133 -38.26 4.50 -53.97
N CYS F 134 -37.01 4.84 -54.31
CA CYS F 134 -36.31 4.31 -55.51
C CYS F 134 -35.15 3.39 -55.11
N LEU F 135 -35.44 2.09 -54.98
CA LEU F 135 -34.50 1.10 -54.40
C LEU F 135 -33.47 0.51 -55.37
N LEU F 136 -32.23 0.46 -54.90
CA LEU F 136 -31.14 -0.27 -55.54
C LEU F 136 -30.72 -1.37 -54.53
N ASN F 137 -30.13 -2.46 -55.01
CA ASN F 137 -29.86 -3.65 -54.17
C ASN F 137 -28.61 -4.42 -54.66
N ASN F 138 -27.54 -4.33 -53.87
CA ASN F 138 -26.32 -5.13 -54.03
C ASN F 138 -25.55 -4.81 -55.30
N PHE F 139 -25.20 -3.54 -55.41
CA PHE F 139 -24.39 -3.00 -56.50
C PHE F 139 -23.01 -2.65 -55.99
N TYR F 140 -22.08 -2.48 -56.92
CA TYR F 140 -20.76 -1.96 -56.60
C TYR F 140 -20.24 -1.34 -57.89
N PRO F 141 -19.48 -0.22 -57.82
CA PRO F 141 -19.09 0.59 -56.68
C PRO F 141 -20.22 1.45 -56.14
N ARG F 142 -19.93 2.16 -55.05
CA ARG F 142 -20.91 3.03 -54.38
C ARG F 142 -21.41 4.11 -55.33
N GLU F 143 -20.47 4.77 -56.02
CA GLU F 143 -20.76 5.94 -56.86
C GLU F 143 -21.88 5.69 -57.89
N ALA F 144 -23.11 5.96 -57.46
CA ALA F 144 -24.33 5.89 -58.28
C ALA F 144 -24.90 7.30 -58.49
N LYS F 145 -25.98 7.39 -59.24
CA LYS F 145 -26.76 8.62 -59.34
C LYS F 145 -28.22 8.33 -59.69
N VAL F 146 -29.01 8.01 -58.66
CA VAL F 146 -30.47 7.93 -58.75
C VAL F 146 -30.95 9.36 -58.95
N GLN F 147 -31.89 9.54 -59.88
CA GLN F 147 -32.39 10.86 -60.23
C GLN F 147 -33.87 10.73 -60.51
N TRP F 148 -34.64 11.54 -59.81
CA TRP F 148 -36.08 11.52 -59.96
C TRP F 148 -36.50 12.42 -61.11
N LYS F 149 -37.58 12.02 -61.77
CA LYS F 149 -38.27 12.84 -62.77
C LYS F 149 -39.78 12.63 -62.62
N VAL F 150 -40.52 13.74 -62.49
CA VAL F 150 -41.98 13.71 -62.38
C VAL F 150 -42.55 14.22 -63.72
N ASP F 151 -43.28 13.34 -64.40
CA ASP F 151 -43.63 13.43 -65.84
C ASP F 151 -42.37 13.30 -66.71
N ASN F 152 -41.86 14.40 -67.26
CA ASN F 152 -40.46 14.46 -67.69
C ASN F 152 -39.77 15.68 -67.07
N ALA F 153 -40.37 16.25 -66.03
CA ALA F 153 -39.80 17.38 -65.32
C ALA F 153 -38.76 16.87 -64.31
N LEU F 154 -37.52 17.32 -64.46
CA LEU F 154 -36.39 16.91 -63.60
C LEU F 154 -36.48 17.49 -62.19
N GLN F 155 -36.24 16.66 -61.17
CA GLN F 155 -36.29 17.09 -59.76
C GLN F 155 -34.99 17.75 -59.29
N SER F 156 -35.10 18.37 -58.11
CA SER F 156 -33.96 18.99 -57.42
C SER F 156 -34.27 19.24 -55.94
N GLY F 157 -33.26 19.09 -55.10
CA GLY F 157 -33.29 19.54 -53.71
C GLY F 157 -34.47 19.18 -52.82
N ASN F 158 -35.07 17.99 -53.00
CA ASN F 158 -36.11 17.48 -52.06
C ASN F 158 -36.04 15.98 -51.63
N SER F 159 -35.54 15.10 -52.50
CA SER F 159 -35.30 13.70 -52.13
C SER F 159 -34.06 13.57 -51.21
N GLN F 160 -33.90 12.38 -50.64
CA GLN F 160 -32.80 12.09 -49.72
C GLN F 160 -32.45 10.61 -49.73
N GLU F 161 -31.18 10.31 -49.96
CA GLU F 161 -30.74 8.92 -50.06
C GLU F 161 -30.29 8.36 -48.72
N SER F 162 -30.17 7.04 -48.67
CA SER F 162 -29.51 6.31 -47.59
C SER F 162 -28.77 5.10 -48.17
N VAL F 163 -27.44 5.11 -48.11
CA VAL F 163 -26.59 4.02 -48.58
C VAL F 163 -26.30 3.14 -47.38
N THR F 164 -26.69 1.86 -47.40
CA THR F 164 -26.35 0.94 -46.29
C THR F 164 -24.84 0.69 -46.20
N GLU F 165 -24.43 0.15 -45.04
CA GLU F 165 -23.06 -0.24 -44.79
C GLU F 165 -22.72 -1.47 -45.64
N GLN F 166 -21.54 -1.43 -46.28
CA GLN F 166 -21.02 -2.52 -47.14
C GLN F 166 -21.21 -3.89 -46.49
N ASP F 167 -21.41 -4.93 -47.30
CA ASP F 167 -21.62 -6.27 -46.76
C ASP F 167 -20.29 -7.03 -46.48
N SER F 168 -20.24 -7.68 -45.31
CA SER F 168 -19.18 -8.62 -44.96
C SER F 168 -19.65 -10.02 -45.35
N LYS F 169 -19.41 -10.34 -46.62
CA LYS F 169 -19.84 -11.57 -47.29
C LYS F 169 -19.53 -11.46 -48.80
N ASP F 170 -19.91 -10.32 -49.41
CA ASP F 170 -19.63 -10.03 -50.82
C ASP F 170 -19.26 -8.58 -51.22
N SER F 171 -19.33 -7.63 -50.29
CA SER F 171 -18.88 -6.23 -50.51
C SER F 171 -19.75 -5.37 -51.47
N THR F 172 -21.07 -5.41 -51.25
CA THR F 172 -22.05 -4.59 -52.00
C THR F 172 -22.98 -3.69 -51.14
N TYR F 173 -23.42 -2.60 -51.76
CA TYR F 173 -24.30 -1.62 -51.14
C TYR F 173 -25.70 -1.78 -51.70
N SER F 174 -26.69 -1.70 -50.82
CA SER F 174 -28.08 -1.44 -51.23
C SER F 174 -28.39 0.02 -50.86
N LEU F 175 -29.05 0.73 -51.79
CA LEU F 175 -29.37 2.16 -51.64
C LEU F 175 -30.88 2.33 -51.71
N SER F 176 -31.37 3.41 -51.12
CA SER F 176 -32.76 3.83 -51.28
C SER F 176 -32.79 5.36 -51.30
N SER F 177 -33.56 5.91 -52.25
CA SER F 177 -33.78 7.35 -52.42
C SER F 177 -35.26 7.67 -52.21
N THR F 178 -35.56 8.38 -51.12
CA THR F 178 -36.94 8.68 -50.72
C THR F 178 -37.32 10.10 -51.18
N LEU F 179 -38.20 10.18 -52.19
CA LEU F 179 -38.70 11.47 -52.75
C LEU F 179 -39.95 11.92 -52.03
N THR F 180 -39.94 13.14 -51.50
CA THR F 180 -41.05 13.63 -50.70
C THR F 180 -41.65 14.92 -51.26
N LEU F 181 -42.90 14.80 -51.74
CA LEU F 181 -43.74 15.92 -52.16
C LEU F 181 -44.99 15.96 -51.27
N SER F 182 -45.60 17.15 -51.16
CA SER F 182 -46.89 17.30 -50.46
C SER F 182 -48.00 16.69 -51.31
N LYS F 183 -49.08 16.27 -50.68
CA LYS F 183 -50.24 15.68 -51.39
C LYS F 183 -51.04 16.72 -52.20
N ALA F 184 -50.86 18.01 -51.87
CA ALA F 184 -51.28 19.13 -52.73
C ALA F 184 -50.51 19.13 -54.07
N ASP F 185 -49.29 18.59 -54.07
CA ASP F 185 -48.45 18.40 -55.27
C ASP F 185 -48.49 16.99 -55.88
N TYR F 186 -48.77 15.95 -55.08
CA TYR F 186 -48.71 14.54 -55.56
C TYR F 186 -49.65 14.34 -56.75
N GLU F 187 -50.95 14.45 -56.51
CA GLU F 187 -51.94 14.08 -57.51
C GLU F 187 -51.97 14.99 -58.76
N LYS F 188 -51.41 16.20 -58.66
CA LYS F 188 -51.29 17.14 -59.79
C LYS F 188 -50.35 16.73 -60.95
N HIS F 189 -49.56 15.67 -60.76
CA HIS F 189 -48.84 15.01 -61.87
C HIS F 189 -49.25 13.54 -61.89
N LYS F 190 -49.08 12.86 -63.03
CA LYS F 190 -49.49 11.45 -63.21
C LYS F 190 -48.33 10.43 -63.24
N VAL F 191 -47.15 10.85 -63.69
CA VAL F 191 -45.97 9.96 -63.88
C VAL F 191 -44.80 10.30 -62.93
N TYR F 192 -44.28 9.30 -62.23
CA TYR F 192 -43.06 9.45 -61.40
C TYR F 192 -42.04 8.42 -61.84
N ALA F 193 -41.00 8.89 -62.50
CA ALA F 193 -39.91 8.04 -62.92
C ALA F 193 -38.71 8.22 -61.99
N CYS F 194 -37.99 7.14 -61.72
CA CYS F 194 -36.67 7.20 -61.08
C CYS F 194 -35.65 6.45 -61.95
N GLU F 195 -34.63 7.18 -62.43
CA GLU F 195 -33.56 6.65 -63.26
C GLU F 195 -32.31 6.35 -62.43
N VAL F 196 -31.44 5.49 -62.96
CA VAL F 196 -30.22 5.06 -62.26
C VAL F 196 -29.01 5.07 -63.20
N THR F 197 -28.29 6.18 -63.21
CA THR F 197 -26.98 6.29 -63.88
C THR F 197 -25.92 5.61 -62.99
N HIS F 198 -25.34 4.52 -63.49
CA HIS F 198 -24.44 3.64 -62.70
C HIS F 198 -23.21 3.17 -63.54
N GLN F 199 -22.10 2.95 -62.84
CA GLN F 199 -20.83 2.53 -63.47
C GLN F 199 -20.94 1.17 -64.16
N GLY F 200 -21.72 0.25 -63.58
CA GLY F 200 -21.95 -1.10 -64.11
C GLY F 200 -23.24 -1.31 -64.90
N LEU F 201 -23.71 -0.24 -65.55
CA LEU F 201 -24.83 -0.28 -66.49
C LEU F 201 -24.31 0.39 -67.78
N SER F 202 -24.23 -0.36 -68.88
CA SER F 202 -23.71 0.16 -70.15
C SER F 202 -24.56 1.33 -70.69
N SER F 203 -25.85 1.36 -70.32
CA SER F 203 -26.69 2.56 -70.43
C SER F 203 -27.68 2.61 -69.24
N PRO F 204 -28.16 3.82 -68.85
CA PRO F 204 -29.13 4.03 -67.76
C PRO F 204 -30.40 3.13 -67.76
N VAL F 205 -30.92 2.85 -66.57
CA VAL F 205 -32.10 1.97 -66.39
C VAL F 205 -33.10 2.63 -65.44
N THR F 206 -34.16 3.17 -66.05
CA THR F 206 -35.26 3.81 -65.34
C THR F 206 -36.41 2.84 -65.10
N LYS F 207 -36.97 2.90 -63.89
CA LYS F 207 -38.26 2.31 -63.60
C LYS F 207 -39.15 3.47 -63.25
N SER F 208 -40.35 3.48 -63.81
CA SER F 208 -41.39 4.46 -63.47
C SER F 208 -42.69 3.76 -63.06
N PHE F 209 -43.67 4.56 -62.64
CA PHE F 209 -45.03 4.08 -62.43
C PHE F 209 -46.00 5.28 -62.50
N ASN F 210 -47.17 5.06 -63.10
CA ASN F 210 -48.23 6.08 -63.20
C ASN F 210 -49.28 5.78 -62.16
N ARG F 211 -49.47 6.73 -61.24
CA ARG F 211 -50.49 6.61 -60.18
C ARG F 211 -51.77 5.95 -60.70
N GLY F 212 -51.90 4.65 -60.41
CA GLY F 212 -52.95 3.83 -61.00
C GLY F 212 -53.33 2.61 -60.19
N GLU F 213 -54.40 2.76 -59.41
CA GLU F 213 -55.24 1.64 -58.98
C GLU F 213 -56.54 1.68 -59.82
N CYS F 214 -57.19 2.85 -59.86
CA CYS F 214 -58.42 3.07 -60.65
C CYS F 214 -58.12 3.33 -62.13
#